data_4Y4N
#
_entry.id   4Y4N
#
_cell.length_a   101.302
_cell.length_b   101.302
_cell.length_c   204.309
_cell.angle_alpha   90.00
_cell.angle_beta   90.00
_cell.angle_gamma   120.00
#
_symmetry.space_group_name_H-M   'P 31'
#
loop_
_entity.id
_entity.type
_entity.pdbx_description
1 polymer 'Putative ribose 1,5-bisphosphate isomerase'
2 non-polymer 'FE (II) ION'
3 non-polymer '2-[(E)-[(4R)-5-[[[(2R,3S,4R,5R)-5-(6-aminopurin-9-yl)-3,4-bis(oxidanyl)oxolan-2-yl]methoxy-oxidanyl-phosphoryl]oxy-oxidanyl-phosphoryl]oxy-4-oxidanyl-3-oxidanylidene-pentan-2-ylidene]amino]ethanoic acid'
4 water water
#
_entity_poly.entity_id   1
_entity_poly.type   'polypeptide(L)'
_entity_poly.pdbx_seq_one_letter_code
;MGSDKIHHHHHHSSGENLYFQGHMDVRLRADEYATTRAILKSAFDMWLDIIDVDVAIVGGGPSGLTAARYIAKEGYKVVV
LERHLAFGGGTWGGGMGFPYIVVEEPADEILREVGVKLEKVEGEDGLYTADSVEVPAKLAVGAIDAGAKVLTGIVVEDLV
LRENRVAGVVINSYAIEKAGLHIDPITITAKYVVDATGHDASVVTTLSRKNPELGLEVPGEKSMWAEKGENALLRNTREV
YPGLFVCGMAANAVYAGHRMGAIFGGMYISGKKCAEMIVEKLKNNE
;
_entity_poly.pdbx_strand_id   A,B,C,D,E,F,G,H
#
# COMPACT_ATOMS: atom_id res chain seq x y z
N ARG A 27 -39.61 -12.06 24.04
CA ARG A 27 -39.61 -10.57 23.93
C ARG A 27 -38.36 -9.97 24.59
N LEU A 28 -37.29 -9.83 23.82
CA LEU A 28 -36.02 -9.30 24.34
C LEU A 28 -36.06 -7.80 24.59
N ARG A 29 -35.39 -7.38 25.64
CA ARG A 29 -35.38 -6.00 26.07
C ARG A 29 -33.96 -5.46 25.87
N ALA A 30 -33.84 -4.32 25.19
CA ALA A 30 -32.54 -3.78 24.81
C ALA A 30 -32.64 -2.28 24.58
N ASP A 31 -31.66 -1.54 25.09
CA ASP A 31 -31.62 -0.10 24.92
C ASP A 31 -30.18 0.31 24.59
N GLU A 32 -30.03 1.33 23.74
CA GLU A 32 -28.72 1.77 23.26
C GLU A 32 -27.94 2.44 24.39
N TYR A 33 -28.59 3.37 25.07
CA TYR A 33 -27.96 4.09 26.17
C TYR A 33 -27.54 3.15 27.30
N ALA A 34 -28.38 2.18 27.61
CA ALA A 34 -28.09 1.26 28.72
C ALA A 34 -26.96 0.31 28.39
N THR A 35 -26.91 -0.14 27.13
CA THR A 35 -25.80 -0.97 26.63
C THR A 35 -24.49 -0.19 26.71
N THR A 36 -24.50 1.03 26.17
CA THR A 36 -23.32 1.88 26.16
C THR A 36 -22.86 2.22 27.57
N ARG A 37 -23.79 2.61 28.42
CA ARG A 37 -23.47 2.95 29.81
C ARG A 37 -22.86 1.76 30.55
N ALA A 38 -23.44 0.59 30.36
CA ALA A 38 -22.97 -0.62 31.02
C ALA A 38 -21.52 -0.96 30.63
N ILE A 39 -21.21 -0.81 29.34
CA ILE A 39 -19.87 -1.14 28.84
C ILE A 39 -18.87 -0.14 29.42
N LEU A 40 -19.21 1.14 29.40
CA LEU A 40 -18.37 2.17 29.95
C LEU A 40 -18.08 1.95 31.44
N LYS A 41 -19.09 1.57 32.21
CA LYS A 41 -18.92 1.39 33.65
C LYS A 41 -18.03 0.20 33.97
N SER A 42 -18.25 -0.93 33.31
CA SER A 42 -17.41 -2.09 33.52
C SER A 42 -15.96 -1.85 33.09
N ALA A 43 -15.78 -1.14 31.97
CA ALA A 43 -14.44 -0.88 31.44
C ALA A 43 -13.67 0.07 32.35
N PHE A 44 -14.33 1.12 32.79
CA PHE A 44 -13.61 2.09 33.60
CA PHE A 44 -13.79 2.15 33.70
C PHE A 44 -13.31 1.55 35.01
N ASP A 45 -14.16 0.70 35.58
CA ASP A 45 -13.84 0.00 36.82
C ASP A 45 -12.65 -0.93 36.61
N MET A 46 -12.68 -1.69 35.52
CA MET A 46 -11.59 -2.58 35.17
C MET A 46 -10.27 -1.81 35.07
N TRP A 47 -10.27 -0.72 34.31
CA TRP A 47 -9.04 0.05 34.08
C TRP A 47 -8.43 0.64 35.35
N LEU A 48 -9.29 1.19 36.22
CA LEU A 48 -8.81 1.80 37.47
C LEU A 48 -8.18 0.79 38.41
N ASP A 49 -8.64 -0.45 38.31
CA ASP A 49 -8.09 -1.56 39.08
C ASP A 49 -6.79 -2.10 38.45
N ILE A 50 -6.74 -2.19 37.13
CA ILE A 50 -5.68 -2.96 36.47
C ILE A 50 -4.38 -2.18 36.30
N ILE A 51 -4.39 -0.88 36.56
CA ILE A 51 -3.19 -0.06 36.34
C ILE A 51 -2.10 -0.21 37.42
N ASP A 52 -2.34 -1.08 38.40
CA ASP A 52 -1.30 -1.50 39.35
C ASP A 52 -1.50 -2.98 39.62
N VAL A 53 -0.45 -3.78 39.39
CA VAL A 53 -0.53 -5.24 39.46
C VAL A 53 0.72 -5.79 40.14
N ASP A 54 0.70 -7.08 40.44
CA ASP A 54 1.90 -7.79 40.86
C ASP A 54 2.76 -8.09 39.63
N VAL A 55 2.15 -8.72 38.63
CA VAL A 55 2.87 -9.13 37.42
C VAL A 55 2.14 -8.69 36.14
N ALA A 56 2.89 -8.05 35.23
CA ALA A 56 2.42 -7.75 33.89
C ALA A 56 3.14 -8.63 32.90
N ILE A 57 2.41 -9.57 32.30
CA ILE A 57 2.95 -10.46 31.28
C ILE A 57 2.66 -9.88 29.91
N VAL A 58 3.68 -9.76 29.07
CA VAL A 58 3.53 -9.21 27.73
C VAL A 58 3.53 -10.36 26.75
N GLY A 59 2.39 -10.57 26.09
CA GLY A 59 2.25 -11.64 25.11
C GLY A 59 1.28 -12.68 25.61
N GLY A 60 0.21 -12.90 24.83
CA GLY A 60 -0.80 -13.89 25.15
C GLY A 60 -0.66 -15.14 24.32
N GLY A 61 0.58 -15.53 24.05
CA GLY A 61 0.85 -16.82 23.44
C GLY A 61 0.88 -17.95 24.46
N PRO A 62 1.33 -19.13 24.04
CA PRO A 62 1.33 -20.29 24.92
C PRO A 62 2.18 -20.11 26.18
N SER A 63 3.35 -19.49 26.05
CA SER A 63 4.23 -19.33 27.21
C SER A 63 3.63 -18.30 28.18
N GLY A 64 3.17 -17.17 27.65
CA GLY A 64 2.54 -16.13 28.44
C GLY A 64 1.27 -16.54 29.15
N LEU A 65 0.41 -17.31 28.48
CA LEU A 65 -0.85 -17.75 29.10
C LEU A 65 -0.61 -18.81 30.17
N THR A 66 0.40 -19.66 29.95
CA THR A 66 0.79 -20.65 30.95
C THR A 66 1.34 -19.97 32.19
N ALA A 67 2.29 -19.06 31.99
CA ALA A 67 2.82 -18.25 33.08
C ALA A 67 1.72 -17.55 33.87
N ALA A 68 0.75 -16.99 33.15
CA ALA A 68 -0.34 -16.24 33.82
C ALA A 68 -1.16 -17.14 34.74
N ARG A 69 -1.48 -18.34 34.27
CA ARG A 69 -2.26 -19.29 35.05
C ARG A 69 -1.54 -19.63 36.35
N TYR A 70 -0.29 -20.07 36.24
CA TYR A 70 0.46 -20.54 37.41
C TYR A 70 0.75 -19.45 38.42
N ILE A 71 0.87 -18.20 37.99
CA ILE A 71 1.02 -17.11 38.95
C ILE A 71 -0.30 -16.74 39.61
N ALA A 72 -1.36 -16.63 38.81
CA ALA A 72 -2.67 -16.19 39.32
C ALA A 72 -3.25 -17.21 40.26
N LYS A 73 -3.05 -18.48 39.91
CA LYS A 73 -3.37 -19.64 40.73
C LYS A 73 -2.92 -19.53 42.19
N GLU A 74 -1.81 -18.83 42.44
CA GLU A 74 -1.29 -18.60 43.77
C GLU A 74 -1.83 -17.33 44.42
N GLY A 75 -2.85 -16.71 43.81
CA GLY A 75 -3.55 -15.58 44.42
C GLY A 75 -3.00 -14.20 44.11
N TYR A 76 -2.00 -14.11 43.25
CA TYR A 76 -1.41 -12.82 42.90
C TYR A 76 -2.18 -12.15 41.75
N LYS A 77 -2.04 -10.83 41.67
CA LYS A 77 -2.76 -10.01 40.68
C LYS A 77 -1.96 -9.92 39.36
N VAL A 78 -2.47 -10.58 38.32
CA VAL A 78 -1.78 -10.74 37.05
C VAL A 78 -2.58 -10.16 35.90
N VAL A 79 -1.91 -9.41 35.02
CA VAL A 79 -2.49 -8.99 33.74
C VAL A 79 -1.59 -9.48 32.59
N VAL A 80 -2.24 -10.02 31.55
CA VAL A 80 -1.59 -10.34 30.28
C VAL A 80 -1.94 -9.25 29.28
N LEU A 81 -0.94 -8.71 28.58
CA LEU A 81 -1.15 -7.69 27.56
C LEU A 81 -0.77 -8.26 26.21
N GLU A 82 -1.74 -8.33 25.30
CA GLU A 82 -1.55 -8.93 23.99
C GLU A 82 -1.90 -7.93 22.90
N ARG A 83 -1.02 -7.81 21.90
CA ARG A 83 -1.20 -6.85 20.80
C ARG A 83 -2.49 -7.13 20.02
N HIS A 84 -2.65 -8.37 19.56
CA HIS A 84 -3.77 -8.72 18.70
C HIS A 84 -5.05 -8.82 19.49
N LEU A 85 -6.18 -8.68 18.78
CA LEU A 85 -7.48 -8.68 19.43
C LEU A 85 -7.80 -10.03 20.01
N ALA A 86 -7.34 -11.09 19.35
CA ALA A 86 -7.39 -12.44 19.91
C ALA A 86 -6.06 -12.80 20.59
N PHE A 87 -6.17 -13.59 21.65
CA PHE A 87 -5.03 -14.25 22.28
C PHE A 87 -4.55 -15.39 21.38
N GLY A 88 -3.53 -16.12 21.85
CA GLY A 88 -3.11 -17.35 21.21
C GLY A 88 -1.75 -17.27 20.55
N GLY A 89 -1.33 -16.07 20.19
CA GLY A 89 -0.04 -15.88 19.54
C GLY A 89 0.11 -16.68 18.26
N GLY A 90 1.29 -17.27 18.07
CA GLY A 90 1.57 -18.01 16.84
C GLY A 90 1.23 -19.49 16.88
N THR A 91 0.13 -19.84 17.53
CA THR A 91 -0.29 -21.24 17.67
C THR A 91 -1.38 -21.68 16.68
N TRP A 92 -2.29 -20.75 16.33
CA TRP A 92 -3.53 -21.08 15.60
C TRP A 92 -3.34 -21.88 14.32
N GLY A 93 -2.29 -21.53 13.57
CA GLY A 93 -2.01 -22.17 12.29
C GLY A 93 -1.22 -23.47 12.32
N GLY A 94 -0.91 -23.97 13.52
CA GLY A 94 -0.21 -25.24 13.65
C GLY A 94 1.14 -25.24 12.95
N GLY A 95 1.34 -26.20 12.05
CA GLY A 95 2.56 -26.28 11.26
C GLY A 95 2.26 -26.03 9.80
N MET A 96 2.71 -24.87 9.31
CA MET A 96 2.49 -24.48 7.93
C MET A 96 1.01 -24.51 7.53
N GLY A 97 0.12 -24.16 8.46
CA GLY A 97 -1.31 -24.15 8.20
C GLY A 97 -2.03 -25.43 8.57
N PHE A 98 -1.31 -26.56 8.63
CA PHE A 98 -1.88 -27.82 9.09
C PHE A 98 -2.21 -27.66 10.57
N PRO A 99 -3.51 -27.73 10.92
CA PRO A 99 -3.93 -27.21 12.23
C PRO A 99 -3.73 -28.17 13.44
N TYR A 100 -2.50 -28.64 13.60
CA TYR A 100 -2.12 -29.40 14.78
C TYR A 100 -0.76 -28.93 15.29
N ILE A 101 -0.59 -28.98 16.59
CA ILE A 101 0.71 -28.76 17.21
C ILE A 101 1.08 -29.99 18.03
N VAL A 102 2.35 -30.04 18.40
CA VAL A 102 2.95 -31.21 19.04
C VAL A 102 3.38 -30.82 20.44
N VAL A 103 3.31 -31.77 21.37
CA VAL A 103 3.83 -31.60 22.71
C VAL A 103 4.48 -32.93 23.19
N GLU A 104 5.60 -32.81 23.90
CA GLU A 104 6.36 -33.97 24.39
C GLU A 104 6.27 -34.03 25.92
N GLU A 105 6.33 -35.23 26.49
CA GLU A 105 6.29 -35.34 27.96
C GLU A 105 7.51 -34.68 28.59
N PRO A 106 7.37 -34.20 29.83
CA PRO A 106 6.16 -34.24 30.66
C PRO A 106 5.22 -33.05 30.42
N ALA A 107 5.51 -32.24 29.39
CA ALA A 107 4.76 -30.99 29.14
C ALA A 107 3.30 -31.23 28.77
N ASP A 108 3.00 -32.40 28.21
CA ASP A 108 1.61 -32.80 27.91
C ASP A 108 0.70 -32.65 29.13
N GLU A 109 1.25 -32.90 30.31
CA GLU A 109 0.52 -32.77 31.57
C GLU A 109 -0.01 -31.34 31.78
N ILE A 110 0.73 -30.34 31.31
CA ILE A 110 0.29 -28.94 31.45
C ILE A 110 -0.96 -28.68 30.59
N LEU A 111 -1.01 -29.28 29.40
CA LEU A 111 -2.22 -29.17 28.56
C LEU A 111 -3.41 -29.97 29.11
N ARG A 112 -3.14 -31.15 29.69
CA ARG A 112 -4.19 -31.94 30.33
C ARG A 112 -4.84 -31.18 31.47
N GLU A 113 -4.07 -30.40 32.21
CA GLU A 113 -4.63 -29.61 33.31
C GLU A 113 -5.68 -28.63 32.85
N VAL A 114 -5.62 -28.17 31.60
CA VAL A 114 -6.61 -27.21 31.09
C VAL A 114 -7.65 -27.84 30.14
N GLY A 115 -7.64 -29.15 30.02
CA GLY A 115 -8.70 -29.89 29.34
C GLY A 115 -8.46 -30.26 27.90
N VAL A 116 -7.24 -30.04 27.41
CA VAL A 116 -6.97 -30.28 26.00
C VAL A 116 -6.94 -31.78 25.71
N LYS A 117 -7.62 -32.19 24.64
CA LYS A 117 -7.56 -33.57 24.15
C LYS A 117 -6.24 -33.80 23.46
N LEU A 118 -5.57 -34.89 23.80
CA LEU A 118 -4.27 -35.22 23.20
C LEU A 118 -4.32 -36.59 22.58
N GLU A 119 -3.70 -36.75 21.42
CA GLU A 119 -3.65 -38.03 20.77
C GLU A 119 -2.21 -38.44 20.55
N LYS A 120 -1.93 -39.72 20.78
CA LYS A 120 -0.58 -40.25 20.70
C LYS A 120 -0.12 -40.21 19.27
N VAL A 121 1.16 -39.96 19.08
CA VAL A 121 1.76 -40.02 17.76
C VAL A 121 2.20 -41.46 17.51
N GLU A 122 1.94 -41.94 16.30
CA GLU A 122 2.24 -43.31 15.92
C GLU A 122 3.74 -43.53 15.90
N GLY A 123 4.20 -44.60 16.57
CA GLY A 123 5.61 -44.95 16.61
C GLY A 123 6.50 -44.05 17.45
N GLU A 124 5.90 -43.29 18.37
CA GLU A 124 6.61 -42.32 19.18
C GLU A 124 6.06 -42.28 20.59
N ASP A 125 6.90 -42.62 21.56
CA ASP A 125 6.46 -42.61 22.95
C ASP A 125 6.59 -41.21 23.53
N GLY A 126 5.64 -40.84 24.36
CA GLY A 126 5.67 -39.52 25.00
C GLY A 126 5.56 -38.32 24.06
N LEU A 127 4.95 -38.53 22.90
CA LEU A 127 4.72 -37.46 21.92
C LEU A 127 3.25 -37.43 21.54
N TYR A 128 2.64 -36.25 21.60
CA TYR A 128 1.21 -36.07 21.35
C TYR A 128 0.93 -34.93 20.39
N THR A 129 -0.19 -35.03 19.65
CA THR A 129 -0.71 -33.91 18.86
C THR A 129 -1.97 -33.36 19.52
N ALA A 130 -2.26 -32.10 19.26
CA ALA A 130 -3.47 -31.43 19.71
C ALA A 130 -3.97 -30.44 18.66
N ASP A 131 -5.30 -30.32 18.56
CA ASP A 131 -5.97 -29.36 17.67
C ASP A 131 -5.45 -27.95 17.95
N SER A 132 -4.88 -27.30 16.92
CA SER A 132 -4.27 -25.97 17.10
C SER A 132 -5.23 -24.83 17.45
N VAL A 133 -6.54 -25.08 17.29
CA VAL A 133 -7.55 -24.11 17.66
C VAL A 133 -8.01 -24.34 19.10
N GLU A 134 -8.12 -25.61 19.49
CA GLU A 134 -8.51 -25.97 20.86
C GLU A 134 -7.52 -25.45 21.90
N VAL A 135 -6.22 -25.55 21.60
CA VAL A 135 -5.20 -25.27 22.61
C VAL A 135 -5.25 -23.83 23.10
N PRO A 136 -5.24 -22.83 22.19
CA PRO A 136 -5.28 -21.44 22.65
C PRO A 136 -6.50 -21.12 23.47
N ALA A 137 -7.65 -21.65 23.05
CA ALA A 137 -8.91 -21.45 23.77
C ALA A 137 -8.79 -21.92 25.21
N LYS A 138 -8.33 -23.16 25.37
CA LYS A 138 -8.22 -23.76 26.70
C LYS A 138 -7.12 -23.15 27.55
N LEU A 139 -6.00 -22.79 26.93
CA LEU A 139 -4.96 -22.04 27.65
C LEU A 139 -5.50 -20.73 28.21
N ALA A 140 -6.29 -20.02 27.41
CA ALA A 140 -6.84 -18.73 27.83
C ALA A 140 -7.84 -18.91 28.98
N VAL A 141 -8.70 -19.90 28.86
CA VAL A 141 -9.68 -20.19 29.92
C VAL A 141 -8.97 -20.52 31.23
N GLY A 142 -7.95 -21.38 31.16
CA GLY A 142 -7.11 -21.70 32.31
C GLY A 142 -6.59 -20.45 33.01
N ALA A 143 -6.04 -19.53 32.22
CA ALA A 143 -5.50 -18.30 32.77
C ALA A 143 -6.57 -17.45 33.43
N ILE A 144 -7.69 -17.27 32.75
CA ILE A 144 -8.76 -16.40 33.22
C ILE A 144 -9.43 -17.00 34.46
N ASP A 145 -9.74 -18.29 34.41
CA ASP A 145 -10.36 -18.97 35.56
C ASP A 145 -9.43 -19.06 36.77
N ALA A 146 -8.12 -19.01 36.55
CA ALA A 146 -7.16 -18.91 37.66
C ALA A 146 -7.11 -17.50 38.25
N GLY A 147 -7.73 -16.53 37.56
CA GLY A 147 -7.80 -15.16 38.06
C GLY A 147 -6.96 -14.14 37.30
N ALA A 148 -6.22 -14.58 36.29
CA ALA A 148 -5.46 -13.64 35.46
C ALA A 148 -6.41 -12.84 34.56
N LYS A 149 -6.14 -11.54 34.44
CA LYS A 149 -6.85 -10.68 33.50
C LYS A 149 -6.09 -10.67 32.17
N VAL A 150 -6.80 -10.94 31.07
CA VAL A 150 -6.20 -10.91 29.73
C VAL A 150 -6.76 -9.74 28.93
N LEU A 151 -5.91 -8.77 28.62
CA LEU A 151 -6.31 -7.62 27.82
C LEU A 151 -5.70 -7.74 26.44
N THR A 152 -6.55 -7.73 25.41
CA THR A 152 -6.11 -7.81 24.03
C THR A 152 -6.22 -6.45 23.36
N GLY A 153 -5.63 -6.30 22.17
CA GLY A 153 -5.58 -5.01 21.51
C GLY A 153 -4.73 -4.01 22.25
N ILE A 154 -3.74 -4.50 23.02
CA ILE A 154 -2.86 -3.64 23.80
C ILE A 154 -1.39 -3.94 23.47
N VAL A 155 -0.64 -2.90 23.14
CA VAL A 155 0.75 -3.06 22.81
C VAL A 155 1.60 -2.46 23.90
N VAL A 156 2.55 -3.23 24.42
CA VAL A 156 3.58 -2.67 25.28
C VAL A 156 4.67 -2.07 24.40
N GLU A 157 4.79 -0.76 24.42
CA GLU A 157 5.77 -0.07 23.59
C GLU A 157 7.04 0.31 24.34
N ASP A 158 7.03 0.23 25.67
CA ASP A 158 8.20 0.62 26.45
C ASP A 158 8.09 0.11 27.88
N LEU A 159 9.11 0.44 28.70
CA LEU A 159 9.10 0.08 30.12
C LEU A 159 9.11 1.32 30.99
N VAL A 160 8.56 1.15 32.20
CA VAL A 160 8.69 2.14 33.27
C VAL A 160 9.89 1.70 34.08
N LEU A 161 10.81 2.61 34.36
CA LEU A 161 12.05 2.30 35.08
C LEU A 161 12.11 2.95 36.46
N ARG A 162 12.81 2.28 37.37
CA ARG A 162 13.26 2.91 38.62
C ARG A 162 14.74 2.58 38.78
N GLU A 163 15.34 3.04 39.88
CA GLU A 163 16.76 2.78 40.16
C GLU A 163 17.07 1.31 39.93
N ASN A 164 17.88 1.05 38.92
CA ASN A 164 18.33 -0.32 38.62
C ASN A 164 17.29 -1.38 38.33
N ARG A 165 16.08 -0.98 37.97
CA ARG A 165 15.07 -2.00 37.68
C ARG A 165 13.92 -1.52 36.82
N VAL A 166 13.21 -2.52 36.27
CA VAL A 166 11.97 -2.32 35.53
C VAL A 166 10.84 -2.36 36.56
N ALA A 167 9.98 -1.35 36.56
CA ALA A 167 8.89 -1.20 37.54
C ALA A 167 7.49 -1.14 36.91
N GLY A 168 7.36 -1.48 35.63
CA GLY A 168 6.08 -1.43 34.93
C GLY A 168 6.19 -1.41 33.43
N VAL A 169 5.04 -1.24 32.77
CA VAL A 169 4.98 -1.22 31.30
C VAL A 169 4.26 0.02 30.77
N VAL A 170 4.68 0.43 29.58
CA VAL A 170 4.12 1.56 28.87
C VAL A 170 3.24 0.98 27.76
N ILE A 171 1.94 1.29 27.80
CA ILE A 171 0.97 0.62 26.92
C ILE A 171 0.27 1.60 25.99
N ASN A 172 -0.03 1.11 24.80
CA ASN A 172 -0.89 1.82 23.85
C ASN A 172 -1.83 0.80 23.21
N SER A 173 -2.79 1.28 22.43
CA SER A 173 -3.72 0.34 21.78
C SER A 173 -3.16 -0.09 20.43
N TYR A 174 -3.45 -1.34 20.07
CA TYR A 174 -3.16 -1.85 18.76
C TYR A 174 -3.80 -0.98 17.69
N ALA A 175 -5.03 -0.54 17.93
CA ALA A 175 -5.71 0.36 16.99
C ALA A 175 -4.87 1.62 16.72
N ILE A 176 -4.41 2.27 17.78
CA ILE A 176 -3.57 3.45 17.61
C ILE A 176 -2.25 3.13 16.89
N GLU A 177 -1.62 2.02 17.23
CA GLU A 177 -0.39 1.61 16.57
C GLU A 177 -0.62 1.36 15.08
N LYS A 178 -1.57 0.50 14.75
CA LYS A 178 -1.82 0.11 13.38
C LYS A 178 -2.33 1.31 12.54
N ALA A 179 -3.10 2.19 13.16
CA ALA A 179 -3.57 3.41 12.47
C ALA A 179 -2.46 4.45 12.27
N GLY A 180 -1.37 4.31 13.02
CA GLY A 180 -0.24 5.24 12.89
C GLY A 180 -0.48 6.61 13.50
N LEU A 181 -1.39 6.69 14.47
CA LEU A 181 -1.75 7.99 15.07
C LEU A 181 -0.71 8.41 16.12
N HIS A 182 -0.47 9.70 16.24
CA HIS A 182 0.57 10.19 17.14
C HIS A 182 -0.07 10.50 18.49
N ILE A 183 -0.21 9.46 19.29
CA ILE A 183 -0.91 9.52 20.56
C ILE A 183 -0.08 8.87 21.66
N ASP A 184 0.02 9.55 22.80
CA ASP A 184 0.84 9.09 23.92
C ASP A 184 0.27 7.87 24.64
N PRO A 185 1.17 7.06 25.23
CA PRO A 185 0.75 5.85 25.95
C PRO A 185 0.31 6.15 27.39
N ILE A 186 -0.22 5.14 28.06
CA ILE A 186 -0.43 5.19 29.51
C ILE A 186 0.39 4.06 30.12
N THR A 187 0.23 3.83 31.43
CA THR A 187 1.09 2.89 32.15
C THR A 187 0.36 1.92 33.05
N ILE A 188 0.97 0.75 33.22
CA ILE A 188 0.60 -0.20 34.24
C ILE A 188 1.80 -0.46 35.15
N THR A 189 1.65 -0.18 36.44
CA THR A 189 2.73 -0.41 37.40
C THR A 189 2.74 -1.87 37.81
N ALA A 190 3.93 -2.46 37.88
CA ALA A 190 4.07 -3.88 38.22
C ALA A 190 5.34 -4.12 39.05
N LYS A 191 5.29 -5.13 39.92
CA LYS A 191 6.48 -5.56 40.64
C LYS A 191 7.39 -6.33 39.69
N TYR A 192 6.78 -7.19 38.88
CA TYR A 192 7.50 -7.91 37.85
C TYR A 192 6.82 -7.82 36.47
N VAL A 193 7.65 -7.74 35.42
CA VAL A 193 7.21 -7.76 34.03
C VAL A 193 7.80 -8.99 33.38
N VAL A 194 7.04 -9.63 32.51
CA VAL A 194 7.50 -10.78 31.77
C VAL A 194 7.42 -10.52 30.28
N ASP A 195 8.55 -10.68 29.58
CA ASP A 195 8.56 -10.69 28.13
C ASP A 195 8.27 -12.11 27.65
N ALA A 196 7.01 -12.33 27.26
CA ALA A 196 6.60 -13.58 26.61
C ALA A 196 6.15 -13.30 25.17
N THR A 197 6.90 -12.44 24.48
CA THR A 197 6.45 -11.90 23.19
C THR A 197 6.88 -12.70 21.98
N GLY A 198 7.51 -13.85 22.19
CA GLY A 198 7.87 -14.73 21.09
C GLY A 198 9.23 -14.41 20.48
N HIS A 199 9.41 -14.82 19.23
CA HIS A 199 10.66 -14.64 18.49
C HIS A 199 11.32 -13.29 18.59
N ASP A 200 10.53 -12.22 18.62
CA ASP A 200 11.11 -10.87 18.60
C ASP A 200 11.67 -10.37 19.95
N ALA A 201 11.26 -10.99 21.05
CA ALA A 201 11.62 -10.52 22.39
C ALA A 201 11.51 -9.02 22.43
N SER A 202 10.31 -8.50 22.17
CA SER A 202 10.20 -7.08 21.84
C SER A 202 10.35 -6.18 23.04
N VAL A 203 10.03 -6.68 24.23
CA VAL A 203 10.20 -5.88 25.45
C VAL A 203 11.68 -5.77 25.85
N VAL A 204 12.38 -6.89 25.91
CA VAL A 204 13.81 -6.87 26.22
C VAL A 204 14.57 -6.08 25.13
N THR A 205 14.18 -6.29 23.88
CA THR A 205 14.79 -5.58 22.76
C THR A 205 14.64 -4.07 22.93
N THR A 206 13.46 -3.62 23.29
CA THR A 206 13.22 -2.19 23.49
C THR A 206 14.03 -1.63 24.68
N LEU A 207 14.05 -2.36 25.79
CA LEU A 207 14.86 -1.96 26.95
C LEU A 207 16.32 -1.77 26.51
N SER A 208 16.86 -2.77 25.83
CA SER A 208 18.27 -2.74 25.45
C SER A 208 18.57 -1.65 24.43
N ARG A 209 17.63 -1.38 23.52
CA ARG A 209 17.84 -0.39 22.48
C ARG A 209 17.79 1.03 23.00
N LYS A 210 16.82 1.32 23.86
CA LYS A 210 16.64 2.68 24.35
C LYS A 210 17.54 3.04 25.54
N ASN A 211 18.07 2.04 26.23
CA ASN A 211 18.95 2.22 27.39
C ASN A 211 20.21 1.42 27.15
N PRO A 212 21.02 1.83 26.16
CA PRO A 212 22.23 1.08 25.82
C PRO A 212 23.26 0.94 26.95
N GLU A 213 23.33 1.91 27.86
CA GLU A 213 24.26 1.85 29.00
C GLU A 213 24.00 0.67 29.97
N LEU A 214 22.83 0.04 29.87
CA LEU A 214 22.58 -1.17 30.63
C LEU A 214 23.38 -2.35 30.12
N GLY A 215 23.91 -2.25 28.91
CA GLY A 215 24.71 -3.33 28.34
C GLY A 215 23.95 -4.60 28.04
N LEU A 216 22.63 -4.51 27.84
CA LEU A 216 21.86 -5.69 27.42
C LEU A 216 22.00 -5.87 25.92
N GLU A 217 21.85 -7.10 25.45
CA GLU A 217 21.88 -7.40 24.03
C GLU A 217 20.90 -8.52 23.72
N VAL A 218 20.22 -8.42 22.59
CA VAL A 218 19.34 -9.47 22.13
C VAL A 218 19.92 -9.98 20.81
N PRO A 219 20.71 -11.05 20.84
CA PRO A 219 21.34 -11.52 19.63
C PRO A 219 20.36 -12.16 18.66
N GLY A 220 19.25 -12.69 19.19
CA GLY A 220 18.30 -13.41 18.35
C GLY A 220 18.60 -14.90 18.35
N GLU A 221 17.61 -15.69 18.00
CA GLU A 221 17.70 -17.13 17.99
C GLU A 221 18.69 -17.66 16.97
N LYS A 222 19.08 -18.91 17.15
CA LYS A 222 19.84 -19.65 16.15
C LYS A 222 18.90 -20.45 15.27
N SER A 223 19.45 -21.13 14.27
CA SER A 223 18.65 -21.93 13.38
C SER A 223 18.05 -23.15 14.10
N MET A 224 17.32 -23.99 13.38
CA MET A 224 16.54 -25.01 14.06
C MET A 224 17.39 -26.20 14.47
N TRP A 225 17.30 -26.53 15.76
CA TRP A 225 17.81 -27.78 16.30
C TRP A 225 16.89 -28.10 17.48
N ALA A 226 15.87 -28.92 17.25
CA ALA A 226 14.73 -29.00 18.17
C ALA A 226 15.13 -29.43 19.57
N GLU A 227 15.92 -30.48 19.66
CA GLU A 227 16.31 -31.00 20.97
C GLU A 227 17.14 -30.00 21.76
N LYS A 228 18.13 -29.40 21.11
CA LYS A 228 18.94 -28.38 21.77
C LYS A 228 18.14 -27.14 22.10
N GLY A 229 17.24 -26.74 21.20
CA GLY A 229 16.41 -25.58 21.46
C GLY A 229 15.50 -25.77 22.66
N GLU A 230 14.80 -26.90 22.69
CA GLU A 230 13.84 -27.18 23.77
C GLU A 230 14.53 -27.17 25.13
N ASN A 231 15.72 -27.77 25.21
CA ASN A 231 16.41 -27.90 26.50
C ASN A 231 17.12 -26.63 26.95
N ALA A 232 17.47 -25.76 25.99
CA ALA A 232 18.03 -24.46 26.32
C ALA A 232 17.02 -23.53 26.99
N LEU A 233 15.74 -23.73 26.72
CA LEU A 233 14.68 -22.84 27.22
C LEU A 233 14.61 -22.71 28.73
N LEU A 234 14.84 -23.81 29.42
CA LEU A 234 14.72 -23.81 30.87
C LEU A 234 15.85 -23.01 31.50
N ARG A 235 17.05 -23.17 30.95
CA ARG A 235 18.21 -22.38 31.39
C ARG A 235 17.98 -20.91 31.04
N ASN A 236 17.40 -20.67 29.87
CA ASN A 236 17.23 -19.30 29.36
C ASN A 236 16.02 -18.54 29.93
N THR A 237 15.17 -19.25 30.65
CA THR A 237 14.04 -18.62 31.31
C THR A 237 14.50 -18.03 32.62
N ARG A 238 14.66 -16.70 32.67
CA ARG A 238 15.20 -16.05 33.88
C ARG A 238 15.01 -14.55 33.89
N GLU A 239 15.47 -13.93 34.98
CA GLU A 239 15.41 -12.49 35.13
C GLU A 239 16.57 -11.86 34.37
N VAL A 240 16.26 -11.15 33.29
CA VAL A 240 17.27 -10.56 32.41
C VAL A 240 17.83 -9.28 32.98
N TYR A 241 17.02 -8.61 33.76
CA TYR A 241 17.38 -7.35 34.37
C TYR A 241 16.41 -7.26 35.53
N PRO A 242 16.80 -6.56 36.62
CA PRO A 242 15.90 -6.65 37.76
C PRO A 242 14.50 -6.16 37.44
N GLY A 243 13.50 -7.00 37.72
CA GLY A 243 12.11 -6.67 37.47
C GLY A 243 11.57 -7.23 36.15
N LEU A 244 12.46 -7.76 35.31
CA LEU A 244 12.09 -8.22 33.97
C LEU A 244 12.53 -9.65 33.69
N PHE A 245 11.55 -10.55 33.58
CA PHE A 245 11.79 -11.93 33.22
C PHE A 245 11.52 -12.14 31.74
N VAL A 246 12.00 -13.27 31.23
CA VAL A 246 11.73 -13.65 29.85
C VAL A 246 11.39 -15.13 29.83
N CYS A 247 10.42 -15.51 29.00
CA CYS A 247 10.04 -16.91 28.83
C CYS A 247 9.54 -17.16 27.41
N GLY A 248 9.34 -18.43 27.08
CA GLY A 248 8.94 -18.81 25.72
C GLY A 248 10.08 -18.56 24.75
N MET A 249 9.75 -18.42 23.48
CA MET A 249 10.77 -18.22 22.44
C MET A 249 11.59 -16.96 22.69
N ALA A 250 11.00 -15.96 23.33
CA ALA A 250 11.76 -14.76 23.67
C ALA A 250 13.05 -15.12 24.44
N ALA A 251 12.98 -16.16 25.27
CA ALA A 251 14.13 -16.59 26.08
C ALA A 251 15.29 -17.03 25.21
N ASN A 252 14.99 -17.81 24.18
CA ASN A 252 16.03 -18.21 23.23
C ASN A 252 16.48 -17.13 22.29
N ALA A 253 15.70 -16.06 22.13
CA ALA A 253 16.13 -14.92 21.33
C ALA A 253 17.15 -14.14 22.13
N VAL A 254 16.84 -13.94 23.41
CA VAL A 254 17.70 -13.17 24.30
C VAL A 254 19.03 -13.90 24.57
N TYR A 255 19.00 -15.22 24.66
CA TYR A 255 20.23 -15.99 24.97
C TYR A 255 20.71 -16.87 23.83
N ALA A 256 20.31 -16.55 22.61
CA ALA A 256 20.76 -17.25 21.41
C ALA A 256 20.63 -18.77 21.49
N GLY A 257 19.48 -19.25 21.95
CA GLY A 257 19.14 -20.67 21.79
C GLY A 257 18.59 -20.99 20.41
N HIS A 258 18.52 -22.28 20.10
CA HIS A 258 17.96 -22.73 18.83
C HIS A 258 16.42 -22.68 18.85
N ARG A 259 15.85 -22.52 17.67
CA ARG A 259 14.41 -22.66 17.50
C ARG A 259 14.12 -24.15 17.37
N MET A 260 12.85 -24.54 17.56
CA MET A 260 12.48 -25.96 17.62
C MET A 260 11.33 -26.41 16.73
N GLY A 261 10.70 -25.48 16.00
CA GLY A 261 9.55 -25.82 15.18
C GLY A 261 8.29 -25.92 15.99
N ALA A 262 7.27 -26.55 15.42
CA ALA A 262 5.91 -26.53 15.97
C ALA A 262 5.71 -27.56 17.07
N ILE A 263 6.65 -27.60 18.01
CA ILE A 263 6.58 -28.43 19.21
C ILE A 263 6.63 -27.47 20.39
N PHE A 264 5.70 -27.62 21.34
CA PHE A 264 5.43 -26.56 22.31
C PHE A 264 5.71 -26.89 23.78
N GLY A 265 6.19 -28.10 24.05
CA GLY A 265 6.43 -28.50 25.44
C GLY A 265 7.35 -27.53 26.14
N GLY A 266 8.42 -27.15 25.46
CA GLY A 266 9.33 -26.13 25.99
C GLY A 266 8.66 -24.83 26.34
N MET A 267 7.74 -24.38 25.48
CA MET A 267 6.99 -23.13 25.74
C MET A 267 6.19 -23.24 27.01
N TYR A 268 5.52 -24.38 27.22
CA TYR A 268 4.67 -24.54 28.40
C TYR A 268 5.51 -24.64 29.69
N ILE A 269 6.54 -25.49 29.65
CA ILE A 269 7.44 -25.63 30.79
C ILE A 269 8.14 -24.32 31.11
N SER A 270 8.60 -23.61 30.09
CA SER A 270 9.23 -22.31 30.29
C SER A 270 8.30 -21.34 31.00
N GLY A 271 7.05 -21.30 30.56
CA GLY A 271 6.06 -20.43 31.19
C GLY A 271 5.76 -20.83 32.62
N LYS A 272 5.66 -22.13 32.85
CA LYS A 272 5.46 -22.65 34.21
C LYS A 272 6.64 -22.29 35.12
N LYS A 273 7.85 -22.51 34.62
CA LYS A 273 9.05 -22.20 35.40
C LYS A 273 9.13 -20.73 35.71
N CYS A 274 8.87 -19.89 34.71
CA CYS A 274 8.85 -18.45 34.90
C CYS A 274 7.91 -18.07 36.04
N ALA A 275 6.73 -18.70 36.05
CA ALA A 275 5.73 -18.47 37.11
C ALA A 275 6.28 -18.83 38.49
N GLU A 276 6.89 -20.00 38.60
CA GLU A 276 7.45 -20.47 39.87
C GLU A 276 8.54 -19.54 40.39
N MET A 277 9.44 -19.13 39.52
CA MET A 277 10.49 -18.18 39.90
C MET A 277 9.91 -16.89 40.46
N ILE A 278 8.90 -16.35 39.76
CA ILE A 278 8.30 -15.09 40.19
C ILE A 278 7.47 -15.25 41.45
N VAL A 279 6.76 -16.36 41.58
CA VAL A 279 5.99 -16.63 42.80
C VAL A 279 6.94 -16.64 44.01
N GLU A 280 8.07 -17.35 43.88
CA GLU A 280 9.08 -17.37 44.95
C GLU A 280 9.50 -15.96 45.36
N LYS A 281 9.80 -15.11 44.38
CA LYS A 281 10.26 -13.76 44.68
C LYS A 281 9.16 -12.93 45.34
N LEU A 282 7.92 -13.15 44.94
CA LEU A 282 6.80 -12.42 45.55
C LEU A 282 6.60 -12.83 47.00
N LYS A 283 6.76 -14.12 47.28
CA LYS A 283 6.64 -14.64 48.66
C LYS A 283 7.73 -14.13 49.58
N ASN A 284 8.98 -14.19 49.11
CA ASN A 284 10.13 -13.63 49.84
C ASN A 284 9.94 -12.18 50.25
N ASN A 285 8.98 -11.49 49.63
CA ASN A 285 8.56 -10.16 50.04
C ASN A 285 7.12 -10.18 50.51
N ARG B 27 37.07 -23.00 -19.64
CA ARG B 27 37.28 -21.54 -19.90
C ARG B 27 36.13 -20.94 -20.72
N LEU B 28 35.11 -20.46 -20.02
CA LEU B 28 33.91 -19.91 -20.68
C LEU B 28 34.17 -18.54 -21.28
N ARG B 29 33.55 -18.30 -22.43
CA ARG B 29 33.72 -17.06 -23.18
C ARG B 29 32.40 -16.29 -23.17
N ALA B 30 32.46 -15.03 -22.76
CA ALA B 30 31.25 -14.22 -22.55
C ALA B 30 31.58 -12.74 -22.68
N ASP B 31 30.71 -12.01 -23.37
CA ASP B 31 30.89 -10.58 -23.56
C ASP B 31 29.52 -9.89 -23.37
N GLU B 32 29.53 -8.71 -22.78
CA GLU B 32 28.30 -7.99 -22.44
C GLU B 32 27.61 -7.49 -23.71
N TYR B 33 28.37 -6.85 -24.59
CA TYR B 33 27.84 -6.33 -25.85
C TYR B 33 27.27 -7.44 -26.72
N ALA B 34 27.95 -8.58 -26.79
CA ALA B 34 27.53 -9.67 -27.65
C ALA B 34 26.24 -10.32 -27.12
N THR B 35 26.15 -10.45 -25.80
CA THR B 35 24.96 -10.98 -25.14
C THR B 35 23.77 -10.07 -25.41
N THR B 36 23.95 -8.78 -25.15
CA THR B 36 22.92 -7.79 -25.40
C THR B 36 22.49 -7.75 -26.87
N ARG B 37 23.47 -7.71 -27.78
CA ARG B 37 23.18 -7.67 -29.21
C ARG B 37 22.38 -8.89 -29.63
N ALA B 38 22.80 -10.05 -29.17
CA ALA B 38 22.15 -11.30 -29.53
C ALA B 38 20.69 -11.34 -29.10
N ILE B 39 20.41 -10.83 -27.90
CA ILE B 39 19.04 -10.82 -27.36
C ILE B 39 18.19 -9.86 -28.18
N LEU B 40 18.73 -8.68 -28.47
CA LEU B 40 18.04 -7.71 -29.28
C LEU B 40 17.68 -8.23 -30.68
N LYS B 41 18.62 -8.92 -31.33
CA LYS B 41 18.40 -9.44 -32.68
C LYS B 41 17.34 -10.54 -32.73
N SER B 42 17.40 -11.48 -31.79
CA SER B 42 16.40 -12.53 -31.73
C SER B 42 15.01 -11.96 -31.41
N ALA B 43 14.95 -11.00 -30.49
CA ALA B 43 13.69 -10.44 -30.06
C ALA B 43 13.03 -9.63 -31.16
N PHE B 44 13.83 -8.82 -31.85
CA PHE B 44 13.26 -8.00 -32.89
CA PHE B 44 13.43 -7.99 -33.00
C PHE B 44 12.85 -8.82 -34.13
N ASP B 45 13.58 -9.87 -34.47
CA ASP B 45 13.14 -10.81 -35.52
C ASP B 45 11.84 -11.47 -35.11
N MET B 46 11.77 -11.95 -33.88
CA MET B 46 10.56 -12.57 -33.35
C MET B 46 9.36 -11.62 -33.46
N TRP B 47 9.53 -10.39 -33.00
CA TRP B 47 8.43 -9.41 -32.99
C TRP B 47 7.91 -9.08 -34.38
N LEU B 48 8.81 -8.86 -35.33
CA LEU B 48 8.42 -8.50 -36.69
C LEU B 48 7.63 -9.61 -37.36
N ASP B 49 7.90 -10.84 -36.95
CA ASP B 49 7.19 -12.01 -37.45
C ASP B 49 5.86 -12.20 -36.75
N ILE B 50 5.80 -11.96 -35.44
CA ILE B 50 4.66 -12.39 -34.64
C ILE B 50 3.48 -11.40 -34.69
N ILE B 51 3.68 -10.22 -35.26
CA ILE B 51 2.61 -9.21 -35.26
C ILE B 51 1.48 -9.48 -36.29
N ASP B 52 1.58 -10.58 -37.04
CA ASP B 52 0.48 -11.07 -37.87
C ASP B 52 0.44 -12.58 -37.77
N VAL B 53 -0.70 -13.13 -37.36
CA VAL B 53 -0.83 -14.55 -37.10
C VAL B 53 -2.16 -15.06 -37.62
N ASP B 54 -2.33 -16.38 -37.63
CA ASP B 54 -3.62 -16.99 -37.91
C ASP B 54 -4.49 -16.88 -36.66
N VAL B 55 -3.96 -17.33 -35.52
CA VAL B 55 -4.70 -17.33 -34.26
C VAL B 55 -3.89 -16.69 -33.10
N ALA B 56 -4.54 -15.78 -32.39
CA ALA B 56 -3.99 -15.22 -31.15
C ALA B 56 -4.85 -15.74 -30.00
N ILE B 57 -4.24 -16.60 -29.19
CA ILE B 57 -4.90 -17.11 -27.99
C ILE B 57 -4.51 -16.29 -26.77
N VAL B 58 -5.50 -15.81 -26.01
CA VAL B 58 -5.23 -14.98 -24.85
C VAL B 58 -5.40 -15.81 -23.60
N GLY B 59 -4.30 -16.04 -22.90
CA GLY B 59 -4.30 -16.86 -21.71
C GLY B 59 -3.51 -18.12 -21.91
N GLY B 60 -2.48 -18.30 -21.09
CA GLY B 60 -1.60 -19.46 -21.17
C GLY B 60 -1.90 -20.43 -20.05
N GLY B 61 -3.17 -20.56 -19.69
CA GLY B 61 -3.63 -21.61 -18.79
C GLY B 61 -3.85 -22.92 -19.53
N PRO B 62 -4.45 -23.91 -18.84
CA PRO B 62 -4.65 -25.24 -19.41
C PRO B 62 -5.49 -25.26 -20.69
N SER B 63 -6.54 -24.45 -20.76
CA SER B 63 -7.40 -24.44 -21.94
C SER B 63 -6.66 -23.77 -23.10
N GLY B 64 -6.05 -22.62 -22.84
CA GLY B 64 -5.28 -21.92 -23.88
C GLY B 64 -4.10 -22.70 -24.43
N LEU B 65 -3.36 -23.39 -23.57
CA LEU B 65 -2.18 -24.13 -24.03
C LEU B 65 -2.58 -25.38 -24.83
N THR B 66 -3.70 -25.99 -24.45
CA THR B 66 -4.23 -27.12 -25.19
C THR B 66 -4.71 -26.67 -26.56
N ALA B 67 -5.51 -25.62 -26.60
CA ALA B 67 -5.95 -25.04 -27.85
C ALA B 67 -4.76 -24.72 -28.76
N ALA B 68 -3.71 -24.15 -28.19
CA ALA B 68 -2.55 -23.74 -28.97
C ALA B 68 -1.87 -24.93 -29.64
N ARG B 69 -1.74 -26.02 -28.90
CA ARG B 69 -1.09 -27.23 -29.41
C ARG B 69 -1.87 -27.78 -30.62
N TYR B 70 -3.17 -27.99 -30.43
CA TYR B 70 -3.98 -28.62 -31.46
C TYR B 70 -4.14 -27.77 -32.72
N ILE B 71 -4.05 -26.45 -32.61
CA ILE B 71 -4.07 -25.61 -33.82
C ILE B 71 -2.70 -25.59 -34.51
N ALA B 72 -1.63 -25.46 -33.73
CA ALA B 72 -0.27 -25.35 -34.30
C ALA B 72 0.14 -26.66 -34.96
N LYS B 73 -0.25 -27.76 -34.32
CA LYS B 73 -0.11 -29.12 -34.82
C LYS B 73 -0.57 -29.29 -36.28
N GLU B 74 -1.57 -28.51 -36.69
CA GLU B 74 -2.06 -28.53 -38.06
C GLU B 74 -1.35 -27.54 -38.97
N GLY B 75 -0.24 -26.97 -38.52
CA GLY B 75 0.62 -26.12 -39.36
C GLY B 75 0.28 -24.65 -39.41
N TYR B 76 -0.69 -24.21 -38.61
CA TYR B 76 -1.09 -22.80 -38.61
C TYR B 76 -0.21 -21.99 -37.64
N LYS B 77 -0.16 -20.68 -37.86
CA LYS B 77 0.67 -19.77 -37.09
C LYS B 77 -0.08 -19.24 -35.85
N VAL B 78 0.35 -19.71 -34.69
CA VAL B 78 -0.33 -19.45 -33.42
C VAL B 78 0.57 -18.71 -32.42
N VAL B 79 0.04 -17.69 -31.77
CA VAL B 79 0.67 -17.07 -30.61
C VAL B 79 -0.27 -17.11 -29.41
N VAL B 80 0.29 -17.49 -28.25
CA VAL B 80 -0.38 -17.40 -26.96
C VAL B 80 0.15 -16.17 -26.22
N LEU B 81 -0.76 -15.36 -25.69
CA LEU B 81 -0.40 -14.16 -24.95
C LEU B 81 -0.84 -14.33 -23.50
N GLU B 82 0.13 -14.28 -22.59
CA GLU B 82 -0.13 -14.53 -21.18
C GLU B 82 0.37 -13.36 -20.35
N ARG B 83 -0.48 -12.86 -19.46
CA ARG B 83 -0.14 -11.72 -18.60
C ARG B 83 1.10 -11.98 -17.75
N HIS B 84 1.10 -13.08 -17.00
CA HIS B 84 2.16 -13.36 -16.04
C HIS B 84 3.40 -13.84 -16.76
N LEU B 85 4.54 -13.71 -16.08
CA LEU B 85 5.83 -14.06 -16.69
C LEU B 85 5.94 -15.55 -16.92
N ALA B 86 5.36 -16.33 -16.02
CA ALA B 86 5.20 -17.76 -16.24
C ALA B 86 3.83 -18.10 -16.85
N PHE B 87 3.82 -19.12 -17.70
CA PHE B 87 2.57 -19.73 -18.19
C PHE B 87 1.94 -20.55 -17.05
N GLY B 88 0.82 -21.21 -17.35
CA GLY B 88 0.22 -22.18 -16.43
C GLY B 88 -1.10 -21.75 -15.83
N GLY B 89 -1.36 -20.44 -15.82
CA GLY B 89 -2.59 -19.92 -15.27
C GLY B 89 -2.82 -20.36 -13.84
N GLY B 90 -4.07 -20.69 -13.50
CA GLY B 90 -4.43 -21.05 -12.13
C GLY B 90 -4.30 -22.51 -11.78
N THR B 91 -3.26 -23.18 -12.31
CA THR B 91 -3.07 -24.63 -12.11
C THR B 91 -2.01 -24.97 -11.05
N TRP B 92 -1.00 -24.11 -10.90
CA TRP B 92 0.20 -24.44 -10.09
C TRP B 92 -0.10 -24.87 -8.68
N GLY B 93 -1.08 -24.23 -8.04
CA GLY B 93 -1.42 -24.48 -6.64
C GLY B 93 -2.38 -25.63 -6.37
N GLY B 94 -2.78 -26.35 -7.42
CA GLY B 94 -3.65 -27.50 -7.27
C GLY B 94 -4.97 -27.13 -6.63
N GLY B 95 -5.31 -27.81 -5.54
CA GLY B 95 -6.52 -27.50 -4.78
C GLY B 95 -6.17 -26.96 -3.41
N MET B 96 -6.43 -25.66 -3.21
CA MET B 96 -6.15 -24.98 -1.96
C MET B 96 -4.69 -25.16 -1.53
N GLY B 97 -3.77 -25.17 -2.50
CA GLY B 97 -2.34 -25.31 -2.20
C GLY B 97 -1.83 -26.74 -2.23
N PHE B 98 -2.71 -27.72 -2.05
CA PHE B 98 -2.32 -29.13 -2.18
C PHE B 98 -1.99 -29.39 -3.65
N PRO B 99 -0.73 -29.72 -3.95
CA PRO B 99 -0.26 -29.59 -5.32
C PRO B 99 -0.60 -30.76 -6.26
N TYR B 100 -1.89 -31.07 -6.34
CA TYR B 100 -2.39 -32.04 -7.31
C TYR B 100 -3.69 -31.56 -7.93
N ILE B 101 -3.87 -31.88 -9.20
CA ILE B 101 -5.13 -31.62 -9.88
C ILE B 101 -5.71 -32.93 -10.39
N VAL B 102 -6.98 -32.88 -10.76
CA VAL B 102 -7.73 -34.06 -11.12
C VAL B 102 -8.12 -33.94 -12.59
N VAL B 103 -8.20 -35.09 -13.25
CA VAL B 103 -8.73 -35.19 -14.61
C VAL B 103 -9.55 -36.47 -14.78
N GLU B 104 -10.65 -36.37 -15.51
CA GLU B 104 -11.58 -37.51 -15.73
C GLU B 104 -11.52 -37.95 -17.19
N GLU B 105 -11.77 -39.23 -17.46
CA GLU B 105 -11.78 -39.70 -18.86
C GLU B 105 -12.90 -39.02 -19.66
N PRO B 106 -12.71 -38.90 -20.97
CA PRO B 106 -11.52 -39.31 -21.74
C PRO B 106 -10.41 -38.25 -21.76
N ALA B 107 -10.55 -37.19 -20.96
CA ALA B 107 -9.63 -36.04 -21.01
C ALA B 107 -8.22 -36.39 -20.58
N ASP B 108 -8.08 -37.42 -19.74
CA ASP B 108 -6.77 -37.92 -19.33
C ASP B 108 -5.86 -38.20 -20.52
N GLU B 109 -6.46 -38.63 -21.62
CA GLU B 109 -5.73 -38.93 -22.85
C GLU B 109 -5.01 -37.69 -23.40
N ILE B 110 -5.59 -36.51 -23.21
CA ILE B 110 -4.96 -35.26 -23.66
C ILE B 110 -3.66 -34.98 -22.86
N LEU B 111 -3.66 -35.27 -21.57
CA LEU B 111 -2.45 -35.13 -20.76
C LEU B 111 -1.41 -36.21 -21.08
N ARG B 112 -1.87 -37.45 -21.35
CA ARG B 112 -0.95 -38.52 -21.74
C ARG B 112 -0.20 -38.17 -23.02
N GLU B 113 -0.86 -37.49 -23.94
CA GLU B 113 -0.22 -37.06 -25.19
C GLU B 113 0.98 -36.15 -24.97
N VAL B 114 1.00 -35.40 -23.86
CA VAL B 114 2.13 -34.49 -23.57
C VAL B 114 3.07 -35.03 -22.48
N GLY B 115 2.87 -36.28 -22.06
CA GLY B 115 3.83 -36.98 -21.20
C GLY B 115 3.56 -36.93 -19.71
N VAL B 116 2.39 -36.45 -19.31
CA VAL B 116 2.10 -36.31 -17.89
C VAL B 116 1.86 -37.67 -17.24
N LYS B 117 2.51 -37.91 -16.11
CA LYS B 117 2.26 -39.09 -15.30
C LYS B 117 0.92 -38.93 -14.59
N LEU B 118 0.09 -39.97 -14.66
CA LEU B 118 -1.23 -39.95 -14.04
C LEU B 118 -1.35 -41.12 -13.10
N GLU B 119 -2.00 -40.92 -11.98
CA GLU B 119 -2.22 -41.98 -11.01
C GLU B 119 -3.69 -42.12 -10.73
N LYS B 120 -4.17 -43.35 -10.68
CA LYS B 120 -5.59 -43.64 -10.51
C LYS B 120 -6.02 -43.20 -9.12
N VAL B 121 -7.25 -42.72 -9.02
CA VAL B 121 -7.83 -42.37 -7.75
C VAL B 121 -8.47 -43.62 -7.16
N GLU B 122 -8.25 -43.85 -5.87
CA GLU B 122 -8.75 -45.03 -5.17
C GLU B 122 -10.28 -45.02 -5.12
N GLY B 123 -10.89 -46.15 -5.51
CA GLY B 123 -12.34 -46.30 -5.50
C GLY B 123 -13.08 -45.50 -6.56
N GLU B 124 -12.38 -45.07 -7.62
CA GLU B 124 -12.98 -44.23 -8.65
C GLU B 124 -12.45 -44.63 -10.01
N ASP B 125 -13.33 -45.05 -10.91
CA ASP B 125 -12.91 -45.44 -12.26
C ASP B 125 -12.85 -44.23 -13.17
N GLY B 126 -11.88 -44.21 -14.06
CA GLY B 126 -11.71 -43.09 -14.97
C GLY B 126 -11.43 -41.73 -14.35
N LEU B 127 -10.82 -41.73 -13.16
CA LEU B 127 -10.43 -40.51 -12.45
C LEU B 127 -8.96 -40.59 -12.06
N TYR B 128 -8.20 -39.55 -12.39
CA TYR B 128 -6.76 -39.55 -12.15
C TYR B 128 -6.30 -38.25 -11.47
N THR B 129 -5.18 -38.33 -10.73
CA THR B 129 -4.49 -37.15 -10.23
C THR B 129 -3.17 -36.96 -10.96
N ALA B 130 -2.69 -35.71 -10.99
CA ALA B 130 -1.41 -35.36 -11.57
C ALA B 130 -0.76 -34.22 -10.77
N ASP B 131 0.57 -34.27 -10.69
CA ASP B 131 1.39 -33.23 -10.05
C ASP B 131 1.09 -31.87 -10.68
N SER B 132 0.61 -30.93 -9.87
CA SER B 132 0.18 -29.61 -10.38
C SER B 132 1.31 -28.74 -10.94
N VAL B 133 2.56 -29.11 -10.69
CA VAL B 133 3.71 -28.43 -11.27
C VAL B 133 4.11 -29.06 -12.59
N GLU B 134 4.01 -30.39 -12.67
CA GLU B 134 4.33 -31.13 -13.90
C GLU B 134 3.41 -30.74 -15.07
N VAL B 135 2.12 -30.59 -14.78
CA VAL B 135 1.13 -30.40 -15.85
C VAL B 135 1.41 -29.13 -16.67
N PRO B 136 1.56 -27.97 -16.02
CA PRO B 136 1.78 -26.75 -16.80
C PRO B 136 3.02 -26.83 -17.66
N ALA B 137 4.09 -27.39 -17.11
CA ALA B 137 5.36 -27.53 -17.82
C ALA B 137 5.15 -28.34 -19.10
N LYS B 138 4.47 -29.47 -18.97
CA LYS B 138 4.28 -30.37 -20.11
C LYS B 138 3.24 -29.83 -21.11
N LEU B 139 2.21 -29.15 -20.62
CA LEU B 139 1.28 -28.46 -21.51
C LEU B 139 2.00 -27.43 -22.36
N ALA B 140 2.90 -26.67 -21.73
CA ALA B 140 3.61 -25.62 -22.44
C ALA B 140 4.57 -26.20 -23.48
N VAL B 141 5.28 -27.26 -23.10
CA VAL B 141 6.19 -27.92 -24.04
C VAL B 141 5.41 -28.45 -25.25
N GLY B 142 4.30 -29.11 -24.99
CA GLY B 142 3.41 -29.59 -26.06
C GLY B 142 3.07 -28.49 -27.05
N ALA B 143 2.67 -27.33 -26.53
CA ALA B 143 2.29 -26.20 -27.38
C ALA B 143 3.46 -25.70 -28.19
N ILE B 144 4.60 -25.54 -27.54
CA ILE B 144 5.79 -24.98 -28.20
C ILE B 144 6.33 -25.93 -29.25
N ASP B 145 6.45 -27.20 -28.90
CA ASP B 145 6.96 -28.21 -29.83
C ASP B 145 6.02 -28.47 -31.01
N ALA B 146 4.73 -28.17 -30.83
CA ALA B 146 3.79 -28.22 -31.95
C ALA B 146 3.93 -26.99 -32.85
N GLY B 147 4.69 -25.99 -32.41
CA GLY B 147 4.94 -24.79 -33.21
C GLY B 147 4.29 -23.51 -32.73
N ALA B 148 3.48 -23.58 -31.67
CA ALA B 148 2.90 -22.37 -31.09
C ALA B 148 3.97 -21.53 -30.39
N LYS B 149 3.91 -20.22 -30.60
CA LYS B 149 4.73 -19.27 -29.87
C LYS B 149 4.00 -18.85 -28.61
N VAL B 150 4.66 -18.94 -27.45
CA VAL B 150 4.09 -18.49 -26.18
C VAL B 150 4.83 -17.25 -25.70
N LEU B 151 4.13 -16.12 -25.65
CA LEU B 151 4.70 -14.89 -25.12
C LEU B 151 4.11 -14.60 -23.75
N THR B 152 4.98 -14.43 -22.75
CA THR B 152 4.55 -14.11 -21.40
C THR B 152 4.87 -12.67 -21.07
N GLY B 153 4.32 -12.16 -19.99
CA GLY B 153 4.46 -10.74 -19.65
C GLY B 153 3.73 -9.83 -20.62
N ILE B 154 2.69 -10.36 -21.27
CA ILE B 154 1.91 -9.59 -22.26
C ILE B 154 0.44 -9.61 -21.88
N VAL B 155 -0.16 -8.43 -21.81
CA VAL B 155 -1.56 -8.28 -21.48
C VAL B 155 -2.32 -7.84 -22.72
N VAL B 156 -3.39 -8.57 -23.05
CA VAL B 156 -4.36 -8.09 -24.05
C VAL B 156 -5.33 -7.11 -23.38
N GLU B 157 -5.25 -5.85 -23.73
CA GLU B 157 -6.10 -4.87 -23.11
C GLU B 157 -7.33 -4.51 -23.96
N ASP B 158 -7.35 -4.91 -25.21
CA ASP B 158 -8.47 -4.56 -26.10
C ASP B 158 -8.44 -5.41 -27.37
N LEU B 159 -9.38 -5.14 -28.27
CA LEU B 159 -9.46 -5.83 -29.54
C LEU B 159 -9.30 -4.86 -30.71
N VAL B 160 -8.82 -5.39 -31.82
CA VAL B 160 -8.81 -4.69 -33.09
C VAL B 160 -10.09 -5.12 -33.82
N LEU B 161 -10.85 -4.16 -34.32
CA LEU B 161 -12.13 -4.44 -34.97
C LEU B 161 -12.12 -4.13 -36.45
N ARG B 162 -12.91 -4.91 -37.20
CA ARG B 162 -13.28 -4.56 -38.57
C ARG B 162 -14.80 -4.74 -38.70
N GLU B 163 -15.34 -4.45 -39.87
CA GLU B 163 -16.78 -4.57 -40.12
C GLU B 163 -17.31 -5.88 -39.57
N ASN B 164 -18.14 -5.80 -38.54
CA ASN B 164 -18.76 -6.98 -37.94
C ASN B 164 -17.84 -8.09 -37.47
N ARG B 165 -16.61 -7.77 -37.10
CA ARG B 165 -15.75 -8.79 -36.51
C ARG B 165 -14.52 -8.29 -35.77
N VAL B 166 -13.96 -9.21 -35.00
CA VAL B 166 -12.71 -9.02 -34.29
C VAL B 166 -11.61 -9.46 -35.24
N ALA B 167 -10.60 -8.61 -35.45
CA ALA B 167 -9.53 -8.86 -36.41
C ALA B 167 -8.11 -8.82 -35.79
N GLY B 168 -8.03 -8.89 -34.47
CA GLY B 168 -6.73 -8.86 -33.78
C GLY B 168 -6.83 -8.46 -32.32
N VAL B 169 -5.67 -8.32 -31.70
CA VAL B 169 -5.58 -7.95 -30.29
C VAL B 169 -4.70 -6.73 -30.06
N VAL B 170 -5.03 -6.00 -29.00
CA VAL B 170 -4.29 -4.82 -28.57
C VAL B 170 -3.50 -5.23 -27.33
N ILE B 171 -2.18 -5.16 -27.43
CA ILE B 171 -1.30 -5.71 -26.38
C ILE B 171 -0.46 -4.64 -25.70
N ASN B 172 -0.25 -4.86 -24.41
CA ASN B 172 0.73 -4.09 -23.65
C ASN B 172 1.53 -5.04 -22.78
N SER B 173 2.57 -4.55 -22.12
CA SER B 173 3.37 -5.42 -21.25
C SER B 173 2.76 -5.45 -19.85
N TYR B 174 2.88 -6.59 -19.19
CA TYR B 174 2.53 -6.71 -17.79
C TYR B 174 3.31 -5.71 -16.94
N ALA B 175 4.58 -5.52 -17.25
CA ALA B 175 5.40 -4.54 -16.51
C ALA B 175 4.76 -3.14 -16.56
N ILE B 176 4.37 -2.70 -17.75
CA ILE B 176 3.73 -1.39 -17.92
C ILE B 176 2.38 -1.32 -17.17
N GLU B 177 1.60 -2.40 -17.24
CA GLU B 177 0.33 -2.45 -16.54
C GLU B 177 0.54 -2.37 -15.03
N LYS B 178 1.37 -3.24 -14.49
CA LYS B 178 1.57 -3.33 -13.06
C LYS B 178 2.26 -2.07 -12.52
N ALA B 179 3.14 -1.47 -13.31
CA ALA B 179 3.79 -0.22 -12.91
C ALA B 179 2.85 0.98 -13.01
N GLY B 180 1.74 0.84 -13.74
CA GLY B 180 0.76 1.94 -13.85
C GLY B 180 1.18 3.08 -14.76
N LEU B 181 2.07 2.79 -15.71
CA LEU B 181 2.61 3.84 -16.60
C LEU B 181 1.62 4.14 -17.72
N HIS B 182 1.56 5.38 -18.17
CA HIS B 182 0.60 5.78 -19.19
C HIS B 182 1.24 5.66 -20.56
N ILE B 183 1.22 4.43 -21.09
CA ILE B 183 1.92 4.10 -22.32
C ILE B 183 0.99 3.33 -23.26
N ASP B 184 0.99 3.72 -24.52
CA ASP B 184 0.09 3.13 -25.50
C ASP B 184 0.46 1.70 -25.86
N PRO B 185 -0.54 0.89 -26.25
CA PRO B 185 -0.31 -0.49 -26.69
C PRO B 185 0.15 -0.60 -28.14
N ILE B 186 0.51 -1.81 -28.54
CA ILE B 186 0.70 -2.13 -29.97
C ILE B 186 -0.27 -3.26 -30.31
N THR B 187 -0.17 -3.84 -31.50
CA THR B 187 -1.18 -4.77 -32.00
C THR B 187 -0.60 -6.03 -32.63
N ILE B 188 -1.35 -7.12 -32.52
CA ILE B 188 -1.12 -8.31 -33.28
C ILE B 188 -2.38 -8.60 -34.11
N THR B 189 -2.21 -8.68 -35.44
CA THR B 189 -3.32 -8.97 -36.35
C THR B 189 -3.55 -10.48 -36.40
N ALA B 190 -4.81 -10.88 -36.36
CA ALA B 190 -5.16 -12.30 -36.35
C ALA B 190 -6.45 -12.55 -37.13
N LYS B 191 -6.56 -13.73 -37.72
CA LYS B 191 -7.80 -14.16 -38.34
C LYS B 191 -8.79 -14.55 -37.26
N TYR B 192 -8.31 -15.24 -36.23
CA TYR B 192 -9.13 -15.59 -35.07
C TYR B 192 -8.43 -15.27 -33.73
N VAL B 193 -9.21 -14.83 -32.76
CA VAL B 193 -8.75 -14.57 -31.40
C VAL B 193 -9.52 -15.51 -30.49
N VAL B 194 -8.85 -16.02 -29.46
CA VAL B 194 -9.46 -16.90 -28.48
C VAL B 194 -9.33 -16.31 -27.09
N ASP B 195 -10.46 -16.14 -26.40
CA ASP B 195 -10.45 -15.77 -24.99
C ASP B 195 -10.36 -17.05 -24.18
N ALA B 196 -9.16 -17.36 -23.70
CA ALA B 196 -8.92 -18.45 -22.77
C ALA B 196 -8.40 -17.91 -21.42
N THR B 197 -8.98 -16.78 -20.99
CA THR B 197 -8.47 -16.02 -19.85
C THR B 197 -9.01 -16.44 -18.49
N GLY B 198 -9.78 -17.53 -18.44
CA GLY B 198 -10.26 -18.06 -17.17
C GLY B 198 -11.54 -17.40 -16.69
N HIS B 199 -11.76 -17.46 -15.38
CA HIS B 199 -12.96 -16.93 -14.74
C HIS B 199 -13.42 -15.54 -15.20
N ASP B 200 -12.48 -14.64 -15.46
CA ASP B 200 -12.85 -13.26 -15.77
C ASP B 200 -13.35 -13.01 -17.20
N ALA B 201 -13.08 -13.95 -18.12
CA ALA B 201 -13.38 -13.77 -19.54
C ALA B 201 -13.05 -12.33 -19.94
N SER B 202 -11.78 -11.94 -19.78
CA SER B 202 -11.45 -10.53 -19.81
C SER B 202 -11.51 -9.92 -21.22
N VAL B 203 -11.29 -10.75 -22.24
CA VAL B 203 -11.34 -10.26 -23.61
C VAL B 203 -12.79 -10.03 -24.05
N VAL B 204 -13.65 -11.04 -23.86
CA VAL B 204 -15.06 -10.90 -24.19
C VAL B 204 -15.69 -9.78 -23.36
N THR B 205 -15.34 -9.72 -22.08
CA THR B 205 -15.83 -8.67 -21.19
C THR B 205 -15.46 -7.28 -21.72
N THR B 206 -14.23 -7.11 -22.16
CA THR B 206 -13.78 -5.82 -22.69
C THR B 206 -14.52 -5.45 -23.99
N LEU B 207 -14.66 -6.42 -24.87
CA LEU B 207 -15.41 -6.20 -26.11
C LEU B 207 -16.82 -5.73 -25.77
N SER B 208 -17.47 -6.43 -24.86
CA SER B 208 -18.86 -6.12 -24.55
C SER B 208 -19.01 -4.78 -23.85
N ARG B 209 -18.05 -4.43 -22.99
CA ARG B 209 -18.10 -3.19 -22.23
C ARG B 209 -17.88 -1.96 -23.12
N LYS B 210 -16.89 -2.02 -24.00
CA LYS B 210 -16.49 -0.85 -24.79
C LYS B 210 -17.34 -0.67 -26.05
N ASN B 211 -18.02 -1.73 -26.47
CA ASN B 211 -18.85 -1.70 -27.67
C ASN B 211 -20.25 -2.24 -27.30
N PRO B 212 -20.99 -1.47 -26.50
CA PRO B 212 -22.27 -1.95 -25.95
C PRO B 212 -23.31 -2.25 -27.04
N GLU B 213 -23.24 -1.51 -28.14
CA GLU B 213 -24.17 -1.71 -29.26
C GLU B 213 -24.08 -3.09 -29.91
N LEU B 214 -23.02 -3.85 -29.62
CA LEU B 214 -22.97 -5.23 -30.05
C LEU B 214 -23.93 -6.13 -29.28
N GLY B 215 -24.43 -5.67 -28.14
CA GLY B 215 -25.37 -6.45 -27.33
C GLY B 215 -24.79 -7.72 -26.73
N LEU B 216 -23.48 -7.77 -26.53
CA LEU B 216 -22.86 -8.90 -25.83
C LEU B 216 -22.98 -8.67 -24.33
N GLU B 217 -23.02 -9.77 -23.57
CA GLU B 217 -23.08 -9.69 -22.12
C GLU B 217 -22.27 -10.84 -21.54
N VAL B 218 -21.58 -10.56 -20.44
CA VAL B 218 -20.87 -11.58 -19.71
C VAL B 218 -21.49 -11.66 -18.33
N PRO B 219 -22.42 -12.60 -18.13
CA PRO B 219 -23.09 -12.67 -16.83
C PRO B 219 -22.16 -13.16 -15.72
N GLY B 220 -21.18 -13.97 -16.06
CA GLY B 220 -20.34 -14.60 -15.05
C GLY B 220 -20.86 -15.97 -14.67
N GLU B 221 -19.96 -16.78 -14.13
CA GLU B 221 -20.26 -18.15 -13.77
C GLU B 221 -21.32 -18.27 -12.68
N LYS B 222 -21.87 -19.47 -12.55
CA LYS B 222 -22.75 -19.83 -11.44
C LYS B 222 -21.90 -20.51 -10.38
N SER B 223 -22.51 -20.84 -9.24
CA SER B 223 -21.81 -21.52 -8.18
C SER B 223 -21.40 -22.93 -8.59
N MET B 224 -20.83 -23.69 -7.66
CA MET B 224 -20.21 -24.96 -8.04
C MET B 224 -21.22 -26.09 -8.17
N TRP B 225 -21.19 -26.73 -9.34
CA TRP B 225 -21.89 -27.97 -9.60
C TRP B 225 -21.05 -28.66 -10.66
N ALA B 226 -20.16 -29.56 -10.22
CA ALA B 226 -19.07 -30.02 -11.05
C ALA B 226 -19.52 -30.73 -12.32
N GLU B 227 -20.47 -31.65 -12.16
CA GLU B 227 -20.95 -32.42 -13.32
C GLU B 227 -21.62 -31.51 -14.35
N LYS B 228 -22.51 -30.64 -13.90
CA LYS B 228 -23.18 -29.70 -14.79
C LYS B 228 -22.22 -28.68 -15.40
N GLY B 229 -21.25 -28.24 -14.61
CA GLY B 229 -20.26 -27.30 -15.11
C GLY B 229 -19.39 -27.89 -16.20
N GLU B 230 -18.87 -29.08 -15.96
CA GLU B 230 -18.00 -29.75 -16.93
C GLU B 230 -18.71 -29.98 -18.26
N ASN B 231 -19.97 -30.41 -18.22
CA ASN B 231 -20.69 -30.75 -19.46
C ASN B 231 -21.21 -29.53 -20.21
N ALA B 232 -21.40 -28.42 -19.49
CA ALA B 232 -21.78 -27.17 -20.13
C ALA B 232 -20.66 -26.57 -20.99
N LEU B 233 -19.41 -26.89 -20.65
CA LEU B 233 -18.25 -26.30 -21.32
C LEU B 233 -18.19 -26.56 -22.81
N LEU B 234 -18.57 -27.76 -23.23
CA LEU B 234 -18.47 -28.13 -24.64
C LEU B 234 -19.48 -27.33 -25.45
N ARG B 235 -20.68 -27.18 -24.91
CA ARG B 235 -21.71 -26.38 -25.55
C ARG B 235 -21.29 -24.91 -25.55
N ASN B 236 -20.67 -24.48 -24.46
CA ASN B 236 -20.29 -23.08 -24.29
C ASN B 236 -19.01 -22.67 -25.00
N THR B 237 -18.26 -23.63 -25.51
CA THR B 237 -17.07 -23.35 -26.29
C THR B 237 -17.45 -23.03 -27.73
N ARG B 238 -17.41 -21.76 -28.10
CA ARG B 238 -17.87 -21.35 -29.43
C ARG B 238 -17.48 -19.93 -29.80
N GLU B 239 -17.86 -19.53 -31.02
CA GLU B 239 -17.59 -18.20 -31.51
C GLU B 239 -18.64 -17.26 -30.93
N VAL B 240 -18.21 -16.37 -30.04
CA VAL B 240 -19.11 -15.43 -29.35
C VAL B 240 -19.49 -14.27 -30.25
N TYR B 241 -18.60 -13.91 -31.16
CA TYR B 241 -18.79 -12.80 -32.05
C TYR B 241 -17.81 -13.12 -33.18
N PRO B 242 -18.10 -12.68 -34.43
CA PRO B 242 -17.24 -13.17 -35.49
C PRO B 242 -15.77 -12.81 -35.26
N GLY B 243 -14.92 -13.84 -35.29
CA GLY B 243 -13.48 -13.66 -35.10
C GLY B 243 -13.02 -13.94 -33.67
N LEU B 244 -13.96 -14.10 -32.73
CA LEU B 244 -13.65 -14.28 -31.33
C LEU B 244 -14.28 -15.52 -30.72
N PHE B 245 -13.46 -16.51 -30.39
CA PHE B 245 -13.89 -17.71 -29.71
C PHE B 245 -13.64 -17.59 -28.22
N VAL B 246 -14.27 -18.48 -27.46
CA VAL B 246 -14.05 -18.58 -26.03
C VAL B 246 -13.95 -20.04 -25.65
N CYS B 247 -13.02 -20.35 -24.74
CA CYS B 247 -12.84 -21.70 -24.23
C CYS B 247 -12.38 -21.64 -22.78
N GLY B 248 -12.32 -22.80 -22.13
CA GLY B 248 -11.98 -22.88 -20.72
C GLY B 248 -13.04 -22.26 -19.85
N MET B 249 -12.68 -21.88 -18.63
CA MET B 249 -13.64 -21.30 -17.71
C MET B 249 -14.28 -20.03 -18.25
N ALA B 250 -13.57 -19.30 -19.10
CA ALA B 250 -14.14 -18.13 -19.74
C ALA B 250 -15.48 -18.45 -20.44
N ALA B 251 -15.58 -19.67 -21.00
CA ALA B 251 -16.80 -20.11 -21.71
C ALA B 251 -17.99 -20.16 -20.77
N ASN B 252 -17.78 -20.71 -19.56
CA ASN B 252 -18.85 -20.73 -18.57
C ASN B 252 -19.11 -19.38 -17.92
N ALA B 253 -18.19 -18.43 -18.03
CA ALA B 253 -18.43 -17.07 -17.53
C ALA B 253 -19.32 -16.33 -18.53
N VAL B 254 -19.03 -16.53 -19.81
CA VAL B 254 -19.79 -15.90 -20.87
C VAL B 254 -21.22 -16.46 -20.95
N TYR B 255 -21.40 -17.77 -20.75
CA TYR B 255 -22.71 -18.39 -20.90
C TYR B 255 -23.30 -18.90 -19.58
N ALA B 256 -22.83 -18.34 -18.47
CA ALA B 256 -23.35 -18.65 -17.15
C ALA B 256 -23.44 -20.13 -16.81
N GLY B 257 -22.39 -20.88 -17.13
CA GLY B 257 -22.27 -22.26 -16.65
C GLY B 257 -21.76 -22.31 -15.21
N HIS B 258 -21.85 -23.48 -14.60
CA HIS B 258 -21.36 -23.70 -13.26
C HIS B 258 -19.84 -23.87 -13.26
N ARG B 259 -19.22 -23.52 -12.15
CA ARG B 259 -17.82 -23.84 -11.93
C ARG B 259 -17.74 -25.29 -11.43
N MET B 260 -16.55 -25.88 -11.51
CA MET B 260 -16.37 -27.30 -11.23
C MET B 260 -15.28 -27.68 -10.22
N GLY B 261 -14.54 -26.70 -9.69
CA GLY B 261 -13.43 -27.00 -8.79
C GLY B 261 -12.20 -27.47 -9.54
N ALA B 262 -11.28 -28.08 -8.80
CA ALA B 262 -9.94 -28.41 -9.33
C ALA B 262 -9.92 -29.68 -10.16
N ILE B 263 -10.88 -29.81 -11.07
CA ILE B 263 -10.94 -30.91 -12.02
C ILE B 263 -10.87 -30.26 -13.39
N PHE B 264 -10.00 -30.78 -14.26
CA PHE B 264 -9.57 -30.04 -15.46
C PHE B 264 -9.91 -30.66 -16.82
N GLY B 265 -10.56 -31.82 -16.80
CA GLY B 265 -10.90 -32.51 -18.05
C GLY B 265 -11.66 -31.61 -19.00
N GLY B 266 -12.66 -30.91 -18.46
CA GLY B 266 -13.43 -29.95 -19.23
C GLY B 266 -12.56 -28.88 -19.87
N MET B 267 -11.56 -28.38 -19.13
CA MET B 267 -10.66 -27.36 -19.66
C MET B 267 -9.90 -27.87 -20.87
N TYR B 268 -9.39 -29.10 -20.78
CA TYR B 268 -8.60 -29.68 -21.86
C TYR B 268 -9.49 -29.95 -23.09
N ILE B 269 -10.61 -30.60 -22.86
CA ILE B 269 -11.55 -30.91 -23.96
C ILE B 269 -12.05 -29.63 -24.61
N SER B 270 -12.38 -28.63 -23.79
CA SER B 270 -12.82 -27.33 -24.31
C SER B 270 -11.75 -26.72 -25.21
N GLY B 271 -10.51 -26.75 -24.77
CA GLY B 271 -9.42 -26.19 -25.57
C GLY B 271 -9.24 -26.97 -26.85
N LYS B 272 -9.30 -28.30 -26.75
CA LYS B 272 -9.19 -29.15 -27.95
C LYS B 272 -10.32 -28.87 -28.95
N LYS B 273 -11.54 -28.76 -28.44
CA LYS B 273 -12.70 -28.48 -29.29
C LYS B 273 -12.59 -27.13 -29.95
N CYS B 274 -12.19 -26.13 -29.18
CA CYS B 274 -11.95 -24.80 -29.73
C CYS B 274 -10.98 -24.87 -30.89
N ALA B 275 -9.92 -25.64 -30.72
CA ALA B 275 -8.92 -25.79 -31.78
C ALA B 275 -9.55 -26.38 -33.04
N GLU B 276 -10.30 -27.46 -32.87
CA GLU B 276 -10.92 -28.14 -34.01
C GLU B 276 -11.87 -27.21 -34.78
N MET B 277 -12.69 -26.47 -34.05
CA MET B 277 -13.60 -25.51 -34.67
C MET B 277 -12.86 -24.49 -35.50
N ILE B 278 -11.77 -23.96 -34.95
CA ILE B 278 -10.99 -22.92 -35.64
C ILE B 278 -10.20 -23.50 -36.82
N VAL B 279 -9.66 -24.70 -36.66
CA VAL B 279 -8.95 -25.36 -37.76
C VAL B 279 -9.91 -25.52 -38.94
N GLU B 280 -11.12 -26.01 -38.68
CA GLU B 280 -12.15 -26.15 -39.71
C GLU B 280 -12.38 -24.84 -40.46
N LYS B 281 -12.54 -23.73 -39.71
CA LYS B 281 -12.79 -22.44 -40.34
C LYS B 281 -11.61 -21.95 -41.17
N LEU B 282 -10.40 -22.26 -40.71
CA LEU B 282 -9.20 -21.87 -41.44
C LEU B 282 -9.07 -22.65 -42.76
N LYS B 283 -9.41 -23.94 -42.73
CA LYS B 283 -9.39 -24.79 -43.93
C LYS B 283 -10.42 -24.35 -44.98
N ASN B 284 -11.66 -24.12 -44.53
CA ASN B 284 -12.72 -23.60 -45.41
C ASN B 284 -12.34 -22.33 -46.14
N ASN B 285 -11.27 -21.66 -45.68
CA ASN B 285 -10.68 -20.54 -46.38
C ASN B 285 -9.25 -20.89 -46.78
N ARG C 27 -20.06 -37.18 -22.44
CA ARG C 27 -20.71 -37.09 -21.09
C ARG C 27 -19.69 -37.24 -19.96
N LEU C 28 -19.10 -36.12 -19.53
CA LEU C 28 -18.07 -36.12 -18.50
C LEU C 28 -18.64 -36.38 -17.12
N ARG C 29 -17.88 -37.11 -16.31
CA ARG C 29 -18.30 -37.50 -14.98
C ARG C 29 -17.39 -36.80 -13.96
N ALA C 30 -18.00 -36.12 -13.00
CA ALA C 30 -17.26 -35.27 -12.05
C ALA C 30 -18.05 -35.10 -10.77
N ASP C 31 -17.37 -35.20 -9.64
CA ASP C 31 -17.98 -35.03 -8.33
C ASP C 31 -17.06 -34.19 -7.44
N GLU C 32 -17.65 -33.34 -6.61
CA GLU C 32 -16.89 -32.39 -5.79
C GLU C 32 -16.12 -33.15 -4.70
N TYR C 33 -16.80 -34.03 -3.99
CA TYR C 33 -16.19 -34.81 -2.92
C TYR C 33 -15.06 -35.69 -3.44
N ALA C 34 -15.26 -36.31 -4.59
CA ALA C 34 -14.26 -37.23 -5.14
C ALA C 34 -13.01 -36.46 -5.58
N THR C 35 -13.22 -35.30 -6.19
CA THR C 35 -12.12 -34.41 -6.61
C THR C 35 -11.30 -33.98 -5.39
N THR C 36 -12.00 -33.47 -4.39
CA THR C 36 -11.37 -33.04 -3.16
C THR C 36 -10.63 -34.18 -2.46
N ARG C 37 -11.30 -35.34 -2.33
CA ARG C 37 -10.70 -36.50 -1.68
C ARG C 37 -9.43 -36.93 -2.40
N ALA C 38 -9.50 -36.98 -3.71
CA ALA C 38 -8.38 -37.41 -4.53
C ALA C 38 -7.16 -36.51 -4.35
N ILE C 39 -7.39 -35.20 -4.29
CA ILE C 39 -6.30 -34.22 -4.14
C ILE C 39 -5.68 -34.37 -2.76
N LEU C 40 -6.51 -34.51 -1.73
CA LEU C 40 -6.04 -34.72 -0.39
C LEU C 40 -5.17 -35.98 -0.24
N LYS C 41 -5.61 -37.08 -0.85
CA LYS C 41 -4.89 -38.35 -0.74
C LYS C 41 -3.52 -38.31 -1.44
N SER C 42 -3.48 -37.76 -2.65
CA SER C 42 -2.21 -37.63 -3.36
C SER C 42 -1.24 -36.70 -2.62
N ALA C 43 -1.77 -35.59 -2.10
CA ALA C 43 -0.94 -34.59 -1.43
C ALA C 43 -0.37 -35.12 -0.13
N PHE C 44 -1.22 -35.79 0.64
CA PHE C 44 -0.73 -36.29 1.91
CA PHE C 44 -0.87 -36.45 1.93
C PHE C 44 0.24 -37.49 1.76
N ASP C 45 0.06 -38.33 0.76
CA ASP C 45 1.05 -39.37 0.44
C ASP C 45 2.37 -38.71 0.03
N MET C 46 2.28 -37.71 -0.85
CA MET C 46 3.46 -36.98 -1.31
C MET C 46 4.21 -36.39 -0.12
N TRP C 47 3.50 -35.71 0.76
CA TRP C 47 4.12 -35.03 1.90
C TRP C 47 4.84 -35.99 2.86
N LEU C 48 4.19 -37.10 3.18
CA LEU C 48 4.76 -38.08 4.11
C LEU C 48 6.04 -38.70 3.57
N ASP C 49 6.12 -38.78 2.25
CA ASP C 49 7.31 -39.28 1.59
C ASP C 49 8.41 -38.22 1.48
N ILE C 50 8.04 -36.97 1.23
CA ILE C 50 9.02 -35.96 0.83
C ILE C 50 9.74 -35.31 2.02
N ILE C 51 9.27 -35.56 3.25
CA ILE C 51 9.87 -34.91 4.40
C ILE C 51 11.23 -35.49 4.85
N ASP C 52 11.73 -36.50 4.12
CA ASP C 52 13.11 -36.97 4.27
C ASP C 52 13.66 -37.28 2.89
N VAL C 53 14.77 -36.66 2.55
CA VAL C 53 15.34 -36.77 1.21
C VAL C 53 16.85 -36.90 1.28
N ASP C 54 17.47 -37.20 0.14
CA ASP C 54 18.92 -37.15 0.03
C ASP C 54 19.35 -35.69 -0.11
N VAL C 55 18.75 -35.00 -1.07
CA VAL C 55 19.09 -33.61 -1.36
C VAL C 55 17.87 -32.69 -1.45
N ALA C 56 17.93 -31.58 -0.73
CA ALA C 56 16.92 -30.51 -0.83
C ALA C 56 17.59 -29.33 -1.51
N ILE C 57 17.15 -29.05 -2.74
CA ILE C 57 17.62 -27.89 -3.48
C ILE C 57 16.66 -26.71 -3.30
N VAL C 58 17.19 -25.55 -2.91
CA VAL C 58 16.37 -24.37 -2.67
C VAL C 58 16.50 -23.43 -3.85
N GLY C 59 15.41 -23.27 -4.59
CA GLY C 59 15.41 -22.43 -5.77
C GLY C 59 15.19 -23.25 -7.02
N GLY C 60 14.13 -22.93 -7.75
CA GLY C 60 13.79 -23.63 -8.98
C GLY C 60 14.12 -22.79 -10.19
N GLY C 61 15.23 -22.05 -10.11
CA GLY C 61 15.80 -21.38 -11.28
C GLY C 61 16.66 -22.31 -12.11
N PRO C 62 17.38 -21.75 -13.10
CA PRO C 62 18.18 -22.56 -14.02
C PRO C 62 19.27 -23.41 -13.35
N SER C 63 19.93 -22.85 -12.34
CA SER C 63 20.99 -23.60 -11.67
C SER C 63 20.38 -24.72 -10.83
N GLY C 64 19.35 -24.39 -10.04
CA GLY C 64 18.66 -25.39 -9.22
C GLY C 64 18.02 -26.54 -10.01
N LEU C 65 17.39 -26.23 -11.14
CA LEU C 65 16.72 -27.26 -11.92
C LEU C 65 17.72 -28.18 -12.62
N THR C 66 18.84 -27.61 -13.04
CA THR C 66 19.92 -28.39 -13.64
C THR C 66 20.52 -29.32 -12.59
N ALA C 67 20.87 -28.77 -11.43
CA ALA C 67 21.38 -29.57 -10.33
C ALA C 67 20.43 -30.71 -10.00
N ALA C 68 19.14 -30.42 -9.98
CA ALA C 68 18.14 -31.43 -9.62
C ALA C 68 18.14 -32.59 -10.60
N ARG C 69 18.23 -32.28 -11.89
CA ARG C 69 18.21 -33.30 -12.92
C ARG C 69 19.40 -34.25 -12.76
N TYR C 70 20.60 -33.67 -12.69
CA TYR C 70 21.82 -34.47 -12.66
C TYR C 70 21.98 -35.30 -11.39
N ILE C 71 21.40 -34.88 -10.28
CA ILE C 71 21.41 -35.71 -9.08
C ILE C 71 20.35 -36.82 -9.14
N ALA C 72 19.14 -36.47 -9.58
CA ALA C 72 18.03 -37.43 -9.61
C ALA C 72 18.30 -38.53 -10.63
N LYS C 73 18.88 -38.12 -11.75
CA LYS C 73 19.37 -38.99 -12.82
C LYS C 73 20.21 -40.17 -12.31
N GLU C 74 20.94 -39.97 -11.21
CA GLU C 74 21.73 -41.03 -10.58
C GLU C 74 20.96 -41.84 -9.55
N GLY C 75 19.64 -41.66 -9.48
CA GLY C 75 18.79 -42.48 -8.62
C GLY C 75 18.57 -42.00 -7.19
N TYR C 76 19.09 -40.82 -6.87
CA TYR C 76 18.93 -40.28 -5.52
C TYR C 76 17.61 -39.52 -5.37
N LYS C 77 17.15 -39.37 -4.13
CA LYS C 77 15.89 -38.73 -3.82
C LYS C 77 16.05 -37.22 -3.62
N VAL C 78 15.55 -36.46 -4.60
CA VAL C 78 15.74 -35.01 -4.67
C VAL C 78 14.41 -34.24 -4.61
N VAL C 79 14.36 -33.18 -3.81
CA VAL C 79 13.27 -32.21 -3.85
C VAL C 79 13.82 -30.82 -4.12
N VAL C 80 13.16 -30.10 -5.02
CA VAL C 80 13.41 -28.68 -5.27
C VAL C 80 12.31 -27.86 -4.59
N LEU C 81 12.70 -26.85 -3.82
CA LEU C 81 11.76 -25.98 -3.13
C LEU C 81 11.85 -24.58 -3.71
N GLU C 82 10.74 -24.11 -4.26
CA GLU C 82 10.71 -22.82 -4.96
C GLU C 82 9.63 -21.95 -4.34
N ARG C 83 9.98 -20.72 -4.01
CA ARG C 83 9.05 -19.76 -3.41
C ARG C 83 7.81 -19.53 -4.28
N HIS C 84 8.04 -19.14 -5.53
CA HIS C 84 6.93 -18.76 -6.42
C HIS C 84 6.16 -19.97 -6.89
N LEU C 85 4.91 -19.74 -7.30
CA LEU C 85 4.04 -20.84 -7.70
C LEU C 85 4.53 -21.51 -8.98
N ALA C 86 5.11 -20.71 -9.86
CA ALA C 86 5.82 -21.24 -11.02
C ALA C 86 7.33 -21.38 -10.74
N PHE C 87 7.93 -22.41 -11.34
CA PHE C 87 9.39 -22.55 -11.39
C PHE C 87 9.97 -21.55 -12.38
N GLY C 88 11.29 -21.59 -12.57
CA GLY C 88 11.93 -20.82 -13.64
C GLY C 88 12.81 -19.69 -13.15
N GLY C 89 12.57 -19.22 -11.93
CA GLY C 89 13.35 -18.13 -11.36
C GLY C 89 13.35 -16.90 -12.23
N GLY C 90 14.51 -16.26 -12.34
CA GLY C 90 14.62 -14.99 -13.09
C GLY C 90 14.95 -15.14 -14.56
N THR C 91 14.39 -16.16 -15.21
CA THR C 91 14.69 -16.45 -16.62
C THR C 91 13.60 -15.99 -17.61
N TRP C 92 12.34 -15.99 -17.16
CA TRP C 92 11.18 -15.78 -18.04
C TRP C 92 11.24 -14.53 -18.89
N GLY C 93 11.73 -13.43 -18.30
CA GLY C 93 11.77 -12.13 -18.97
C GLY C 93 12.99 -11.87 -19.86
N GLY C 94 13.86 -12.86 -20.01
CA GLY C 94 15.02 -12.72 -20.87
C GLY C 94 15.92 -11.57 -20.44
N GLY C 95 16.19 -10.66 -21.37
CA GLY C 95 16.98 -9.46 -21.07
C GLY C 95 16.13 -8.23 -21.20
N MET C 96 15.84 -7.59 -20.05
CA MET C 96 15.02 -6.39 -19.98
C MET C 96 13.66 -6.59 -20.67
N GLY C 97 13.09 -7.77 -20.55
CA GLY C 97 11.78 -8.06 -21.14
C GLY C 97 11.84 -8.68 -22.53
N PHE C 98 12.93 -8.47 -23.25
CA PHE C 98 13.12 -9.11 -24.56
C PHE C 98 13.30 -10.61 -24.34
N PRO C 99 12.35 -11.43 -24.83
CA PRO C 99 12.23 -12.78 -24.30
C PRO C 99 13.20 -13.81 -24.91
N TYR C 100 14.49 -13.51 -24.84
CA TYR C 100 15.55 -14.45 -25.21
C TYR C 100 16.68 -14.40 -24.21
N ILE C 101 17.28 -15.56 -23.97
CA ILE C 101 18.50 -15.63 -23.17
C ILE C 101 19.62 -16.25 -24.00
N VAL C 102 20.83 -16.10 -23.50
CA VAL C 102 22.02 -16.48 -24.23
C VAL C 102 22.70 -17.61 -23.48
N VAL C 103 23.35 -18.50 -24.24
CA VAL C 103 24.19 -19.55 -23.67
C VAL C 103 25.43 -19.73 -24.55
N GLU C 104 26.58 -19.97 -23.91
CA GLU C 104 27.87 -20.15 -24.60
C GLU C 104 28.35 -21.59 -24.46
N GLU C 105 29.11 -22.09 -25.43
CA GLU C 105 29.64 -23.46 -25.32
C GLU C 105 30.60 -23.59 -24.14
N PRO C 106 30.72 -24.81 -23.58
CA PRO C 106 29.99 -26.01 -23.96
C PRO C 106 28.62 -26.15 -23.28
N ALA C 107 28.16 -25.10 -22.60
CA ALA C 107 26.94 -25.16 -21.79
C ALA C 107 25.68 -25.39 -22.62
N ASP C 108 25.71 -24.96 -23.89
CA ASP C 108 24.62 -25.21 -24.83
C ASP C 108 24.20 -26.67 -24.85
N GLU C 109 25.16 -27.56 -24.67
CA GLU C 109 24.93 -29.00 -24.65
C GLU C 109 23.97 -29.40 -23.53
N ILE C 110 24.02 -28.70 -22.40
CA ILE C 110 23.12 -28.99 -21.28
C ILE C 110 21.66 -28.66 -21.66
N LEU C 111 21.44 -27.58 -22.40
CA LEU C 111 20.10 -27.26 -22.89
C LEU C 111 19.63 -28.23 -23.99
N ARG C 112 20.55 -28.64 -24.86
CA ARG C 112 20.20 -29.62 -25.91
C ARG C 112 19.74 -30.93 -25.30
N GLU C 113 20.31 -31.33 -24.18
CA GLU C 113 19.90 -32.56 -23.50
C GLU C 113 18.44 -32.54 -23.05
N VAL C 114 17.87 -31.35 -22.82
CA VAL C 114 16.46 -31.25 -22.42
C VAL C 114 15.53 -30.78 -23.54
N GLY C 115 16.05 -30.67 -24.76
CA GLY C 115 15.23 -30.44 -25.95
C GLY C 115 15.09 -29.00 -26.41
N VAL C 116 15.86 -28.09 -25.82
CA VAL C 116 15.70 -26.68 -26.15
C VAL C 116 16.24 -26.39 -27.55
N LYS C 117 15.46 -25.66 -28.36
CA LYS C 117 15.91 -25.18 -29.66
C LYS C 117 16.87 -24.03 -29.45
N LEU C 118 18.02 -24.08 -30.12
CA LEU C 118 19.04 -23.04 -30.02
C LEU C 118 19.33 -22.49 -31.38
N GLU C 119 19.55 -21.20 -31.46
CA GLU C 119 19.89 -20.55 -32.72
C GLU C 119 21.19 -19.79 -32.57
N LYS C 120 22.06 -19.93 -33.57
CA LYS C 120 23.38 -19.33 -33.53
C LYS C 120 23.26 -17.82 -33.55
N VAL C 121 24.17 -17.16 -32.86
CA VAL C 121 24.25 -15.72 -32.88
C VAL C 121 25.12 -15.32 -34.06
N GLU C 122 24.68 -14.30 -34.81
CA GLU C 122 25.39 -13.82 -35.99
C GLU C 122 26.74 -13.24 -35.62
N GLY C 123 27.79 -13.67 -36.32
CA GLY C 123 29.16 -13.17 -36.10
C GLY C 123 29.80 -13.64 -34.79
N GLU C 124 29.29 -14.71 -34.19
CA GLU C 124 29.77 -15.19 -32.91
C GLU C 124 29.78 -16.71 -32.89
N ASP C 125 30.94 -17.30 -32.70
CA ASP C 125 31.06 -18.75 -32.64
C ASP C 125 30.80 -19.25 -31.23
N GLY C 126 30.13 -20.38 -31.13
CA GLY C 126 29.82 -20.97 -29.82
C GLY C 126 28.91 -20.14 -28.92
N LEU C 127 28.07 -19.29 -29.52
CA LEU C 127 27.11 -18.47 -28.80
C LEU C 127 25.71 -18.67 -29.39
N TYR C 128 24.74 -18.95 -28.54
CA TYR C 128 23.38 -19.25 -28.99
C TYR C 128 22.33 -18.46 -28.20
N THR C 129 21.18 -18.22 -28.83
CA THR C 129 20.00 -17.70 -28.13
C THR C 129 18.92 -18.78 -28.03
N ALA C 130 18.05 -18.63 -27.04
CA ALA C 130 16.92 -19.51 -26.82
C ALA C 130 15.74 -18.72 -26.26
N ASP C 131 14.53 -19.13 -26.66
CA ASP C 131 13.26 -18.58 -26.19
C ASP C 131 13.21 -18.67 -24.67
N SER C 132 13.09 -17.51 -24.01
CA SER C 132 13.13 -17.45 -22.55
C SER C 132 11.94 -18.11 -21.83
N VAL C 133 10.90 -18.46 -22.59
CA VAL C 133 9.76 -19.20 -22.04
C VAL C 133 9.96 -20.70 -22.19
N GLU C 134 10.55 -21.09 -23.33
CA GLU C 134 10.84 -22.51 -23.60
C GLU C 134 11.81 -23.11 -22.59
N VAL C 135 12.84 -22.34 -22.24
CA VAL C 135 13.93 -22.88 -21.41
C VAL C 135 13.43 -23.36 -20.04
N PRO C 136 12.73 -22.51 -19.29
CA PRO C 136 12.27 -22.96 -17.96
C PRO C 136 11.40 -24.20 -18.02
N ALA C 137 10.49 -24.23 -19.00
CA ALA C 137 9.60 -25.38 -19.19
C ALA C 137 10.39 -26.66 -19.36
N LYS C 138 11.38 -26.61 -20.25
CA LYS C 138 12.17 -27.81 -20.57
C LYS C 138 13.14 -28.17 -19.46
N LEU C 139 13.72 -27.18 -18.78
CA LEU C 139 14.53 -27.45 -17.60
C LEU C 139 13.71 -28.19 -16.54
N ALA C 140 12.48 -27.74 -16.33
CA ALA C 140 11.64 -28.36 -15.31
C ALA C 140 11.27 -29.78 -15.67
N VAL C 141 10.91 -29.99 -16.93
CA VAL C 141 10.56 -31.33 -17.40
C VAL C 141 11.75 -32.28 -17.20
N GLY C 142 12.94 -31.83 -17.62
CA GLY C 142 14.17 -32.60 -17.43
C GLY C 142 14.33 -33.04 -15.99
N ALA C 143 14.14 -32.11 -15.05
CA ALA C 143 14.29 -32.43 -13.63
C ALA C 143 13.25 -33.43 -13.17
N ILE C 144 12.00 -33.21 -13.56
CA ILE C 144 10.92 -34.08 -13.11
C ILE C 144 11.03 -35.48 -13.70
N ASP C 145 11.30 -35.54 -15.00
CA ASP C 145 11.44 -36.84 -15.68
C ASP C 145 12.67 -37.63 -15.23
N ALA C 146 13.68 -36.93 -14.70
CA ALA C 146 14.82 -37.59 -14.07
C ALA C 146 14.48 -38.12 -12.67
N GLY C 147 13.33 -37.71 -12.14
CA GLY C 147 12.87 -38.20 -10.84
C GLY C 147 12.86 -37.18 -9.73
N ALA C 148 13.34 -35.96 -9.98
CA ALA C 148 13.30 -34.90 -8.97
C ALA C 148 11.87 -34.43 -8.75
N LYS C 149 11.49 -34.24 -7.49
CA LYS C 149 10.22 -33.63 -7.12
C LYS C 149 10.40 -32.11 -7.03
N VAL C 150 9.55 -31.36 -7.74
CA VAL C 150 9.58 -29.89 -7.65
C VAL C 150 8.34 -29.40 -6.91
N LEU C 151 8.56 -28.78 -5.76
CA LEU C 151 7.47 -28.18 -4.99
C LEU C 151 7.55 -26.67 -5.10
N THR C 152 6.45 -26.04 -5.55
CA THR C 152 6.39 -24.59 -5.68
C THR C 152 5.52 -24.03 -4.59
N GLY C 153 5.54 -22.72 -4.42
CA GLY C 153 4.81 -22.08 -3.31
C GLY C 153 5.38 -22.43 -1.95
N ILE C 154 6.68 -22.77 -1.89
CA ILE C 154 7.35 -23.16 -0.64
C ILE C 154 8.59 -22.30 -0.43
N VAL C 155 8.68 -21.70 0.73
CA VAL C 155 9.80 -20.86 1.10
C VAL C 155 10.63 -21.58 2.15
N VAL C 156 11.94 -21.69 1.89
CA VAL C 156 12.88 -22.09 2.93
C VAL C 156 13.25 -20.88 3.79
N GLU C 157 12.81 -20.86 5.03
CA GLU C 157 13.07 -19.73 5.89
C GLU C 157 14.26 -19.95 6.83
N ASP C 158 14.73 -21.18 6.97
CA ASP C 158 15.83 -21.47 7.90
C ASP C 158 16.43 -22.84 7.62
N LEU C 159 17.42 -23.23 8.43
CA LEU C 159 18.05 -24.53 8.32
C LEU C 159 17.86 -25.35 9.58
N VAL C 160 17.89 -26.67 9.40
CA VAL C 160 17.95 -27.61 10.50
C VAL C 160 19.43 -27.91 10.71
N LEU C 161 19.89 -27.82 11.95
CA LEU C 161 21.31 -28.02 12.26
C LEU C 161 21.57 -29.26 13.10
N ARG C 162 22.74 -29.85 12.88
CA ARG C 162 23.31 -30.85 13.80
C ARG C 162 24.77 -30.46 14.07
N GLU C 163 25.44 -31.24 14.91
CA GLU C 163 26.83 -30.97 15.26
C GLU C 163 27.64 -30.65 14.02
N ASN C 164 28.10 -29.40 13.92
CA ASN C 164 28.94 -28.97 12.81
C ASN C 164 28.39 -29.18 11.40
N ARG C 165 27.07 -29.21 11.23
CA ARG C 165 26.53 -29.29 9.88
C ARG C 165 25.05 -28.91 9.74
N VAL C 166 24.68 -28.68 8.48
CA VAL C 166 23.31 -28.46 8.07
C VAL C 166 22.72 -29.84 7.75
N ALA C 167 21.57 -30.15 8.34
CA ALA C 167 20.93 -31.46 8.21
C ALA C 167 19.50 -31.41 7.65
N GLY C 168 19.10 -30.27 7.07
CA GLY C 168 17.77 -30.12 6.51
C GLY C 168 17.35 -28.67 6.35
N VAL C 169 16.09 -28.50 5.95
CA VAL C 169 15.52 -27.17 5.72
C VAL C 169 14.23 -26.95 6.51
N VAL C 170 13.99 -25.68 6.84
CA VAL C 170 12.80 -25.25 7.55
C VAL C 170 11.92 -24.54 6.52
N ILE C 171 10.74 -25.08 6.28
CA ILE C 171 9.88 -24.62 5.18
C ILE C 171 8.57 -24.03 5.65
N ASN C 172 8.12 -23.01 4.92
CA ASN C 172 6.78 -22.48 5.09
C ASN C 172 6.20 -22.24 3.70
N SER C 173 4.90 -21.90 3.63
CA SER C 173 4.29 -21.65 2.33
C SER C 173 4.49 -20.18 1.93
N TYR C 174 4.63 -19.95 0.63
CA TYR C 174 4.63 -18.61 0.08
C TYR C 174 3.37 -17.86 0.46
N ALA C 175 2.22 -18.54 0.42
CA ALA C 175 0.96 -17.92 0.82
C ALA C 175 1.04 -17.35 2.23
N ILE C 176 1.53 -18.15 3.18
CA ILE C 176 1.67 -17.69 4.57
C ILE C 176 2.67 -16.52 4.68
N GLU C 177 3.77 -16.60 3.94
CA GLU C 177 4.76 -15.53 3.96
C GLU C 177 4.17 -14.24 3.42
N LYS C 178 3.61 -14.30 2.22
CA LYS C 178 3.08 -13.11 1.56
C LYS C 178 1.88 -12.54 2.29
N ALA C 179 1.07 -13.40 2.91
CA ALA C 179 -0.06 -12.94 3.72
C ALA C 179 0.37 -12.36 5.06
N GLY C 180 1.60 -12.63 5.49
CA GLY C 180 2.12 -12.09 6.75
C GLY C 180 1.55 -12.73 8.00
N LEU C 181 1.10 -13.98 7.88
CA LEU C 181 0.47 -14.68 9.02
C LEU C 181 1.53 -15.25 9.96
N HIS C 182 1.25 -15.28 11.25
CA HIS C 182 2.23 -15.73 12.24
C HIS C 182 2.03 -17.22 12.47
N ILE C 183 2.61 -18.01 11.59
CA ILE C 183 2.42 -19.46 11.57
C ILE C 183 3.78 -20.17 11.47
N ASP C 184 3.96 -21.19 12.30
CA ASP C 184 5.23 -21.90 12.37
C ASP C 184 5.49 -22.75 11.14
N PRO C 185 6.78 -22.96 10.82
CA PRO C 185 7.18 -23.80 9.70
C PRO C 185 7.18 -25.29 10.03
N ILE C 186 7.39 -26.12 9.01
CA ILE C 186 7.69 -27.55 9.22
C ILE C 186 9.06 -27.80 8.58
N THR C 187 9.48 -29.07 8.49
CA THR C 187 10.86 -29.41 8.09
C THR C 187 10.94 -30.52 7.08
N ILE C 188 11.99 -30.45 6.26
CA ILE C 188 12.40 -31.54 5.40
C ILE C 188 13.84 -31.91 5.79
N THR C 189 14.05 -33.17 6.18
CA THR C 189 15.38 -33.67 6.52
C THR C 189 16.14 -34.05 5.25
N ALA C 190 17.41 -33.67 5.19
CA ALA C 190 18.23 -33.94 4.02
C ALA C 190 19.67 -34.23 4.41
N LYS C 191 20.34 -35.04 3.62
CA LYS C 191 21.79 -35.25 3.79
C LYS C 191 22.54 -34.03 3.29
N TYR C 192 22.10 -33.48 2.15
CA TYR C 192 22.66 -32.25 1.61
C TYR C 192 21.58 -31.23 1.22
N VAL C 193 21.88 -29.95 1.45
CA VAL C 193 21.03 -28.84 1.05
C VAL C 193 21.82 -28.02 0.05
N VAL C 194 21.14 -27.47 -0.95
CA VAL C 194 21.77 -26.62 -1.95
C VAL C 194 21.08 -25.26 -1.98
N ASP C 195 21.85 -24.20 -1.81
CA ASP C 195 21.36 -22.84 -2.01
C ASP C 195 21.54 -22.51 -3.48
N ALA C 196 20.45 -22.58 -4.23
CA ALA C 196 20.40 -22.14 -5.62
C ALA C 196 19.40 -20.99 -5.77
N THR C 197 19.42 -20.08 -4.79
CA THR C 197 18.39 -19.04 -4.67
C THR C 197 18.68 -17.75 -5.43
N GLY C 198 19.75 -17.72 -6.23
CA GLY C 198 20.04 -16.56 -7.05
C GLY C 198 20.84 -15.49 -6.31
N HIS C 199 20.73 -14.26 -6.80
CA HIS C 199 21.46 -13.12 -6.28
C HIS C 199 21.48 -12.96 -4.76
N ASP C 200 20.38 -13.29 -4.08
CA ASP C 200 20.30 -13.05 -2.65
C ASP C 200 21.01 -14.09 -1.77
N ALA C 201 21.33 -15.25 -2.33
CA ALA C 201 21.90 -16.36 -1.55
C ALA C 201 21.18 -16.45 -0.21
N SER C 202 19.88 -16.66 -0.24
CA SER C 202 19.08 -16.42 0.96
C SER C 202 19.26 -17.48 2.04
N VAL C 203 19.62 -18.70 1.65
CA VAL C 203 19.83 -19.76 2.62
C VAL C 203 21.18 -19.59 3.33
N VAL C 204 22.25 -19.37 2.57
CA VAL C 204 23.55 -19.11 3.18
C VAL C 204 23.52 -17.84 4.01
N THR C 205 22.85 -16.81 3.50
CA THR C 205 22.68 -15.56 4.23
C THR C 205 21.99 -15.78 5.58
N THR C 206 20.94 -16.59 5.60
CA THR C 206 20.19 -16.85 6.83
C THR C 206 21.05 -17.64 7.83
N LEU C 207 21.74 -18.65 7.34
CA LEU C 207 22.66 -19.42 8.18
C LEU C 207 23.65 -18.48 8.83
N SER C 208 24.28 -17.64 8.04
CA SER C 208 25.33 -16.77 8.55
C SER C 208 24.81 -15.72 9.51
N ARG C 209 23.60 -15.21 9.26
CA ARG C 209 23.01 -14.16 10.09
C ARG C 209 22.60 -14.70 11.46
N LYS C 210 21.95 -15.86 11.48
CA LYS C 210 21.37 -16.38 12.73
C LYS C 210 22.39 -17.15 13.58
N ASN C 211 23.48 -17.58 12.97
CA ASN C 211 24.52 -18.34 13.65
C ASN C 211 25.88 -17.67 13.37
N PRO C 212 26.08 -16.47 13.95
CA PRO C 212 27.25 -15.65 13.64
C PRO C 212 28.57 -16.32 14.05
N GLU C 213 28.52 -17.13 15.10
CA GLU C 213 29.70 -17.83 15.58
C GLU C 213 30.28 -18.83 14.57
N LEU C 214 29.53 -19.16 13.52
CA LEU C 214 30.09 -19.95 12.44
C LEU C 214 31.08 -19.16 11.59
N GLY C 215 31.09 -17.83 11.70
CA GLY C 215 32.01 -16.99 10.92
C GLY C 215 31.79 -17.01 9.42
N LEU C 216 30.58 -17.33 8.98
CA LEU C 216 30.26 -17.22 7.56
C LEU C 216 29.90 -15.79 7.22
N GLU C 217 30.15 -15.40 5.98
CA GLU C 217 29.80 -14.06 5.50
C GLU C 217 29.34 -14.15 4.06
N VAL C 218 28.34 -13.35 3.71
CA VAL C 218 27.88 -13.23 2.36
C VAL C 218 28.13 -11.79 1.94
N PRO C 219 29.25 -11.55 1.25
CA PRO C 219 29.54 -10.17 0.86
C PRO C 219 28.62 -9.64 -0.21
N GLY C 220 28.12 -10.52 -1.07
CA GLY C 220 27.34 -10.10 -2.22
C GLY C 220 28.19 -9.95 -3.46
N GLU C 221 27.54 -10.01 -4.61
CA GLU C 221 28.22 -9.96 -5.90
C GLU C 221 28.92 -8.63 -6.15
N LYS C 222 29.83 -8.65 -7.12
CA LYS C 222 30.46 -7.45 -7.64
C LYS C 222 29.67 -6.98 -8.86
N SER C 223 30.06 -5.85 -9.43
CA SER C 223 29.41 -5.34 -10.61
C SER C 223 29.66 -6.24 -11.82
N MET C 224 29.18 -5.82 -12.98
CA MET C 224 29.17 -6.74 -14.12
C MET C 224 30.53 -6.82 -14.83
N TRP C 225 31.02 -8.04 -14.98
CA TRP C 225 32.16 -8.35 -15.81
C TRP C 225 31.93 -9.79 -16.23
N ALA C 226 31.34 -9.96 -17.42
CA ALA C 226 30.73 -11.22 -17.80
C ALA C 226 31.71 -12.38 -17.84
N GLU C 227 32.85 -12.17 -18.47
CA GLU C 227 33.85 -13.24 -18.60
C GLU C 227 34.39 -13.66 -17.24
N LYS C 228 34.78 -12.68 -16.42
CA LYS C 228 35.26 -12.99 -15.07
C LYS C 228 34.17 -13.59 -14.19
N GLY C 229 32.93 -13.10 -14.33
CA GLY C 229 31.84 -13.65 -13.55
C GLY C 229 31.54 -15.10 -13.87
N GLU C 230 31.46 -15.42 -15.16
CA GLU C 230 31.17 -16.77 -15.61
C GLU C 230 32.22 -17.77 -15.14
N ASN C 231 33.49 -17.39 -15.21
CA ASN C 231 34.57 -18.33 -14.87
C ASN C 231 34.79 -18.48 -13.37
N ALA C 232 34.37 -17.47 -12.61
CA ALA C 232 34.43 -17.55 -11.15
C ALA C 232 33.43 -18.56 -10.58
N LEU C 233 32.34 -18.80 -11.31
CA LEU C 233 31.24 -19.65 -10.82
C LEU C 233 31.67 -21.07 -10.50
N LEU C 234 32.54 -21.64 -11.32
CA LEU C 234 32.94 -23.03 -11.15
C LEU C 234 33.76 -23.17 -9.88
N ARG C 235 34.64 -22.21 -9.65
CA ARG C 235 35.44 -22.20 -8.42
C ARG C 235 34.54 -21.95 -7.22
N ASN C 236 33.55 -21.08 -7.40
CA ASN C 236 32.67 -20.68 -6.31
C ASN C 236 31.54 -21.67 -5.99
N THR C 237 31.35 -22.66 -6.85
CA THR C 237 30.38 -23.70 -6.62
C THR C 237 30.96 -24.77 -5.70
N ARG C 238 30.56 -24.75 -4.43
CA ARG C 238 31.16 -25.65 -3.44
C ARG C 238 30.39 -25.74 -2.14
N GLU C 239 30.90 -26.57 -1.23
CA GLU C 239 30.30 -26.75 0.07
C GLU C 239 30.75 -25.60 0.95
N VAL C 240 29.81 -24.71 1.30
CA VAL C 240 30.11 -23.53 2.11
C VAL C 240 30.26 -23.87 3.58
N TYR C 241 29.56 -24.90 4.01
CA TYR C 241 29.56 -25.32 5.40
C TYR C 241 29.09 -26.76 5.28
N PRO C 242 29.50 -27.65 6.21
CA PRO C 242 29.17 -29.05 5.97
C PRO C 242 27.67 -29.28 5.83
N GLY C 243 27.29 -29.89 4.72
CA GLY C 243 25.88 -30.18 4.43
C GLY C 243 25.22 -29.15 3.52
N LEU C 244 25.87 -28.02 3.29
CA LEU C 244 25.30 -26.92 2.51
C LEU C 244 26.17 -26.49 1.33
N PHE C 245 25.70 -26.78 0.12
CA PHE C 245 26.35 -26.34 -1.11
C PHE C 245 25.71 -25.06 -1.63
N VAL C 246 26.39 -24.41 -2.54
CA VAL C 246 25.87 -23.23 -3.22
C VAL C 246 26.21 -23.33 -4.69
N CYS C 247 25.27 -22.93 -5.54
CA CYS C 247 25.46 -22.92 -6.98
C CYS C 247 24.65 -21.79 -7.60
N GLY C 248 24.86 -21.55 -8.90
CA GLY C 248 24.23 -20.44 -9.59
C GLY C 248 24.74 -19.10 -9.09
N MET C 249 23.98 -18.05 -9.30
CA MET C 249 24.39 -16.72 -8.88
C MET C 249 24.64 -16.62 -7.38
N ALA C 250 23.96 -17.44 -6.59
CA ALA C 250 24.21 -17.48 -5.16
C ALA C 250 25.70 -17.71 -4.86
N ALA C 251 26.38 -18.51 -5.69
CA ALA C 251 27.81 -18.82 -5.52
C ALA C 251 28.66 -17.57 -5.62
N ASN C 252 28.36 -16.72 -6.60
CA ASN C 252 29.08 -15.46 -6.73
C ASN C 252 28.67 -14.40 -5.72
N ALA C 253 27.53 -14.57 -5.06
CA ALA C 253 27.13 -13.68 -3.98
C ALA C 253 27.91 -14.03 -2.72
N VAL C 254 28.05 -15.33 -2.49
CA VAL C 254 28.77 -15.83 -1.32
C VAL C 254 30.28 -15.56 -1.43
N TYR C 255 30.86 -15.67 -2.62
CA TYR C 255 32.30 -15.50 -2.81
C TYR C 255 32.67 -14.25 -3.60
N ALA C 256 31.76 -13.29 -3.65
CA ALA C 256 32.02 -11.99 -4.28
C ALA C 256 32.55 -12.10 -5.71
N GLY C 257 31.95 -12.95 -6.52
CA GLY C 257 32.22 -12.94 -7.96
C GLY C 257 31.41 -11.87 -8.69
N HIS C 258 31.77 -11.60 -9.94
CA HIS C 258 31.06 -10.63 -10.76
C HIS C 258 29.76 -11.22 -11.27
N ARG C 259 28.80 -10.36 -11.56
CA ARG C 259 27.60 -10.75 -12.28
C ARG C 259 27.92 -10.74 -13.78
N MET C 260 27.09 -11.41 -14.58
CA MET C 260 27.38 -11.60 -15.99
C MET C 260 26.26 -11.21 -16.98
N GLY C 261 25.12 -10.74 -16.49
CA GLY C 261 24.01 -10.41 -17.37
C GLY C 261 23.27 -11.65 -17.83
N ALA C 262 22.46 -11.49 -18.89
CA ALA C 262 21.52 -12.52 -19.30
C ALA C 262 22.17 -13.62 -20.14
N ILE C 263 23.30 -14.12 -19.66
CA ILE C 263 23.98 -15.26 -20.27
C ILE C 263 24.03 -16.32 -19.20
N PHE C 264 23.67 -17.55 -19.55
CA PHE C 264 23.32 -18.57 -18.54
C PHE C 264 24.18 -19.83 -18.51
N GLY C 265 25.19 -19.91 -19.38
CA GLY C 265 26.05 -21.09 -19.44
C GLY C 265 26.65 -21.42 -18.09
N GLY C 266 27.15 -20.38 -17.42
CA GLY C 266 27.69 -20.53 -16.07
C GLY C 266 26.69 -21.10 -15.10
N MET C 267 25.43 -20.69 -15.19
CA MET C 267 24.39 -21.19 -14.30
C MET C 267 24.20 -22.69 -14.49
N TYR C 268 24.16 -23.13 -15.75
CA TYR C 268 23.93 -24.55 -16.06
C TYR C 268 25.14 -25.39 -15.62
N ILE C 269 26.33 -24.96 -16.00
CA ILE C 269 27.55 -25.69 -15.63
C ILE C 269 27.71 -25.72 -14.10
N SER C 270 27.45 -24.60 -13.45
CA SER C 270 27.49 -24.54 -11.99
C SER C 270 26.55 -25.57 -11.35
N GLY C 271 25.32 -25.63 -11.87
CA GLY C 271 24.35 -26.58 -11.36
C GLY C 271 24.79 -28.02 -11.61
N LYS C 272 25.29 -28.27 -12.81
CA LYS C 272 25.80 -29.61 -13.14
C LYS C 272 26.96 -30.02 -12.23
N LYS C 273 27.89 -29.09 -12.02
CA LYS C 273 29.05 -29.35 -11.16
C LYS C 273 28.63 -29.62 -9.73
N CYS C 274 27.71 -28.80 -9.24
CA CYS C 274 27.17 -28.99 -7.91
C CYS C 274 26.61 -30.41 -7.78
N ALA C 275 25.88 -30.85 -8.80
CA ALA C 275 25.31 -32.19 -8.79
C ALA C 275 26.41 -33.25 -8.68
N GLU C 276 27.44 -33.12 -9.51
CA GLU C 276 28.52 -34.10 -9.53
C GLU C 276 29.22 -34.20 -8.17
N MET C 277 29.53 -33.05 -7.58
CA MET C 277 30.15 -33.01 -6.26
C MET C 277 29.32 -33.74 -5.24
N ILE C 278 28.01 -33.50 -5.24
CA ILE C 278 27.12 -34.10 -4.24
C ILE C 278 26.92 -35.60 -4.51
N VAL C 279 26.82 -35.98 -5.78
CA VAL C 279 26.70 -37.39 -6.13
C VAL C 279 27.93 -38.15 -5.59
N GLU C 280 29.13 -37.61 -5.83
CA GLU C 280 30.35 -38.21 -5.30
C GLU C 280 30.27 -38.41 -3.78
N LYS C 281 29.83 -37.40 -3.05
CA LYS C 281 29.76 -37.52 -1.59
C LYS C 281 28.73 -38.54 -1.14
N LEU C 282 27.62 -38.66 -1.88
CA LEU C 282 26.59 -39.64 -1.57
C LEU C 282 27.10 -41.07 -1.80
N LYS C 283 27.85 -41.27 -2.88
CA LYS C 283 28.45 -42.59 -3.18
C LYS C 283 29.47 -43.02 -2.14
N ASN C 284 30.38 -42.12 -1.79
CA ASN C 284 31.37 -42.37 -0.74
C ASN C 284 30.75 -42.82 0.58
N ASN C 285 29.45 -42.61 0.72
CA ASN C 285 28.68 -43.14 1.83
C ASN C 285 27.63 -44.10 1.32
N ARG D 27 14.91 -33.37 30.92
CA ARG D 27 15.55 -33.69 29.61
C ARG D 27 14.50 -33.94 28.53
N LEU D 28 14.07 -32.87 27.85
CA LEU D 28 13.02 -32.98 26.82
C LEU D 28 13.53 -33.63 25.55
N ARG D 29 12.67 -34.42 24.92
CA ARG D 29 13.00 -35.15 23.70
C ARG D 29 12.17 -34.57 22.55
N ALA D 30 12.86 -34.23 21.45
CA ALA D 30 12.23 -33.53 20.33
C ALA D 30 13.02 -33.78 19.06
N ASP D 31 12.31 -34.03 17.97
CA ASP D 31 12.93 -34.27 16.67
C ASP D 31 12.12 -33.53 15.59
N GLU D 32 12.82 -33.02 14.58
CA GLU D 32 12.18 -32.19 13.55
C GLU D 32 11.30 -33.06 12.66
N TYR D 33 11.85 -34.16 12.19
CA TYR D 33 11.12 -35.08 11.33
C TYR D 33 9.87 -35.64 12.01
N ALA D 34 10.00 -35.98 13.29
CA ALA D 34 8.90 -36.60 14.01
C ALA D 34 7.78 -35.59 14.26
N THR D 35 8.15 -34.36 14.57
CA THR D 35 7.20 -33.25 14.74
C THR D 35 6.45 -33.00 13.42
N THR D 36 7.20 -32.86 12.34
CA THR D 36 6.61 -32.62 11.03
C THR D 36 5.69 -33.77 10.63
N ARG D 37 6.17 -35.00 10.76
CA ARG D 37 5.40 -36.19 10.39
C ARG D 37 4.09 -36.28 11.19
N ALA D 38 4.17 -36.01 12.48
CA ALA D 38 3.02 -36.07 13.34
C ALA D 38 1.94 -35.07 12.94
N ILE D 39 2.35 -33.86 12.56
CA ILE D 39 1.42 -32.81 12.20
C ILE D 39 0.74 -33.19 10.89
N LEU D 40 1.52 -33.67 9.94
CA LEU D 40 1.00 -34.10 8.67
C LEU D 40 -0.03 -35.23 8.80
N LYS D 41 0.25 -36.22 9.65
CA LYS D 41 -0.63 -37.35 9.83
C LYS D 41 -1.94 -36.97 10.48
N SER D 42 -1.90 -36.16 11.53
CA SER D 42 -3.13 -35.67 12.17
C SER D 42 -3.95 -34.80 11.20
N ALA D 43 -3.28 -33.94 10.45
CA ALA D 43 -3.98 -33.01 9.56
C ALA D 43 -4.65 -33.76 8.40
N PHE D 44 -3.92 -34.70 7.82
CA PHE D 44 -4.50 -35.40 6.69
CA PHE D 44 -4.38 -35.57 6.72
C PHE D 44 -5.61 -36.37 7.10
N ASP D 45 -5.55 -36.97 8.29
CA ASP D 45 -6.68 -37.74 8.84
C ASP D 45 -7.88 -36.84 9.08
N MET D 46 -7.63 -35.69 9.68
CA MET D 46 -8.68 -34.70 9.92
C MET D 46 -9.37 -34.31 8.60
N TRP D 47 -8.58 -33.95 7.60
CA TRP D 47 -9.12 -33.46 6.32
C TRP D 47 -9.97 -34.51 5.59
N LEU D 48 -9.49 -35.75 5.55
CA LEU D 48 -10.20 -36.82 4.87
C LEU D 48 -11.56 -37.10 5.52
N ASP D 49 -11.64 -36.85 6.82
CA ASP D 49 -12.87 -37.01 7.57
C ASP D 49 -13.82 -35.82 7.39
N ILE D 50 -13.26 -34.61 7.37
CA ILE D 50 -14.08 -33.41 7.51
C ILE D 50 -14.72 -32.95 6.19
N ILE D 51 -14.32 -33.54 5.06
CA ILE D 51 -14.85 -33.10 3.76
C ILE D 51 -16.27 -33.57 3.43
N ASP D 52 -16.89 -34.30 4.37
CA ASP D 52 -18.31 -34.59 4.31
C ASP D 52 -18.88 -34.49 5.72
N VAL D 53 -19.89 -33.64 5.89
CA VAL D 53 -20.44 -33.36 7.21
C VAL D 53 -21.96 -33.31 7.15
N ASP D 54 -22.62 -33.24 8.32
CA ASP D 54 -24.04 -32.94 8.38
C ASP D 54 -24.23 -31.44 8.15
N VAL D 55 -23.53 -30.63 8.94
CA VAL D 55 -23.66 -29.18 8.90
C VAL D 55 -22.31 -28.45 8.79
N ALA D 56 -22.22 -27.54 7.82
CA ALA D 56 -21.09 -26.63 7.71
C ALA D 56 -21.56 -25.24 8.07
N ILE D 57 -21.08 -24.74 9.20
CA ILE D 57 -21.38 -23.39 9.65
C ILE D 57 -20.24 -22.46 9.21
N VAL D 58 -20.60 -21.35 8.55
CA VAL D 58 -19.62 -20.38 8.06
C VAL D 58 -19.61 -19.19 8.99
N GLY D 59 -18.50 -19.02 9.70
CA GLY D 59 -18.33 -17.92 10.66
C GLY D 59 -18.21 -18.45 12.07
N GLY D 60 -17.09 -18.14 12.73
CA GLY D 60 -16.82 -18.57 14.09
C GLY D 60 -17.02 -17.43 15.07
N GLY D 61 -18.03 -16.59 14.81
CA GLY D 61 -18.46 -15.60 15.77
C GLY D 61 -19.45 -16.17 16.78
N PRO D 62 -20.07 -15.30 17.58
CA PRO D 62 -20.94 -15.75 18.66
C PRO D 62 -22.14 -16.56 18.16
N SER D 63 -22.75 -16.15 17.06
CA SER D 63 -23.92 -16.88 16.56
C SER D 63 -23.50 -18.25 16.04
N GLY D 64 -22.43 -18.28 15.24
CA GLY D 64 -21.93 -19.51 14.67
C GLY D 64 -21.44 -20.53 15.69
N LEU D 65 -20.75 -20.06 16.73
CA LEU D 65 -20.21 -20.97 17.73
C LEU D 65 -21.32 -21.52 18.62
N THR D 66 -22.36 -20.70 18.85
CA THR D 66 -23.52 -21.17 19.60
C THR D 66 -24.27 -22.23 18.79
N ALA D 67 -24.56 -21.92 17.52
CA ALA D 67 -25.20 -22.89 16.63
C ALA D 67 -24.43 -24.22 16.60
N ALA D 68 -23.11 -24.12 16.54
CA ALA D 68 -22.27 -25.32 16.44
C ALA D 68 -22.41 -26.21 17.69
N ARG D 69 -22.41 -25.58 18.85
CA ARG D 69 -22.54 -26.32 20.10
C ARG D 69 -23.85 -27.08 20.14
N TYR D 70 -24.96 -26.36 19.92
CA TYR D 70 -26.29 -26.97 20.04
C TYR D 70 -26.58 -28.06 19.02
N ILE D 71 -25.96 -28.00 17.85
CA ILE D 71 -26.12 -29.08 16.87
C ILE D 71 -25.25 -30.28 17.22
N ALA D 72 -23.99 -30.01 17.60
CA ALA D 72 -23.02 -31.09 17.85
C ALA D 72 -23.44 -31.86 19.09
N LYS D 73 -23.93 -31.12 20.07
CA LYS D 73 -24.51 -31.64 21.30
C LYS D 73 -25.52 -32.79 21.05
N GLU D 74 -26.23 -32.74 19.93
CA GLU D 74 -27.19 -33.79 19.56
C GLU D 74 -26.56 -34.92 18.75
N GLY D 75 -25.24 -34.96 18.66
CA GLY D 75 -24.53 -36.08 18.05
C GLY D 75 -24.28 -35.96 16.55
N TYR D 76 -24.61 -34.83 15.95
CA TYR D 76 -24.38 -34.65 14.51
C TYR D 76 -22.98 -34.13 14.20
N LYS D 77 -22.51 -34.37 12.98
CA LYS D 77 -21.17 -34.00 12.55
C LYS D 77 -21.15 -32.56 12.02
N VAL D 78 -20.52 -31.68 12.79
CA VAL D 78 -20.50 -30.24 12.53
C VAL D 78 -19.08 -29.70 12.33
N VAL D 79 -18.88 -28.88 11.29
CA VAL D 79 -17.66 -28.10 11.12
C VAL D 79 -18.00 -26.61 11.04
N VAL D 80 -17.20 -25.80 11.73
CA VAL D 80 -17.26 -24.35 11.65
C VAL D 80 -16.08 -23.89 10.79
N LEU D 81 -16.33 -23.03 9.82
CA LEU D 81 -15.27 -22.50 8.96
C LEU D 81 -15.16 -21.02 9.21
N GLU D 82 -13.98 -20.58 9.65
CA GLU D 82 -13.74 -19.19 10.03
C GLU D 82 -12.54 -18.64 9.26
N ARG D 83 -12.72 -17.47 8.65
CA ARG D 83 -11.69 -16.82 7.85
C ARG D 83 -10.42 -16.56 8.66
N HIS D 84 -10.55 -15.89 9.79
CA HIS D 84 -9.40 -15.48 10.57
C HIS D 84 -8.79 -16.65 11.31
N LEU D 85 -7.52 -16.52 11.68
CA LEU D 85 -6.82 -17.60 12.35
C LEU D 85 -7.38 -17.87 13.71
N ALA D 86 -7.82 -16.81 14.40
CA ALA D 86 -8.58 -16.96 15.63
C ALA D 86 -10.10 -16.93 15.36
N PHE D 87 -10.83 -17.69 16.17
CA PHE D 87 -12.29 -17.61 16.23
C PHE D 87 -12.69 -16.31 16.95
N GLY D 88 -14.00 -16.12 17.13
CA GLY D 88 -14.51 -15.04 17.98
C GLY D 88 -15.26 -13.97 17.22
N GLY D 89 -14.95 -13.81 15.94
CA GLY D 89 -15.59 -12.79 15.13
C GLY D 89 -15.38 -11.40 15.67
N GLY D 90 -16.44 -10.60 15.63
CA GLY D 90 -16.37 -9.19 16.05
C GLY D 90 -16.70 -8.96 17.52
N THR D 91 -16.28 -9.86 18.40
CA THR D 91 -16.57 -9.77 19.83
C THR D 91 -15.41 -9.23 20.67
N TRP D 92 -14.17 -9.54 20.27
CA TRP D 92 -12.98 -9.28 21.10
C TRP D 92 -12.86 -7.86 21.62
N GLY D 93 -13.17 -6.88 20.79
CA GLY D 93 -13.00 -5.47 21.15
C GLY D 93 -14.17 -4.83 21.92
N GLY D 94 -15.18 -5.62 22.27
CA GLY D 94 -16.30 -5.11 23.05
C GLY D 94 -17.02 -3.96 22.35
N GLY D 95 -17.13 -2.84 23.03
CA GLY D 95 -17.75 -1.66 22.47
C GLY D 95 -16.75 -0.56 22.33
N MET D 96 -16.39 -0.26 21.08
CA MET D 96 -15.41 0.75 20.76
C MET D 96 -14.06 0.51 21.47
N GLY D 97 -13.67 -0.74 21.65
CA GLY D 97 -12.40 -1.07 22.31
C GLY D 97 -12.54 -1.31 23.81
N PHE D 98 -13.58 -0.78 24.44
CA PHE D 98 -13.85 -1.07 25.86
C PHE D 98 -14.23 -2.54 25.97
N PRO D 99 -13.40 -3.35 26.66
CA PRO D 99 -13.49 -4.80 26.49
C PRO D 99 -14.58 -5.52 27.31
N TYR D 100 -15.80 -5.06 27.15
CA TYR D 100 -16.98 -5.73 27.71
C TYR D 100 -18.10 -5.75 26.69
N ILE D 101 -18.86 -6.83 26.70
CA ILE D 101 -20.10 -6.91 25.93
C ILE D 101 -21.28 -7.14 26.86
N VAL D 102 -22.48 -6.93 26.33
CA VAL D 102 -23.70 -6.96 27.11
C VAL D 102 -24.55 -8.13 26.63
N VAL D 103 -25.32 -8.70 27.57
CA VAL D 103 -26.30 -9.73 27.24
C VAL D 103 -27.54 -9.52 28.12
N GLU D 104 -28.72 -9.74 27.54
CA GLU D 104 -30.00 -9.56 28.23
C GLU D 104 -30.69 -10.92 28.41
N GLU D 105 -31.50 -11.07 29.46
CA GLU D 105 -32.21 -12.33 29.67
C GLU D 105 -33.20 -12.59 28.54
N PRO D 106 -33.50 -13.87 28.27
CA PRO D 106 -32.96 -15.06 28.93
C PRO D 106 -31.63 -15.54 28.33
N ALA D 107 -31.04 -14.75 27.43
CA ALA D 107 -29.86 -15.17 26.67
C ALA D 107 -28.63 -15.35 27.56
N ASP D 108 -28.58 -14.65 28.69
CA ASP D 108 -27.51 -14.83 29.68
C ASP D 108 -27.31 -16.29 30.04
N GLU D 109 -28.40 -17.05 30.07
CA GLU D 109 -28.37 -18.47 30.38
C GLU D 109 -27.50 -19.25 29.40
N ILE D 110 -27.47 -18.83 28.14
CA ILE D 110 -26.64 -19.51 27.12
C ILE D 110 -25.15 -19.34 27.44
N LEU D 111 -24.76 -18.15 27.91
CA LEU D 111 -23.37 -17.91 28.34
C LEU D 111 -23.03 -18.66 29.64
N ARG D 112 -23.97 -18.70 30.59
CA ARG D 112 -23.76 -19.46 31.84
C ARG D 112 -23.49 -20.94 31.55
N GLU D 113 -24.15 -21.49 30.53
CA GLU D 113 -23.93 -22.89 30.17
C GLU D 113 -22.48 -23.20 29.78
N VAL D 114 -21.76 -22.20 29.27
CA VAL D 114 -20.36 -22.40 28.87
C VAL D 114 -19.35 -21.79 29.87
N GLY D 115 -19.82 -21.32 31.02
CA GLY D 115 -18.96 -20.95 32.13
C GLY D 115 -18.60 -19.48 32.27
N VAL D 116 -19.23 -18.63 31.47
CA VAL D 116 -18.87 -17.22 31.47
C VAL D 116 -19.34 -16.56 32.75
N LYS D 117 -18.46 -15.79 33.38
CA LYS D 117 -18.82 -14.96 34.52
C LYS D 117 -19.61 -13.77 34.04
N LEU D 118 -20.74 -13.50 34.68
CA LEU D 118 -21.60 -12.36 34.31
C LEU D 118 -21.79 -11.46 35.50
N GLU D 119 -21.80 -10.15 35.26
CA GLU D 119 -22.02 -9.20 36.33
C GLU D 119 -23.22 -8.33 36.01
N LYS D 120 -24.07 -8.09 37.00
CA LYS D 120 -25.29 -7.34 36.82
C LYS D 120 -24.94 -5.91 36.46
N VAL D 121 -25.76 -5.30 35.62
CA VAL D 121 -25.63 -3.88 35.31
C VAL D 121 -26.41 -3.11 36.35
N GLU D 122 -25.82 -2.02 36.84
CA GLU D 122 -26.43 -1.19 37.88
C GLU D 122 -27.70 -0.51 37.36
N GLY D 123 -28.79 -0.62 38.11
CA GLY D 123 -30.07 0.01 37.75
C GLY D 123 -30.80 -0.64 36.58
N GLU D 124 -30.46 -1.88 36.26
CA GLU D 124 -31.04 -2.59 35.11
C GLU D 124 -31.26 -4.05 35.44
N ASP D 125 -32.50 -4.49 35.38
CA ASP D 125 -32.82 -5.89 35.66
C ASP D 125 -32.65 -6.72 34.42
N GLY D 126 -32.15 -7.94 34.59
CA GLY D 126 -31.96 -8.84 33.47
C GLY D 126 -30.95 -8.39 32.41
N LEU D 127 -29.99 -7.55 32.81
CA LEU D 127 -28.93 -7.08 31.93
C LEU D 127 -27.56 -7.32 32.58
N TYR D 128 -26.66 -7.94 31.83
CA TYR D 128 -25.36 -8.33 32.36
C TYR D 128 -24.22 -7.91 31.43
N THR D 129 -23.03 -7.69 31.99
CA THR D 129 -21.81 -7.52 31.22
C THR D 129 -20.91 -8.74 31.39
N ALA D 130 -20.05 -8.95 30.40
CA ALA D 130 -19.06 -10.02 30.40
C ALA D 130 -17.76 -9.56 29.71
N ASP D 131 -16.64 -10.03 30.23
CA ASP D 131 -15.31 -9.78 29.65
C ASP D 131 -15.31 -10.23 28.19
N SER D 132 -15.01 -9.28 27.28
CA SER D 132 -15.05 -9.55 25.84
C SER D 132 -13.99 -10.53 25.33
N VAL D 133 -13.00 -10.84 26.16
CA VAL D 133 -11.99 -11.84 25.82
C VAL D 133 -12.42 -13.21 26.31
N GLU D 134 -13.02 -13.25 27.50
CA GLU D 134 -13.51 -14.51 28.09
C GLU D 134 -14.58 -15.19 27.23
N VAL D 135 -15.50 -14.39 26.70
CA VAL D 135 -16.67 -14.94 26.00
C VAL D 135 -16.28 -15.81 24.80
N PRO D 136 -15.46 -15.26 23.86
CA PRO D 136 -15.10 -16.06 22.69
C PRO D 136 -14.41 -17.36 23.06
N ALA D 137 -13.52 -17.30 24.03
CA ALA D 137 -12.78 -18.48 24.48
C ALA D 137 -13.75 -19.57 24.93
N LYS D 138 -14.69 -19.18 25.78
CA LYS D 138 -15.65 -20.13 26.36
C LYS D 138 -16.70 -20.61 25.35
N LEU D 139 -17.13 -19.71 24.45
CA LEU D 139 -17.99 -20.13 23.36
C LEU D 139 -17.32 -21.21 22.52
N ALA D 140 -16.03 -21.00 22.20
CA ALA D 140 -15.30 -21.94 21.37
C ALA D 140 -15.14 -23.29 22.07
N VAL D 141 -14.78 -23.25 23.34
CA VAL D 141 -14.62 -24.50 24.12
C VAL D 141 -15.95 -25.26 24.14
N GLY D 142 -17.04 -24.56 24.43
CA GLY D 142 -18.38 -25.16 24.39
C GLY D 142 -18.63 -25.91 23.08
N ALA D 143 -18.31 -25.26 21.96
CA ALA D 143 -18.53 -25.88 20.65
C ALA D 143 -17.66 -27.11 20.45
N ILE D 144 -16.38 -26.99 20.79
CA ILE D 144 -15.43 -28.08 20.58
C ILE D 144 -15.72 -29.27 21.49
N ASP D 145 -16.00 -29.00 22.75
CA ASP D 145 -16.31 -30.06 23.71
C ASP D 145 -17.65 -30.74 23.43
N ALA D 146 -18.55 -30.04 22.74
CA ALA D 146 -19.79 -30.66 22.27
C ALA D 146 -19.54 -31.51 21.03
N GLY D 147 -18.36 -31.42 20.44
CA GLY D 147 -17.99 -32.26 19.30
C GLY D 147 -17.88 -31.55 17.96
N ALA D 148 -18.17 -30.25 17.93
CA ALA D 148 -17.99 -29.49 16.69
C ALA D 148 -16.49 -29.30 16.39
N LYS D 149 -16.13 -29.45 15.14
CA LYS D 149 -14.79 -29.13 14.66
C LYS D 149 -14.75 -27.66 14.23
N VAL D 150 -13.78 -26.90 14.72
CA VAL D 150 -13.59 -25.51 14.31
C VAL D 150 -12.31 -25.35 13.51
N LEU D 151 -12.46 -25.00 12.23
CA LEU D 151 -11.31 -24.78 11.36
C LEU D 151 -11.18 -23.29 11.09
N THR D 152 -10.00 -22.75 11.40
CA THR D 152 -9.73 -21.32 11.21
C THR D 152 -8.78 -21.15 10.04
N GLY D 153 -8.61 -19.92 9.58
CA GLY D 153 -7.83 -19.66 8.36
C GLY D 153 -8.48 -20.24 7.11
N ILE D 154 -9.81 -20.42 7.13
CA ILE D 154 -10.53 -21.01 5.99
C ILE D 154 -11.65 -20.08 5.53
N VAL D 155 -11.66 -19.75 4.25
CA VAL D 155 -12.67 -18.84 3.71
C VAL D 155 -13.62 -19.65 2.85
N VAL D 156 -14.92 -19.50 3.10
CA VAL D 156 -15.93 -20.00 2.17
C VAL D 156 -16.13 -18.98 1.06
N GLU D 157 -15.71 -19.32 -0.15
CA GLU D 157 -15.81 -18.38 -1.26
C GLU D 157 -17.03 -18.67 -2.17
N ASP D 158 -17.69 -19.80 -2.00
CA ASP D 158 -18.83 -20.13 -2.86
C ASP D 158 -19.61 -21.31 -2.29
N LEU D 159 -20.67 -21.71 -3.01
CA LEU D 159 -21.49 -22.84 -2.62
C LEU D 159 -21.43 -23.98 -3.63
N VAL D 160 -21.65 -25.18 -3.14
CA VAL D 160 -21.86 -26.34 -3.99
C VAL D 160 -23.37 -26.45 -4.15
N LEU D 161 -23.83 -26.61 -5.38
CA LEU D 161 -25.27 -26.66 -5.66
C LEU D 161 -25.72 -28.03 -6.17
N ARG D 162 -26.97 -28.35 -5.87
CA ARG D 162 -27.69 -29.44 -6.55
C ARG D 162 -29.08 -28.92 -6.93
N GLU D 163 -29.87 -29.77 -7.57
CA GLU D 163 -31.22 -29.38 -8.00
C GLU D 163 -31.92 -28.66 -6.87
N ASN D 164 -32.20 -27.39 -7.08
CA ASN D 164 -32.94 -26.60 -6.11
C ASN D 164 -32.43 -26.54 -4.70
N ARG D 165 -31.11 -26.72 -4.50
CA ARG D 165 -30.58 -26.55 -3.16
C ARG D 165 -29.06 -26.37 -3.09
N VAL D 166 -28.65 -25.90 -1.92
CA VAL D 166 -27.23 -25.81 -1.54
C VAL D 166 -26.86 -27.13 -0.89
N ALA D 167 -25.79 -27.76 -1.38
CA ALA D 167 -25.34 -29.07 -0.93
C ALA D 167 -23.90 -29.10 -0.38
N GLY D 168 -23.34 -27.93 -0.07
CA GLY D 168 -21.99 -27.85 0.46
C GLY D 168 -21.35 -26.47 0.31
N VAL D 169 -20.06 -26.39 0.67
CA VAL D 169 -19.30 -25.14 0.60
C VAL D 169 -17.99 -25.31 -0.17
N VAL D 170 -17.60 -24.23 -0.82
CA VAL D 170 -16.38 -24.14 -1.59
C VAL D 170 -15.40 -23.33 -0.72
N ILE D 171 -14.27 -23.95 -0.38
CA ILE D 171 -13.35 -23.39 0.62
C ILE D 171 -11.97 -23.13 0.04
N ASN D 172 -11.37 -22.05 0.53
CA ASN D 172 -9.97 -21.76 0.27
C ASN D 172 -9.33 -21.28 1.57
N SER D 173 -8.01 -21.11 1.58
CA SER D 173 -7.34 -20.65 2.80
C SER D 173 -7.30 -19.16 2.84
N TYR D 174 -7.39 -18.61 4.04
CA TYR D 174 -7.19 -17.18 4.27
C TYR D 174 -5.83 -16.73 3.74
N ALA D 175 -4.81 -17.54 3.95
CA ALA D 175 -3.48 -17.23 3.44
C ALA D 175 -3.50 -17.01 1.91
N ILE D 176 -4.12 -17.92 1.18
CA ILE D 176 -4.22 -17.79 -0.27
C ILE D 176 -5.02 -16.55 -0.67
N GLU D 177 -6.11 -16.28 0.04
CA GLU D 177 -6.94 -15.12 -0.23
C GLU D 177 -6.16 -13.83 0.00
N LYS D 178 -5.60 -13.70 1.21
CA LYS D 178 -4.92 -12.46 1.58
C LYS D 178 -3.65 -12.26 0.72
N ALA D 179 -2.97 -13.36 0.36
CA ALA D 179 -1.80 -13.26 -0.52
C ALA D 179 -2.18 -12.94 -1.95
N GLY D 180 -3.45 -13.14 -2.34
CA GLY D 180 -3.90 -12.83 -3.71
C GLY D 180 -3.47 -13.84 -4.77
N LEU D 181 -3.20 -15.07 -4.37
CA LEU D 181 -2.68 -16.09 -5.29
C LEU D 181 -3.83 -16.71 -6.06
N HIS D 182 -3.57 -17.08 -7.31
CA HIS D 182 -4.62 -17.61 -8.18
C HIS D 182 -4.63 -19.13 -8.06
N ILE D 183 -5.30 -19.60 -7.02
CA ILE D 183 -5.33 -21.02 -6.67
C ILE D 183 -6.76 -21.48 -6.43
N ASP D 184 -7.11 -22.61 -7.03
CA ASP D 184 -8.49 -23.14 -6.94
C ASP D 184 -8.86 -23.65 -5.55
N PRO D 185 -10.15 -23.58 -5.21
CA PRO D 185 -10.65 -24.06 -3.93
C PRO D 185 -10.85 -25.58 -3.89
N ILE D 186 -11.17 -26.09 -2.71
CA ILE D 186 -11.68 -27.46 -2.57
C ILE D 186 -13.06 -27.37 -1.90
N THR D 187 -13.65 -28.50 -1.53
CA THR D 187 -15.04 -28.53 -1.10
C THR D 187 -15.27 -29.34 0.14
N ILE D 188 -16.31 -28.93 0.89
CA ILE D 188 -16.86 -29.73 1.96
C ILE D 188 -18.35 -29.97 1.65
N THR D 189 -18.75 -31.24 1.56
CA THR D 189 -20.13 -31.60 1.31
C THR D 189 -20.90 -31.56 2.62
N ALA D 190 -22.10 -30.99 2.58
CA ALA D 190 -22.92 -30.85 3.76
C ALA D 190 -24.42 -31.01 3.42
N LYS D 191 -25.19 -31.53 4.36
CA LYS D 191 -26.65 -31.57 4.23
C LYS D 191 -27.21 -30.17 4.42
N TYR D 192 -26.69 -29.45 5.41
CA TYR D 192 -27.06 -28.06 5.63
C TYR D 192 -25.82 -27.15 5.76
N VAL D 193 -25.95 -25.93 5.24
CA VAL D 193 -24.95 -24.88 5.41
C VAL D 193 -25.60 -23.74 6.17
N VAL D 194 -24.83 -23.07 7.03
CA VAL D 194 -25.30 -21.93 7.79
C VAL D 194 -24.42 -20.72 7.51
N ASP D 195 -25.04 -19.62 7.09
CA ASP D 195 -24.36 -18.35 7.00
C ASP D 195 -24.45 -17.65 8.34
N ALA D 196 -23.36 -17.71 9.11
CA ALA D 196 -23.24 -16.98 10.36
C ALA D 196 -22.09 -15.97 10.27
N THR D 197 -21.98 -15.32 9.10
CA THR D 197 -20.82 -14.50 8.76
C THR D 197 -20.91 -13.05 9.17
N GLY D 198 -21.94 -12.69 9.92
CA GLY D 198 -22.05 -11.34 10.43
C GLY D 198 -22.68 -10.37 9.45
N HIS D 199 -22.39 -9.09 9.66
CA HIS D 199 -22.98 -7.99 8.88
C HIS D 199 -23.01 -8.20 7.36
N ASP D 200 -21.98 -8.81 6.80
CA ASP D 200 -21.88 -8.95 5.35
C ASP D 200 -22.76 -10.05 4.74
N ALA D 201 -23.24 -10.99 5.55
CA ALA D 201 -23.97 -12.15 5.03
C ALA D 201 -23.30 -12.65 3.76
N SER D 202 -22.03 -13.04 3.87
CA SER D 202 -21.22 -13.18 2.66
C SER D 202 -21.57 -14.43 1.85
N VAL D 203 -22.09 -15.46 2.52
CA VAL D 203 -22.45 -16.68 1.82
C VAL D 203 -23.76 -16.48 1.04
N VAL D 204 -24.78 -15.94 1.71
CA VAL D 204 -26.06 -15.67 1.03
C VAL D 204 -25.82 -14.65 -0.09
N THR D 205 -24.99 -13.64 0.19
CA THR D 205 -24.67 -12.61 -0.81
C THR D 205 -24.06 -13.24 -2.05
N THR D 206 -23.12 -14.16 -1.85
CA THR D 206 -22.47 -14.83 -2.98
C THR D 206 -23.45 -15.69 -3.77
N LEU D 207 -24.29 -16.44 -3.05
CA LEU D 207 -25.32 -17.23 -3.72
C LEU D 207 -26.18 -16.33 -4.61
N SER D 208 -26.64 -15.23 -4.06
CA SER D 208 -27.57 -14.37 -4.77
C SER D 208 -26.91 -13.68 -5.95
N ARG D 209 -25.63 -13.31 -5.80
CA ARG D 209 -24.89 -12.58 -6.83
C ARG D 209 -24.56 -13.48 -8.01
N LYS D 210 -24.09 -14.68 -7.75
CA LYS D 210 -23.64 -15.55 -8.83
C LYS D 210 -24.79 -16.36 -9.48
N ASN D 211 -25.93 -16.44 -8.81
CA ASN D 211 -27.08 -17.17 -9.32
C ASN D 211 -28.30 -16.25 -9.22
N PRO D 212 -28.32 -15.19 -10.05
CA PRO D 212 -29.36 -14.18 -9.99
C PRO D 212 -30.78 -14.72 -10.29
N GLU D 213 -30.87 -15.78 -11.11
CA GLU D 213 -32.16 -16.40 -11.42
C GLU D 213 -32.88 -16.99 -10.22
N LEU D 214 -32.17 -17.20 -9.11
CA LEU D 214 -32.82 -17.62 -7.87
C LEU D 214 -33.69 -16.51 -7.28
N GLY D 215 -33.45 -15.26 -7.68
CA GLY D 215 -34.22 -14.14 -7.15
C GLY D 215 -33.97 -13.79 -5.69
N LEU D 216 -32.85 -14.22 -5.13
CA LEU D 216 -32.51 -13.85 -3.76
C LEU D 216 -31.94 -12.45 -3.74
N GLU D 217 -32.13 -11.75 -2.64
CA GLU D 217 -31.57 -10.41 -2.49
C GLU D 217 -31.12 -10.19 -1.05
N VAL D 218 -30.00 -9.52 -0.90
CA VAL D 218 -29.50 -9.17 0.41
C VAL D 218 -29.51 -7.65 0.50
N PRO D 219 -30.56 -7.08 1.08
CA PRO D 219 -30.66 -5.62 1.12
C PRO D 219 -29.68 -4.99 2.10
N GLY D 220 -29.27 -5.74 3.12
CA GLY D 220 -28.41 -5.20 4.15
C GLY D 220 -29.22 -4.65 5.29
N GLU D 221 -28.59 -4.52 6.43
CA GLU D 221 -29.23 -4.07 7.66
C GLU D 221 -29.73 -2.65 7.58
N LYS D 222 -30.62 -2.32 8.51
CA LYS D 222 -31.04 -0.94 8.74
C LYS D 222 -30.21 -0.33 9.86
N SER D 223 -30.41 0.95 10.11
CA SER D 223 -29.67 1.65 11.16
C SER D 223 -30.02 1.11 12.54
N MET D 224 -29.45 1.70 13.58
CA MET D 224 -29.56 1.09 14.90
C MET D 224 -30.88 1.38 15.60
N TRP D 225 -31.55 0.30 15.99
CA TRP D 225 -32.72 0.35 16.87
C TRP D 225 -32.70 -0.97 17.62
N ALA D 226 -32.12 -0.94 18.82
CA ALA D 226 -31.68 -2.17 19.49
C ALA D 226 -32.82 -3.13 19.77
N GLU D 227 -33.91 -2.59 20.32
CA GLU D 227 -35.05 -3.44 20.67
C GLU D 227 -35.68 -4.08 19.44
N LYS D 228 -35.90 -3.29 18.40
CA LYS D 228 -36.45 -3.83 17.16
C LYS D 228 -35.49 -4.78 16.49
N GLY D 229 -34.20 -4.45 16.51
CA GLY D 229 -33.20 -5.32 15.90
C GLY D 229 -33.11 -6.68 16.58
N GLU D 230 -33.04 -6.67 17.91
CA GLU D 230 -32.94 -7.92 18.66
C GLU D 230 -34.12 -8.84 18.39
N ASN D 231 -35.34 -8.29 18.38
CA ASN D 231 -36.55 -9.10 18.24
C ASN D 231 -36.83 -9.55 16.81
N ALA D 232 -36.29 -8.82 15.82
CA ALA D 232 -36.38 -9.25 14.42
C ALA D 232 -35.54 -10.50 14.13
N LEU D 233 -34.48 -10.71 14.91
CA LEU D 233 -33.53 -11.80 14.66
C LEU D 233 -34.13 -13.19 14.67
N LEU D 234 -35.07 -13.42 15.58
CA LEU D 234 -35.67 -14.74 15.72
C LEU D 234 -36.55 -15.07 14.53
N ARG D 235 -37.29 -14.08 14.05
CA ARG D 235 -38.08 -14.22 12.84
C ARG D 235 -37.16 -14.39 11.63
N ASN D 236 -36.05 -13.65 11.63
CA ASN D 236 -35.13 -13.64 10.48
C ASN D 236 -34.17 -14.82 10.42
N THR D 237 -34.13 -15.61 11.48
CA THR D 237 -33.31 -16.80 11.51
C THR D 237 -34.05 -17.95 10.85
N ARG D 238 -33.67 -18.31 9.63
CA ARG D 238 -34.42 -19.32 8.87
C ARG D 238 -33.69 -19.81 7.64
N GLU D 239 -34.33 -20.74 6.94
CA GLU D 239 -33.79 -21.29 5.72
C GLU D 239 -34.08 -20.34 4.58
N VAL D 240 -33.03 -19.70 4.05
CA VAL D 240 -33.17 -18.70 2.98
C VAL D 240 -33.39 -19.35 1.63
N TYR D 241 -32.85 -20.54 1.45
CA TYR D 241 -32.93 -21.27 0.21
C TYR D 241 -32.68 -22.68 0.66
N PRO D 242 -33.20 -23.69 -0.06
CA PRO D 242 -33.09 -25.02 0.54
C PRO D 242 -31.64 -25.45 0.75
N GLY D 243 -31.34 -25.86 1.97
CA GLY D 243 -30.00 -26.27 2.36
C GLY D 243 -29.18 -25.15 3.02
N LEU D 244 -29.68 -23.92 2.99
CA LEU D 244 -28.94 -22.77 3.49
C LEU D 244 -29.70 -21.97 4.51
N PHE D 245 -29.24 -22.01 5.75
CA PHE D 245 -29.80 -21.19 6.82
C PHE D 245 -28.96 -19.95 7.05
N VAL D 246 -29.53 -19.01 7.79
CA VAL D 246 -28.84 -17.81 8.18
C VAL D 246 -29.18 -17.52 9.63
N CYS D 247 -28.17 -17.07 10.39
CA CYS D 247 -28.34 -16.67 11.77
C CYS D 247 -27.37 -15.55 12.11
N GLY D 248 -27.51 -15.00 13.31
CA GLY D 248 -26.71 -13.87 13.76
C GLY D 248 -27.05 -12.63 12.96
N MET D 249 -26.13 -11.67 12.92
CA MET D 249 -26.37 -10.42 12.19
C MET D 249 -26.63 -10.65 10.71
N ALA D 250 -26.08 -11.72 10.15
CA ALA D 250 -26.35 -12.07 8.77
C ALA D 250 -27.87 -12.15 8.51
N ALA D 251 -28.63 -12.62 9.49
CA ALA D 251 -30.07 -12.75 9.36
C ALA D 251 -30.73 -11.40 9.16
N ASN D 252 -30.31 -10.39 9.93
CA ASN D 252 -30.84 -9.05 9.74
C ASN D 252 -30.31 -8.32 8.49
N ALA D 253 -29.21 -8.80 7.93
CA ALA D 253 -28.71 -8.24 6.67
C ALA D 253 -29.57 -8.77 5.52
N VAL D 254 -29.86 -10.05 5.58
CA VAL D 254 -30.67 -10.71 4.56
C VAL D 254 -32.13 -10.21 4.57
N TYR D 255 -32.69 -9.94 5.76
CA TYR D 255 -34.09 -9.52 5.87
C TYR D 255 -34.28 -8.10 6.35
N ALA D 256 -33.24 -7.27 6.18
CA ALA D 256 -33.31 -5.86 6.51
C ALA D 256 -33.83 -5.56 7.92
N GLY D 257 -33.34 -6.28 8.92
CA GLY D 257 -33.58 -5.90 10.32
C GLY D 257 -32.62 -4.81 10.78
N HIS D 258 -32.92 -4.19 11.92
CA HIS D 258 -32.06 -3.16 12.50
C HIS D 258 -30.84 -3.80 13.17
N ARG D 259 -29.75 -3.04 13.26
CA ARG D 259 -28.61 -3.43 14.06
C ARG D 259 -28.90 -3.02 15.50
N MET D 260 -28.15 -3.58 16.45
CA MET D 260 -28.44 -3.41 17.88
C MET D 260 -27.28 -2.96 18.76
N GLY D 261 -26.09 -2.80 18.19
CA GLY D 261 -24.92 -2.43 18.99
C GLY D 261 -24.36 -3.62 19.75
N ALA D 262 -23.52 -3.34 20.74
CA ALA D 262 -22.72 -4.37 21.40
C ALA D 262 -23.51 -5.15 22.46
N ILE D 263 -24.72 -5.58 22.09
CA ILE D 263 -25.54 -6.43 22.93
C ILE D 263 -25.77 -7.71 22.14
N PHE D 264 -25.54 -8.85 22.77
CA PHE D 264 -25.37 -10.12 22.03
C PHE D 264 -26.40 -11.22 22.29
N GLY D 265 -27.39 -10.94 23.14
CA GLY D 265 -28.41 -11.95 23.45
C GLY D 265 -29.08 -12.48 22.19
N GLY D 266 -29.45 -11.56 21.30
CA GLY D 266 -30.02 -11.93 20.02
C GLY D 266 -29.14 -12.88 19.25
N MET D 267 -27.84 -12.60 19.23
CA MET D 267 -26.90 -13.46 18.51
C MET D 267 -26.94 -14.88 19.06
N TYR D 268 -26.93 -15.01 20.38
CA TYR D 268 -26.90 -16.33 21.01
C TYR D 268 -28.21 -17.08 20.78
N ILE D 269 -29.33 -16.41 21.01
CA ILE D 269 -30.63 -17.03 20.78
C ILE D 269 -30.83 -17.40 19.31
N SER D 270 -30.42 -16.50 18.41
CA SER D 270 -30.49 -16.79 16.98
C SER D 270 -29.73 -18.03 16.62
N GLY D 271 -28.51 -18.16 17.15
CA GLY D 271 -27.70 -19.35 16.89
C GLY D 271 -28.33 -20.61 17.46
N LYS D 272 -28.86 -20.50 18.68
CA LYS D 272 -29.54 -21.62 19.32
C LYS D 272 -30.75 -22.06 18.49
N LYS D 273 -31.55 -21.08 18.07
CA LYS D 273 -32.74 -21.37 17.27
C LYS D 273 -32.38 -22.02 15.95
N CYS D 274 -31.35 -21.48 15.30
CA CYS D 274 -30.87 -22.05 14.06
C CYS D 274 -30.52 -23.53 14.24
N ALA D 275 -29.84 -23.83 15.35
CA ALA D 275 -29.49 -25.22 15.68
C ALA D 275 -30.73 -26.11 15.81
N GLU D 276 -31.71 -25.64 16.57
CA GLU D 276 -32.94 -26.42 16.80
C GLU D 276 -33.70 -26.71 15.51
N MET D 277 -33.80 -25.70 14.64
CA MET D 277 -34.43 -25.88 13.34
C MET D 277 -33.73 -26.95 12.52
N ILE D 278 -32.40 -26.89 12.49
CA ILE D 278 -31.62 -27.83 11.68
C ILE D 278 -31.61 -29.23 12.29
N VAL D 279 -31.56 -29.32 13.62
CA VAL D 279 -31.65 -30.61 14.30
C VAL D 279 -32.99 -31.29 13.94
N GLU D 280 -34.08 -30.54 14.02
CA GLU D 280 -35.40 -31.06 13.62
C GLU D 280 -35.36 -31.64 12.20
N LYS D 281 -34.80 -30.90 11.25
CA LYS D 281 -34.77 -31.36 9.86
C LYS D 281 -33.91 -32.59 9.67
N LEU D 282 -32.82 -32.69 10.44
CA LEU D 282 -31.94 -33.85 10.39
C LEU D 282 -32.64 -35.10 10.93
N LYS D 283 -33.42 -34.93 12.02
CA LYS D 283 -34.19 -36.03 12.61
C LYS D 283 -35.27 -36.55 11.68
N ASN D 284 -36.06 -35.63 11.12
CA ASN D 284 -37.09 -35.99 10.14
C ASN D 284 -36.56 -36.83 8.97
N ASN D 285 -35.24 -36.83 8.80
CA ASN D 285 -34.58 -37.71 7.84
C ASN D 285 -33.68 -38.68 8.58
N ARG E 27 11.83 22.03 40.78
CA ARG E 27 11.73 20.57 41.11
C ARG E 27 10.33 20.03 40.82
N LEU E 28 10.11 19.58 39.58
CA LEU E 28 8.80 19.08 39.15
C LEU E 28 8.50 17.70 39.73
N ARG E 29 7.23 17.49 40.07
CA ARG E 29 6.76 16.26 40.68
C ARG E 29 5.85 15.54 39.69
N ALA E 30 6.14 14.27 39.44
CA ALA E 30 5.43 13.50 38.41
C ALA E 30 5.50 12.02 38.71
N ASP E 31 4.39 11.32 38.53
CA ASP E 31 4.31 9.89 38.77
C ASP E 31 3.49 9.23 37.67
N GLU E 32 3.89 8.03 37.25
CA GLU E 32 3.26 7.35 36.12
C GLU E 32 1.84 6.92 36.47
N TYR E 33 1.70 6.25 37.61
CA TYR E 33 0.41 5.78 38.09
C TYR E 33 -0.58 6.92 38.30
N ALA E 34 -0.10 8.03 38.84
CA ALA E 34 -0.98 9.15 39.13
C ALA E 34 -1.45 9.83 37.85
N THR E 35 -0.55 9.95 36.88
CA THR E 35 -0.86 10.51 35.56
C THR E 35 -1.92 9.64 34.88
N THR E 36 -1.66 8.33 34.84
CA THR E 36 -2.55 7.39 34.21
C THR E 36 -3.92 7.40 34.91
N ARG E 37 -3.91 7.34 36.23
CA ARG E 37 -5.16 7.32 37.01
C ARG E 37 -5.98 8.56 36.74
N ALA E 38 -5.31 9.71 36.73
CA ALA E 38 -5.98 10.99 36.51
C ALA E 38 -6.67 11.07 35.14
N ILE E 39 -6.00 10.57 34.11
CA ILE E 39 -6.53 10.59 32.77
C ILE E 39 -7.74 9.65 32.69
N LEU E 40 -7.63 8.48 33.28
CA LEU E 40 -8.74 7.53 33.32
C LEU E 40 -9.98 8.09 34.02
N LYS E 41 -9.78 8.77 35.16
CA LYS E 41 -10.90 9.30 35.93
C LYS E 41 -11.61 10.44 35.21
N SER E 42 -10.86 11.37 34.64
CA SER E 42 -11.48 12.45 33.87
C SER E 42 -12.23 11.91 32.64
N ALA E 43 -11.63 10.93 31.95
CA ALA E 43 -12.21 10.41 30.71
C ALA E 43 -13.48 9.64 30.99
N PHE E 44 -13.46 8.82 32.03
CA PHE E 44 -14.64 8.04 32.31
CA PHE E 44 -14.60 8.02 32.51
C PHE E 44 -15.79 8.89 32.88
N ASP E 45 -15.49 9.94 33.65
CA ASP E 45 -16.53 10.90 34.06
C ASP E 45 -17.11 11.60 32.84
N MET E 46 -16.24 12.05 31.95
CA MET E 46 -16.65 12.70 30.71
C MET E 46 -17.59 11.78 29.92
N TRP E 47 -17.17 10.55 29.68
CA TRP E 47 -17.95 9.61 28.87
C TRP E 47 -19.33 9.30 29.43
N LEU E 48 -19.41 9.08 30.74
CA LEU E 48 -20.69 8.76 31.39
C LEU E 48 -21.68 9.91 31.29
N ASP E 49 -21.16 11.12 31.23
CA ASP E 49 -21.96 12.32 31.07
C ASP E 49 -22.37 12.55 29.62
N ILE E 50 -21.46 12.29 28.68
CA ILE E 50 -21.65 12.73 27.31
C ILE E 50 -22.54 11.80 26.46
N ILE E 51 -22.87 10.63 26.97
CA ILE E 51 -23.63 9.66 26.18
C ILE E 51 -25.14 9.97 26.08
N ASP E 52 -25.57 11.07 26.68
CA ASP E 52 -26.90 11.61 26.46
C ASP E 52 -26.80 13.12 26.39
N VAL E 53 -27.29 13.70 25.31
CA VAL E 53 -27.12 15.13 25.04
C VAL E 53 -28.40 15.71 24.45
N ASP E 54 -28.46 17.03 24.34
CA ASP E 54 -29.52 17.68 23.59
C ASP E 54 -29.21 17.56 22.09
N VAL E 55 -28.01 17.98 21.70
CA VAL E 55 -27.60 17.98 20.31
C VAL E 55 -26.23 17.32 20.08
N ALA E 56 -26.19 16.40 19.11
CA ALA E 56 -24.93 15.80 18.64
C ALA E 56 -24.65 16.32 17.24
N ILE E 57 -23.61 17.15 17.13
CA ILE E 57 -23.18 17.68 15.84
C ILE E 57 -22.06 16.81 15.29
N VAL E 58 -22.20 16.37 14.04
CA VAL E 58 -21.21 15.51 13.41
C VAL E 58 -20.39 16.35 12.46
N GLY E 59 -19.11 16.52 12.80
CA GLY E 59 -18.20 17.31 11.97
C GLY E 59 -17.77 18.55 12.73
N GLY E 60 -16.45 18.69 12.91
CA GLY E 60 -15.86 19.82 13.60
C GLY E 60 -15.20 20.79 12.63
N GLY E 61 -15.83 20.96 11.47
CA GLY E 61 -15.45 22.01 10.54
C GLY E 61 -16.10 23.35 10.90
N PRO E 62 -15.98 24.33 10.00
CA PRO E 62 -16.49 25.67 10.28
C PRO E 62 -18.00 25.72 10.55
N SER E 63 -18.78 24.95 9.80
CA SER E 63 -20.23 24.99 10.00
C SER E 63 -20.60 24.33 11.33
N GLY E 64 -20.03 23.16 11.59
CA GLY E 64 -20.29 22.43 12.83
C GLY E 64 -19.85 23.17 14.09
N LEU E 65 -18.71 23.84 14.05
CA LEU E 65 -18.20 24.55 15.21
C LEU E 65 -18.99 25.84 15.47
N THR E 66 -19.47 26.48 14.41
CA THR E 66 -20.35 27.64 14.55
C THR E 66 -21.69 27.22 15.14
N ALA E 67 -22.31 26.18 14.57
CA ALA E 67 -23.54 25.63 15.11
C ALA E 67 -23.41 25.27 16.60
N ALA E 68 -22.29 24.65 16.97
CA ALA E 68 -22.07 24.23 18.34
C ALA E 68 -22.04 25.42 19.31
N ARG E 69 -21.37 26.49 18.91
CA ARG E 69 -21.26 27.68 19.74
C ARG E 69 -22.64 28.28 20.01
N TYR E 70 -23.39 28.53 18.94
CA TYR E 70 -24.68 29.20 19.06
C TYR E 70 -25.74 28.38 19.78
N ILE E 71 -25.65 27.06 19.75
CA ILE E 71 -26.55 26.24 20.56
C ILE E 71 -26.13 26.18 22.03
N ALA E 72 -24.83 25.99 22.28
CA ALA E 72 -24.32 25.85 23.65
C ALA E 72 -24.46 27.15 24.42
N LYS E 73 -24.23 28.25 23.71
CA LYS E 73 -24.47 29.62 24.18
C LYS E 73 -25.83 29.83 24.84
N GLU E 74 -26.85 29.10 24.39
CA GLU E 74 -28.19 29.16 24.98
C GLU E 74 -28.39 28.15 26.12
N GLY E 75 -27.32 27.53 26.60
CA GLY E 75 -27.38 26.68 27.79
C GLY E 75 -27.72 25.23 27.55
N TYR E 76 -27.80 24.81 26.29
CA TYR E 76 -28.12 23.40 25.99
C TYR E 76 -26.83 22.55 25.95
N LYS E 77 -27.01 21.24 26.14
CA LYS E 77 -25.91 20.29 26.19
C LYS E 77 -25.53 19.77 24.78
N VAL E 78 -24.38 20.21 24.29
CA VAL E 78 -23.92 19.95 22.93
C VAL E 78 -22.61 19.18 22.89
N VAL E 79 -22.55 18.15 22.03
CA VAL E 79 -21.29 17.49 21.69
C VAL E 79 -21.05 17.55 20.18
N VAL E 80 -19.81 17.87 19.81
CA VAL E 80 -19.33 17.81 18.43
C VAL E 80 -18.45 16.57 18.28
N LEU E 81 -18.75 15.73 17.28
CA LEU E 81 -17.99 14.52 17.01
C LEU E 81 -17.24 14.70 15.70
N GLU E 82 -15.91 14.61 15.78
CA GLU E 82 -15.05 14.84 14.63
C GLU E 82 -14.13 13.65 14.42
N ARG E 83 -14.08 13.16 13.18
CA ARG E 83 -13.25 12.00 12.82
C ARG E 83 -11.78 12.22 13.12
N HIS E 84 -11.21 13.30 12.62
CA HIS E 84 -9.79 13.52 12.76
C HIS E 84 -9.44 13.94 14.18
N LEU E 85 -8.17 13.77 14.53
CA LEU E 85 -7.71 14.09 15.89
C LEU E 85 -7.75 15.57 16.14
N ALA E 86 -7.47 16.36 15.12
CA ALA E 86 -7.69 17.81 15.19
C ALA E 86 -9.04 18.19 14.61
N PHE E 87 -9.63 19.23 15.18
CA PHE E 87 -10.82 19.89 14.61
C PHE E 87 -10.40 20.72 13.39
N GLY E 88 -11.36 21.42 12.79
CA GLY E 88 -11.07 22.40 11.74
C GLY E 88 -11.55 22.00 10.36
N GLY E 89 -11.76 20.70 10.13
CA GLY E 89 -12.23 20.22 8.85
C GLY E 89 -11.32 20.64 7.70
N GLY E 90 -11.93 21.04 6.59
CA GLY E 90 -11.16 21.37 5.39
C GLY E 90 -10.77 22.84 5.27
N THR E 91 -10.44 23.46 6.39
CA THR E 91 -10.11 24.89 6.42
C THR E 91 -8.60 25.18 6.45
N TRP E 92 -7.83 24.31 7.09
CA TRP E 92 -6.40 24.57 7.40
C TRP E 92 -5.54 25.00 6.21
N GLY E 93 -5.77 24.36 5.07
CA GLY E 93 -4.98 24.61 3.86
C GLY E 93 -5.41 25.81 3.02
N GLY E 94 -6.44 26.54 3.46
CA GLY E 94 -6.91 27.71 2.71
C GLY E 94 -7.36 27.37 1.28
N GLY E 95 -6.75 28.04 0.31
CA GLY E 95 -7.03 27.78 -1.10
C GLY E 95 -5.81 27.20 -1.79
N MET E 96 -5.91 25.91 -2.13
CA MET E 96 -4.81 25.20 -2.79
C MET E 96 -3.48 25.32 -2.00
N GLY E 97 -3.57 25.33 -0.67
CA GLY E 97 -2.37 25.40 0.16
C GLY E 97 -2.00 26.82 0.59
N PHE E 98 -2.44 27.82 -0.17
CA PHE E 98 -2.21 29.22 0.22
C PHE E 98 -3.05 29.50 1.46
N PRO E 99 -2.39 29.82 2.60
CA PRO E 99 -3.08 29.68 3.88
C PRO E 99 -3.96 30.87 4.31
N TYR E 100 -4.88 31.22 3.42
CA TYR E 100 -5.91 32.22 3.72
C TYR E 100 -7.26 31.77 3.20
N ILE E 101 -8.31 32.12 3.94
CA ILE E 101 -9.67 31.91 3.49
C ILE E 101 -10.39 33.25 3.43
N VAL E 102 -11.53 33.24 2.74
CA VAL E 102 -12.27 34.45 2.46
C VAL E 102 -13.61 34.40 3.17
N VAL E 103 -14.10 35.56 3.60
CA VAL E 103 -15.43 35.68 4.15
C VAL E 103 -16.07 37.00 3.68
N GLU E 104 -17.37 36.94 3.38
CA GLU E 104 -18.12 38.11 2.88
C GLU E 104 -19.14 38.57 3.92
N GLU E 105 -19.47 39.85 3.93
CA GLU E 105 -20.48 40.35 4.90
C GLU E 105 -21.84 39.71 4.63
N PRO E 106 -22.68 39.60 5.67
CA PRO E 106 -22.41 39.99 7.05
C PRO E 106 -21.71 38.89 7.87
N ALA E 107 -21.26 37.83 7.21
CA ALA E 107 -20.71 36.65 7.89
C ALA E 107 -19.41 36.95 8.63
N ASP E 108 -18.66 37.95 8.16
CA ASP E 108 -17.45 38.42 8.85
C ASP E 108 -17.69 38.69 10.34
N GLU E 109 -18.88 39.17 10.66
CA GLU E 109 -19.27 39.44 12.04
C GLU E 109 -19.21 38.18 12.92
N ILE E 110 -19.52 37.02 12.35
CA ILE E 110 -19.45 35.75 13.09
C ILE E 110 -17.99 35.42 13.49
N LEU E 111 -17.03 35.71 12.60
CA LEU E 111 -15.62 35.51 12.92
C LEU E 111 -15.11 36.55 13.92
N ARG E 112 -15.58 37.79 13.79
CA ARG E 112 -15.20 38.85 14.75
C ARG E 112 -15.65 38.50 16.16
N GLU E 113 -16.80 37.84 16.30
CA GLU E 113 -17.26 37.42 17.62
C GLU E 113 -16.31 36.48 18.33
N VAL E 114 -15.51 35.71 17.58
CA VAL E 114 -14.56 34.77 18.19
C VAL E 114 -13.11 35.25 18.11
N GLY E 115 -12.90 36.49 17.70
CA GLY E 115 -11.60 37.15 17.83
C GLY E 115 -10.70 37.09 16.63
N VAL E 116 -11.21 36.64 15.49
CA VAL E 116 -10.37 36.48 14.30
C VAL E 116 -10.03 37.83 13.71
N LYS E 117 -8.74 38.03 13.39
CA LYS E 117 -8.30 39.23 12.68
C LYS E 117 -8.71 39.11 11.23
N LEU E 118 -9.29 40.16 10.69
CA LEU E 118 -9.73 40.18 9.30
C LEU E 118 -9.10 41.34 8.57
N GLU E 119 -8.72 41.12 7.32
CA GLU E 119 -8.14 42.18 6.52
C GLU E 119 -8.96 42.35 5.26
N LYS E 120 -9.19 43.61 4.89
CA LYS E 120 -10.01 43.95 3.74
C LYS E 120 -9.32 43.50 2.48
N VAL E 121 -10.10 43.06 1.52
CA VAL E 121 -9.58 42.71 0.21
C VAL E 121 -9.55 43.99 -0.64
N GLU E 122 -8.45 44.18 -1.36
CA GLU E 122 -8.25 45.37 -2.19
C GLU E 122 -9.27 45.42 -3.32
N GLY E 123 -9.94 46.56 -3.48
CA GLY E 123 -10.91 46.76 -4.55
C GLY E 123 -12.21 45.99 -4.39
N GLU E 124 -12.52 45.56 -3.16
CA GLU E 124 -13.72 44.77 -2.90
C GLU E 124 -14.33 45.15 -1.56
N ASP E 125 -15.57 45.63 -1.60
CA ASP E 125 -16.25 46.03 -0.37
C ASP E 125 -16.89 44.82 0.28
N GLY E 126 -16.87 44.78 1.60
CA GLY E 126 -17.47 43.68 2.34
C GLY E 126 -16.87 42.30 2.09
N LEU E 127 -15.58 42.27 1.71
CA LEU E 127 -14.86 41.02 1.49
C LEU E 127 -13.54 41.04 2.29
N TYR E 128 -13.30 39.99 3.07
CA TYR E 128 -12.15 39.93 3.96
C TYR E 128 -11.37 38.61 3.82
N THR E 129 -10.08 38.64 4.09
CA THR E 129 -9.29 37.43 4.24
C THR E 129 -8.94 37.20 5.71
N ALA E 130 -8.68 35.94 6.05
CA ALA E 130 -8.23 35.54 7.39
C ALA E 130 -7.23 34.37 7.30
N ASP E 131 -6.25 34.38 8.20
CA ASP E 131 -5.26 33.33 8.36
C ASP E 131 -5.98 31.99 8.55
N SER E 132 -5.74 31.04 7.65
CA SER E 132 -6.45 29.74 7.66
C SER E 132 -6.12 28.85 8.86
N VAL E 133 -5.07 29.20 9.61
CA VAL E 133 -4.72 28.47 10.83
C VAL E 133 -5.39 29.11 12.05
N GLU E 134 -5.46 30.43 12.05
CA GLU E 134 -6.13 31.17 13.13
C GLU E 134 -7.62 30.85 13.25
N VAL E 135 -8.29 30.73 12.11
CA VAL E 135 -9.75 30.58 12.12
C VAL E 135 -10.22 29.32 12.86
N PRO E 136 -9.69 28.14 12.49
CA PRO E 136 -10.15 26.92 13.18
C PRO E 136 -9.91 26.98 14.68
N ALA E 137 -8.76 27.50 15.06
CA ALA E 137 -8.39 27.61 16.48
C ALA E 137 -9.44 28.41 17.25
N LYS E 138 -9.78 29.58 16.70
CA LYS E 138 -10.71 30.50 17.34
C LYS E 138 -12.16 30.00 17.27
N LEU E 139 -12.54 29.37 16.17
CA LEU E 139 -13.85 28.73 16.08
C LEU E 139 -14.02 27.69 17.16
N ALA E 140 -12.97 26.88 17.38
CA ALA E 140 -13.02 25.82 18.38
C ALA E 140 -13.11 26.41 19.79
N VAL E 141 -12.29 27.42 20.06
CA VAL E 141 -12.34 28.07 21.38
C VAL E 141 -13.73 28.63 21.65
N GLY E 142 -14.29 29.34 20.67
CA GLY E 142 -15.67 29.85 20.76
C GLY E 142 -16.65 28.77 21.16
N ALA E 143 -16.60 27.63 20.49
CA ALA E 143 -17.51 26.52 20.79
C ALA E 143 -17.32 25.99 22.22
N ILE E 144 -16.06 25.77 22.60
CA ILE E 144 -15.75 25.17 23.90
C ILE E 144 -16.11 26.13 25.02
N ASP E 145 -15.72 27.39 24.88
CA ASP E 145 -16.03 28.41 25.90
C ASP E 145 -17.53 28.70 26.03
N ALA E 146 -18.30 28.44 24.97
CA ALA E 146 -19.76 28.53 25.05
C ALA E 146 -20.36 27.32 25.74
N GLY E 147 -19.53 26.29 25.98
CA GLY E 147 -19.98 25.10 26.71
C GLY E 147 -20.11 23.84 25.88
N ALA E 148 -19.86 23.92 24.58
CA ALA E 148 -19.91 22.72 23.73
C ALA E 148 -18.71 21.82 24.01
N LYS E 149 -18.94 20.53 24.10
CA LYS E 149 -17.88 19.54 24.19
C LYS E 149 -17.47 19.11 22.78
N VAL E 150 -16.18 19.19 22.48
CA VAL E 150 -15.66 18.73 21.19
C VAL E 150 -14.83 17.45 21.37
N LEU E 151 -15.33 16.34 20.82
CA LEU E 151 -14.60 15.07 20.85
C LEU E 151 -14.03 14.76 19.46
N THR E 152 -12.71 14.56 19.42
CA THR E 152 -12.00 14.26 18.17
C THR E 152 -11.60 12.79 18.16
N GLY E 153 -11.19 12.30 16.99
CA GLY E 153 -10.91 10.89 16.83
C GLY E 153 -12.13 10.00 16.96
N ILE E 154 -13.31 10.56 16.64
CA ILE E 154 -14.58 9.84 16.78
C ILE E 154 -15.34 9.90 15.46
N VAL E 155 -15.75 8.74 14.97
CA VAL E 155 -16.46 8.64 13.71
C VAL E 155 -17.90 8.27 14.01
N VAL E 156 -18.84 9.02 13.45
CA VAL E 156 -20.24 8.59 13.43
C VAL E 156 -20.45 7.65 12.26
N GLU E 157 -20.68 6.38 12.54
CA GLU E 157 -20.86 5.43 11.46
C GLU E 157 -22.33 5.12 11.14
N ASP E 158 -23.25 5.55 12.00
CA ASP E 158 -24.68 5.23 11.78
C ASP E 158 -25.55 6.07 12.67
N LEU E 159 -26.86 5.86 12.59
CA LEU E 159 -27.82 6.56 13.44
C LEU E 159 -28.58 5.60 14.33
N VAL E 160 -29.04 6.13 15.46
CA VAL E 160 -29.98 5.46 16.32
C VAL E 160 -31.35 5.95 15.87
N LEU E 161 -32.28 5.03 15.66
CA LEU E 161 -33.62 5.37 15.18
C LEU E 161 -34.70 5.08 16.21
N ARG E 162 -35.77 5.88 16.14
CA ARG E 162 -37.03 5.58 16.81
C ARG E 162 -38.16 5.78 15.80
N GLU E 163 -39.41 5.54 16.22
CA GLU E 163 -40.56 5.72 15.33
C GLU E 163 -40.48 7.04 14.59
N ASN E 164 -40.31 6.96 13.28
CA ASN E 164 -40.27 8.15 12.42
C ASN E 164 -39.26 9.23 12.77
N ARG E 165 -38.14 8.86 13.41
CA ARG E 165 -37.10 9.86 13.65
C ARG E 165 -35.74 9.32 14.04
N VAL E 166 -34.75 10.20 13.92
CA VAL E 166 -33.39 9.95 14.36
C VAL E 166 -33.30 10.39 15.82
N ALA E 167 -32.81 9.50 16.68
CA ALA E 167 -32.76 9.73 18.13
C ALA E 167 -31.35 9.65 18.73
N GLY E 168 -30.33 9.67 17.88
CA GLY E 168 -28.94 9.58 18.35
C GLY E 168 -27.94 9.16 17.29
N VAL E 169 -26.69 8.98 17.71
CA VAL E 169 -25.61 8.60 16.79
C VAL E 169 -24.88 7.35 17.27
N VAL E 170 -24.39 6.58 16.30
CA VAL E 170 -23.62 5.39 16.52
C VAL E 170 -22.17 5.75 16.27
N ILE E 171 -21.33 5.61 17.30
CA ILE E 171 -19.95 6.12 17.24
C ILE E 171 -18.92 5.01 17.36
N ASN E 172 -17.81 5.21 16.64
CA ASN E 172 -16.62 4.40 16.80
C ASN E 172 -15.41 5.33 16.81
N SER E 173 -14.22 4.79 17.10
CA SER E 173 -13.01 5.62 17.08
C SER E 173 -12.40 5.64 15.69
N TYR E 174 -11.78 6.76 15.34
CA TYR E 174 -11.00 6.88 14.14
C TYR E 174 -9.88 5.85 14.10
N ALA E 175 -9.23 5.62 15.24
CA ALA E 175 -8.21 4.59 15.33
C ALA E 175 -8.73 3.24 14.87
N ILE E 176 -9.88 2.83 15.41
CA ILE E 176 -10.48 1.55 15.02
C ILE E 176 -10.83 1.53 13.52
N GLU E 177 -11.39 2.62 13.02
CA GLU E 177 -11.76 2.69 11.61
C GLU E 177 -10.53 2.59 10.71
N LYS E 178 -9.54 3.43 10.97
CA LYS E 178 -8.34 3.48 10.14
C LYS E 178 -7.52 2.19 10.25
N ALA E 179 -7.51 1.57 11.43
CA ALA E 179 -6.83 0.27 11.61
C ALA E 179 -7.58 -0.89 10.96
N GLY E 180 -8.86 -0.72 10.66
CA GLY E 180 -9.67 -1.76 10.00
C GLY E 180 -10.10 -2.90 10.93
N LEU E 181 -10.15 -2.63 12.23
CA LEU E 181 -10.45 -3.68 13.21
C LEU E 181 -11.95 -3.92 13.28
N HIS E 182 -12.36 -5.15 13.49
CA HIS E 182 -13.79 -5.51 13.51
C HIS E 182 -14.32 -5.39 14.94
N ILE E 183 -14.68 -4.16 15.30
CA ILE E 183 -15.09 -3.82 16.64
C ILE E 183 -16.40 -3.01 16.60
N ASP E 184 -17.33 -3.39 17.45
CA ASP E 184 -18.64 -2.75 17.48
C ASP E 184 -18.59 -1.34 18.01
N PRO E 185 -19.55 -0.50 17.60
CA PRO E 185 -19.64 0.87 18.07
C PRO E 185 -20.37 0.99 19.40
N ILE E 186 -20.41 2.19 19.96
CA ILE E 186 -21.30 2.53 21.08
C ILE E 186 -22.18 3.69 20.60
N THR E 187 -22.95 4.29 21.51
CA THR E 187 -23.97 5.27 21.13
C THR E 187 -23.98 6.52 22.00
N ILE E 188 -24.40 7.62 21.39
CA ILE E 188 -24.75 8.84 22.10
C ILE E 188 -26.21 9.17 21.76
N THR E 189 -27.06 9.26 22.79
CA THR E 189 -28.46 9.62 22.60
C THR E 189 -28.57 11.13 22.49
N ALA E 190 -29.41 11.58 21.55
CA ALA E 190 -29.60 13.00 21.33
C ALA E 190 -31.04 13.31 20.91
N LYS E 191 -31.50 14.51 21.26
CA LYS E 191 -32.80 14.98 20.78
C LYS E 191 -32.69 15.36 19.31
N TYR E 192 -31.60 16.05 18.96
CA TYR E 192 -31.29 16.40 17.59
C TYR E 192 -29.86 16.03 17.20
N VAL E 193 -29.70 15.59 15.95
CA VAL E 193 -28.40 15.31 15.35
C VAL E 193 -28.22 16.27 14.17
N VAL E 194 -26.99 16.72 13.97
CA VAL E 194 -26.68 17.62 12.86
C VAL E 194 -25.59 17.00 11.99
N ASP E 195 -25.86 16.85 10.70
CA ASP E 195 -24.84 16.47 9.74
C ASP E 195 -24.14 17.73 9.27
N ALA E 196 -22.96 17.98 9.82
CA ALA E 196 -22.08 19.06 9.38
C ALA E 196 -20.77 18.50 8.82
N THR E 197 -20.88 17.38 8.09
CA THR E 197 -19.73 16.60 7.67
C THR E 197 -19.11 17.01 6.35
N GLY E 198 -19.57 18.12 5.77
CA GLY E 198 -18.97 18.65 4.56
C GLY E 198 -19.48 17.99 3.29
N HIS E 199 -18.67 18.04 2.25
CA HIS E 199 -19.04 17.56 0.91
C HIS E 199 -19.73 16.20 0.85
N ASP E 200 -19.33 15.28 1.72
CA ASP E 200 -19.84 13.91 1.64
C ASP E 200 -21.22 13.72 2.27
N ALA E 201 -21.67 14.66 3.10
CA ALA E 201 -22.92 14.51 3.84
C ALA E 201 -23.06 13.08 4.32
N SER E 202 -22.09 12.64 5.14
CA SER E 202 -21.94 11.21 5.36
C SER E 202 -23.03 10.66 6.29
N VAL E 203 -23.59 11.49 7.15
CA VAL E 203 -24.63 11.01 8.04
C VAL E 203 -25.95 10.83 7.28
N VAL E 204 -26.35 11.87 6.55
CA VAL E 204 -27.57 11.77 5.75
C VAL E 204 -27.42 10.67 4.72
N THR E 205 -26.24 10.57 4.11
CA THR E 205 -25.98 9.51 3.13
C THR E 205 -26.18 8.12 3.73
N THR E 206 -25.66 7.91 4.93
CA THR E 206 -25.79 6.61 5.59
C THR E 206 -27.25 6.31 5.92
N LEU E 207 -27.94 7.29 6.48
CA LEU E 207 -29.37 7.11 6.78
C LEU E 207 -30.11 6.66 5.51
N SER E 208 -29.88 7.37 4.40
CA SER E 208 -30.60 7.10 3.17
C SER E 208 -30.25 5.76 2.56
N ARG E 209 -28.97 5.37 2.68
CA ARG E 209 -28.49 4.13 2.10
C ARG E 209 -29.03 2.91 2.86
N LYS E 210 -28.99 2.96 4.18
CA LYS E 210 -29.33 1.78 4.97
C LYS E 210 -30.84 1.63 5.22
N ASN E 211 -31.57 2.74 5.03
CA ASN E 211 -33.02 2.75 5.25
C ASN E 211 -33.69 3.33 3.99
N PRO E 212 -33.63 2.56 2.89
CA PRO E 212 -34.09 3.08 1.59
C PRO E 212 -35.59 3.42 1.57
N GLU E 213 -36.37 2.70 2.38
CA GLU E 213 -37.80 2.95 2.46
C GLU E 213 -38.17 4.34 2.99
N LEU E 214 -37.22 5.05 3.58
CA LEU E 214 -37.47 6.44 3.94
C LEU E 214 -37.53 7.36 2.73
N GLY E 215 -37.06 6.90 1.57
CA GLY E 215 -37.09 7.71 0.35
C GLY E 215 -36.20 8.95 0.37
N LEU E 216 -35.16 8.95 1.19
CA LEU E 216 -34.18 10.04 1.15
C LEU E 216 -33.18 9.80 0.03
N GLU E 217 -32.61 10.88 -0.48
CA GLU E 217 -31.59 10.78 -1.52
C GLU E 217 -30.58 11.88 -1.31
N VAL E 218 -29.32 11.57 -1.57
CA VAL E 218 -28.26 12.58 -1.52
C VAL E 218 -27.68 12.64 -2.92
N PRO E 219 -28.14 13.60 -3.74
CA PRO E 219 -27.65 13.67 -5.10
C PRO E 219 -26.21 14.16 -5.19
N GLY E 220 -25.77 14.92 -4.21
CA GLY E 220 -24.44 15.51 -4.28
C GLY E 220 -24.47 16.88 -4.91
N GLU E 221 -23.42 17.65 -4.64
CA GLU E 221 -23.33 19.04 -5.07
C GLU E 221 -23.23 19.16 -6.60
N LYS E 222 -23.51 20.36 -7.06
CA LYS E 222 -23.26 20.74 -8.45
C LYS E 222 -21.88 21.37 -8.54
N SER E 223 -21.47 21.70 -9.76
CA SER E 223 -20.18 22.34 -9.98
C SER E 223 -20.14 23.75 -9.38
N MET E 224 -19.05 24.48 -9.56
CA MET E 224 -18.88 25.73 -8.83
C MET E 224 -19.62 26.89 -9.47
N TRP E 225 -20.43 27.55 -8.65
CA TRP E 225 -21.05 28.84 -8.96
C TRP E 225 -21.22 29.51 -7.61
N ALA E 226 -20.27 30.37 -7.26
CA ALA E 226 -20.12 30.80 -5.88
C ALA E 226 -21.33 31.53 -5.35
N GLU E 227 -21.84 32.49 -6.13
CA GLU E 227 -22.97 33.29 -5.68
C GLU E 227 -24.21 32.43 -5.48
N LYS E 228 -24.52 31.59 -6.45
CA LYS E 228 -25.66 30.68 -6.34
C LYS E 228 -25.48 29.64 -5.24
N GLY E 229 -24.25 29.15 -5.08
CA GLY E 229 -23.97 28.18 -4.02
C GLY E 229 -24.14 28.76 -2.63
N GLU E 230 -23.56 29.94 -2.40
CA GLU E 230 -23.66 30.60 -1.11
C GLU E 230 -25.11 30.86 -0.71
N ASN E 231 -25.92 31.34 -1.64
CA ASN E 231 -27.30 31.72 -1.31
C ASN E 231 -28.25 30.52 -1.19
N ALA E 232 -27.90 29.41 -1.84
CA ALA E 232 -28.68 28.17 -1.69
C ALA E 232 -28.55 27.55 -0.30
N LEU E 233 -27.44 27.83 0.39
CA LEU E 233 -27.16 27.20 1.69
C LEU E 233 -28.21 27.49 2.75
N LEU E 234 -28.72 28.71 2.77
CA LEU E 234 -29.66 29.09 3.81
C LEU E 234 -30.97 28.36 3.63
N ARG E 235 -31.40 28.23 2.39
CA ARG E 235 -32.62 27.47 2.06
C ARG E 235 -32.38 25.99 2.34
N ASN E 236 -31.16 25.52 2.05
CA ASN E 236 -30.83 24.10 2.18
C ASN E 236 -30.48 23.64 3.61
N THR E 237 -30.30 24.60 4.51
CA THR E 237 -30.06 24.29 5.92
C THR E 237 -31.39 24.01 6.62
N ARG E 238 -31.68 22.74 6.88
CA ARG E 238 -32.97 22.37 7.45
C ARG E 238 -33.01 20.95 7.97
N GLU E 239 -34.17 20.58 8.52
CA GLU E 239 -34.39 19.24 9.04
C GLU E 239 -34.73 18.31 7.88
N VAL E 240 -33.81 17.41 7.56
CA VAL E 240 -33.96 16.49 6.43
C VAL E 240 -34.92 15.37 6.75
N TYR E 241 -34.98 14.99 8.01
CA TYR E 241 -35.80 13.89 8.47
C TYR E 241 -35.95 14.21 9.93
N PRO E 242 -37.05 13.80 10.56
CA PRO E 242 -37.23 14.28 11.94
C PRO E 242 -36.07 13.88 12.84
N GLY E 243 -35.47 14.85 13.52
CA GLY E 243 -34.36 14.62 14.42
C GLY E 243 -32.99 14.86 13.79
N LEU E 244 -32.95 15.03 12.47
CA LEU E 244 -31.70 15.20 11.73
C LEU E 244 -31.66 16.46 10.87
N PHE E 245 -30.81 17.40 11.27
CA PHE E 245 -30.58 18.61 10.50
C PHE E 245 -29.32 18.46 9.65
N VAL E 246 -29.17 19.35 8.68
CA VAL E 246 -27.97 19.41 7.86
C VAL E 246 -27.56 20.87 7.69
N CYS E 247 -26.26 21.14 7.75
CA CYS E 247 -25.71 22.47 7.55
C CYS E 247 -24.33 22.38 6.90
N GLY E 248 -23.79 23.52 6.52
CA GLY E 248 -22.54 23.58 5.80
C GLY E 248 -22.67 22.96 4.42
N MET E 249 -21.54 22.57 3.84
CA MET E 249 -21.54 21.98 2.49
C MET E 249 -22.39 20.74 2.39
N ALA E 250 -22.57 20.03 3.49
CA ALA E 250 -23.47 18.89 3.50
C ALA E 250 -24.87 19.29 3.01
N ALA E 251 -25.31 20.50 3.33
CA ALA E 251 -26.64 20.99 2.93
C ALA E 251 -26.77 21.06 1.42
N ASN E 252 -25.74 21.57 0.75
CA ASN E 252 -25.74 21.62 -0.71
C ASN E 252 -25.51 20.25 -1.39
N ALA E 253 -24.99 19.28 -0.65
CA ALA E 253 -24.84 17.93 -1.17
C ALA E 253 -26.19 17.25 -1.15
N VAL E 254 -26.91 17.47 -0.05
CA VAL E 254 -28.23 16.86 0.12
C VAL E 254 -29.26 17.46 -0.86
N TYR E 255 -29.17 18.76 -1.12
CA TYR E 255 -30.17 19.45 -1.97
C TYR E 255 -29.61 19.94 -3.30
N ALA E 256 -28.48 19.37 -3.71
CA ALA E 256 -27.87 19.68 -5.00
C ALA E 256 -27.66 21.17 -5.24
N GLY E 257 -27.14 21.88 -4.25
CA GLY E 257 -26.65 23.24 -4.47
C GLY E 257 -25.26 23.24 -5.09
N HIS E 258 -24.82 24.41 -5.56
CA HIS E 258 -23.50 24.58 -6.13
C HIS E 258 -22.47 24.71 -5.01
N ARG E 259 -21.23 24.34 -5.32
CA ARG E 259 -20.10 24.61 -4.45
C ARG E 259 -19.64 26.03 -4.71
N MET E 260 -18.87 26.59 -3.79
CA MET E 260 -18.49 28.00 -3.85
C MET E 260 -16.99 28.33 -3.75
N GLY E 261 -16.15 27.32 -3.58
CA GLY E 261 -14.71 27.57 -3.40
C GLY E 261 -14.42 28.02 -1.99
N ALA E 262 -13.22 28.60 -1.80
CA ALA E 262 -12.67 28.86 -0.47
C ALA E 262 -13.20 30.14 0.15
N ILE E 263 -14.52 30.32 0.08
CA ILE E 263 -15.21 31.44 0.72
C ILE E 263 -16.20 30.80 1.69
N PHE E 264 -16.21 31.30 2.93
CA PHE E 264 -16.82 30.54 4.05
C PHE E 264 -18.00 31.21 4.75
N GLY E 265 -18.41 32.39 4.27
CA GLY E 265 -19.52 33.10 4.91
C GLY E 265 -20.77 32.26 4.97
N GLY E 266 -21.06 31.57 3.87
CA GLY E 266 -22.19 30.65 3.82
C GLY E 266 -22.10 29.55 4.87
N MET E 267 -20.88 29.03 5.09
CA MET E 267 -20.70 27.99 6.10
C MET E 267 -21.06 28.50 7.47
N TYR E 268 -20.61 29.72 7.80
CA TYR E 268 -20.83 30.27 9.14
C TYR E 268 -22.31 30.60 9.34
N ILE E 269 -22.91 31.28 8.37
CA ILE E 269 -24.33 31.63 8.45
C ILE E 269 -25.20 30.37 8.50
N SER E 270 -24.87 29.37 7.68
CA SER E 270 -25.58 28.10 7.69
C SER E 270 -25.55 27.47 9.09
N GLY E 271 -24.36 27.43 9.69
CA GLY E 271 -24.22 26.86 11.03
C GLY E 271 -25.01 27.66 12.06
N LYS E 272 -24.93 28.98 11.97
CA LYS E 272 -25.70 29.84 12.87
C LYS E 272 -27.20 29.62 12.73
N LYS E 273 -27.67 29.55 11.49
CA LYS E 273 -29.08 29.32 11.22
C LYS E 273 -29.53 27.97 11.74
N CYS E 274 -28.73 26.94 11.49
CA CYS E 274 -29.00 25.61 12.00
C CYS E 274 -29.20 25.66 13.52
N ALA E 275 -28.32 26.39 14.20
CA ALA E 275 -28.39 26.53 15.65
C ALA E 275 -29.72 27.16 16.07
N GLU E 276 -30.08 28.26 15.41
CA GLU E 276 -31.32 28.98 15.75
C GLU E 276 -32.56 28.11 15.57
N MET E 277 -32.63 27.39 14.46
CA MET E 277 -33.72 26.46 14.22
C MET E 277 -33.85 25.41 15.32
N ILE E 278 -32.72 24.84 15.73
CA ILE E 278 -32.73 23.79 16.74
C ILE E 278 -33.02 24.37 18.14
N VAL E 279 -32.49 25.55 18.43
CA VAL E 279 -32.79 26.21 19.70
C VAL E 279 -34.31 26.42 19.81
N GLU E 280 -34.92 26.94 18.75
CA GLU E 280 -36.37 27.14 18.73
C GLU E 280 -37.11 25.85 19.06
N LYS E 281 -36.72 24.75 18.42
CA LYS E 281 -37.40 23.47 18.65
C LYS E 281 -37.20 22.94 20.07
N LEU E 282 -36.04 23.19 20.65
CA LEU E 282 -35.76 22.78 22.02
C LEU E 282 -36.62 23.57 23.01
N LYS E 283 -36.78 24.87 22.76
CA LYS E 283 -37.62 25.73 23.61
C LYS E 283 -39.09 25.36 23.57
N ASN E 284 -39.62 25.16 22.37
CA ASN E 284 -41.00 24.69 22.19
C ASN E 284 -41.31 23.41 22.95
N ASN E 285 -40.27 22.71 23.39
CA ASN E 285 -40.42 21.57 24.29
C ASN E 285 -39.74 21.87 25.62
N ARG F 27 -9.17 13.04 -45.13
CA ARG F 27 -9.30 11.55 -45.10
C ARG F 27 -7.99 10.90 -44.65
N LEU F 28 -7.81 10.72 -43.34
CA LEU F 28 -6.58 10.16 -42.77
C LEU F 28 -6.48 8.67 -43.01
N ARG F 29 -5.26 8.20 -43.24
CA ARG F 29 -4.99 6.80 -43.52
C ARG F 29 -4.16 6.22 -42.37
N ALA F 30 -4.62 5.09 -41.82
CA ALA F 30 -4.02 4.52 -40.63
C ALA F 30 -4.33 3.03 -40.58
N ASP F 31 -3.33 2.24 -40.21
CA ASP F 31 -3.47 0.79 -40.08
C ASP F 31 -2.74 0.33 -38.81
N GLU F 32 -3.29 -0.69 -38.14
CA GLU F 32 -2.76 -1.13 -36.86
C GLU F 32 -1.43 -1.84 -37.07
N TYR F 33 -1.40 -2.78 -38.03
CA TYR F 33 -0.20 -3.53 -38.33
C TYR F 33 0.94 -2.63 -38.78
N ALA F 34 0.63 -1.63 -39.59
CA ALA F 34 1.67 -0.76 -40.14
C ALA F 34 2.25 0.14 -39.06
N THR F 35 1.39 0.63 -38.15
CA THR F 35 1.80 1.42 -37.01
C THR F 35 2.72 0.59 -36.10
N THR F 36 2.27 -0.60 -35.75
CA THR F 36 3.04 -1.49 -34.90
C THR F 36 4.38 -1.85 -35.53
N ARG F 37 4.35 -2.24 -36.81
CA ARG F 37 5.56 -2.61 -37.54
C ARG F 37 6.57 -1.46 -37.58
N ALA F 38 6.07 -0.26 -37.85
CA ALA F 38 6.91 0.91 -37.93
C ALA F 38 7.62 1.21 -36.62
N ILE F 39 6.91 1.04 -35.51
CA ILE F 39 7.45 1.36 -34.20
C ILE F 39 8.54 0.34 -33.88
N LEU F 40 8.26 -0.93 -34.15
CA LEU F 40 9.21 -2.00 -33.92
C LEU F 40 10.50 -1.82 -34.72
N LYS F 41 10.39 -1.42 -35.98
CA LYS F 41 11.55 -1.26 -36.85
C LYS F 41 12.43 -0.10 -36.41
N SER F 42 11.83 1.04 -36.09
CA SER F 42 12.60 2.17 -35.59
C SER F 42 13.26 1.86 -34.24
N ALA F 43 12.54 1.18 -33.35
CA ALA F 43 13.06 0.89 -32.02
C ALA F 43 14.21 -0.11 -32.08
N PHE F 44 14.06 -1.14 -32.88
CA PHE F 44 15.11 -2.13 -32.94
CA PHE F 44 15.05 -2.20 -33.13
C PHE F 44 16.36 -1.62 -33.68
N ASP F 45 16.21 -0.75 -34.68
CA ASP F 45 17.37 -0.09 -35.29
C ASP F 45 18.06 0.82 -34.28
N MET F 46 17.28 1.59 -33.53
CA MET F 46 17.80 2.45 -32.49
C MET F 46 18.61 1.63 -31.47
N TRP F 47 18.01 0.55 -30.96
CA TRP F 47 18.65 -0.26 -29.92
C TRP F 47 19.96 -0.89 -30.36
N LEU F 48 19.99 -1.45 -31.58
CA LEU F 48 21.20 -2.09 -32.09
C LEU F 48 22.35 -1.10 -32.24
N ASP F 49 22.01 0.16 -32.49
CA ASP F 49 22.99 1.23 -32.60
C ASP F 49 23.46 1.73 -31.23
N ILE F 50 22.52 1.85 -30.29
CA ILE F 50 22.79 2.59 -29.06
C ILE F 50 23.53 1.77 -28.00
N ILE F 51 23.67 0.47 -28.20
CA ILE F 51 24.31 -0.39 -27.18
C ILE F 51 25.84 -0.29 -27.13
N ASP F 52 26.42 0.55 -27.98
CA ASP F 52 27.83 0.95 -27.85
C ASP F 52 27.95 2.43 -28.14
N VAL F 53 28.50 3.18 -27.20
CA VAL F 53 28.57 4.64 -27.31
C VAL F 53 29.93 5.15 -26.85
N ASP F 54 30.18 6.44 -27.07
CA ASP F 54 31.33 7.09 -26.48
C ASP F 54 31.03 7.37 -25.00
N VAL F 55 29.91 8.05 -24.76
CA VAL F 55 29.52 8.46 -23.41
C VAL F 55 28.07 8.06 -23.06
N ALA F 56 27.91 7.44 -21.90
CA ALA F 56 26.60 7.16 -21.33
C ALA F 56 26.42 8.04 -20.11
N ILE F 57 25.52 9.01 -20.22
CA ILE F 57 25.18 9.89 -19.10
C ILE F 57 23.95 9.33 -18.39
N VAL F 58 24.03 9.18 -17.07
CA VAL F 58 22.93 8.66 -16.26
C VAL F 58 22.25 9.81 -15.55
N GLY F 59 21.01 10.08 -15.94
CA GLY F 59 20.23 11.17 -15.38
C GLY F 59 19.95 12.24 -16.43
N GLY F 60 18.67 12.52 -16.66
CA GLY F 60 18.25 13.52 -17.62
C GLY F 60 17.77 14.77 -16.92
N GLY F 61 18.43 15.13 -15.82
CA GLY F 61 18.22 16.42 -15.19
C GLY F 61 19.06 17.53 -15.84
N PRO F 62 19.12 18.70 -15.20
CA PRO F 62 19.78 19.85 -15.79
C PRO F 62 21.28 19.64 -16.01
N SER F 63 21.97 18.99 -15.08
CA SER F 63 23.39 18.76 -15.26
C SER F 63 23.63 17.76 -16.39
N GLY F 64 22.88 16.65 -16.38
CA GLY F 64 23.02 15.61 -17.39
C GLY F 64 22.68 16.07 -18.80
N LEU F 65 21.64 16.87 -18.95
CA LEU F 65 21.24 17.33 -20.27
C LEU F 65 22.21 18.37 -20.82
N THR F 66 22.78 19.18 -19.93
CA THR F 66 23.82 20.14 -20.32
C THR F 66 25.08 19.40 -20.77
N ALA F 67 25.55 18.46 -19.95
CA ALA F 67 26.68 17.63 -20.32
C ALA F 67 26.47 16.95 -21.67
N ALA F 68 25.26 16.45 -21.91
CA ALA F 68 24.97 15.72 -23.14
C ALA F 68 25.11 16.63 -24.37
N ARG F 69 24.59 17.85 -24.25
CA ARG F 69 24.64 18.81 -25.34
C ARG F 69 26.10 19.12 -25.71
N TYR F 70 26.89 19.51 -24.72
CA TYR F 70 28.27 19.94 -24.97
C TYR F 70 29.18 18.82 -25.48
N ILE F 71 28.89 17.58 -25.13
CA ILE F 71 29.68 16.47 -25.69
C ILE F 71 29.25 16.13 -27.11
N ALA F 72 27.93 16.08 -27.33
CA ALA F 72 27.38 15.67 -28.63
C ALA F 72 27.72 16.72 -29.68
N LYS F 73 27.65 17.97 -29.26
CA LYS F 73 28.05 19.13 -30.06
C LYS F 73 29.43 18.96 -30.73
N GLU F 74 30.33 18.23 -30.09
CA GLU F 74 31.66 17.96 -30.64
C GLU F 74 31.71 16.69 -31.49
N GLY F 75 30.55 16.13 -31.83
CA GLY F 75 30.48 15.02 -32.76
C GLY F 75 30.60 13.62 -32.17
N TYR F 76 30.63 13.52 -30.85
CA TYR F 76 30.73 12.20 -30.19
C TYR F 76 29.35 11.58 -29.98
N LYS F 77 29.33 10.25 -29.84
CA LYS F 77 28.11 9.49 -29.71
C LYS F 77 27.70 9.40 -28.23
N VAL F 78 26.62 10.10 -27.88
CA VAL F 78 26.15 10.25 -26.51
C VAL F 78 24.72 9.71 -26.32
N VAL F 79 24.52 8.94 -25.24
CA VAL F 79 23.19 8.55 -24.78
C VAL F 79 22.96 9.01 -23.34
N VAL F 80 21.78 9.57 -23.08
CA VAL F 80 21.33 9.91 -21.75
C VAL F 80 20.31 8.86 -21.32
N LEU F 81 20.47 8.31 -20.12
CA LEU F 81 19.55 7.31 -19.59
C LEU F 81 18.85 7.90 -18.39
N GLU F 82 17.53 8.00 -18.45
CA GLU F 82 16.72 8.62 -17.41
C GLU F 82 15.65 7.66 -16.94
N ARG F 83 15.54 7.51 -15.61
CA ARG F 83 14.57 6.59 -15.00
C ARG F 83 13.13 6.92 -15.39
N HIS F 84 12.73 8.16 -15.18
CA HIS F 84 11.35 8.55 -15.40
C HIS F 84 11.05 8.68 -16.89
N LEU F 85 9.77 8.58 -17.22
CA LEU F 85 9.35 8.63 -18.62
C LEU F 85 9.62 9.98 -19.24
N ALA F 86 9.46 11.03 -18.43
CA ALA F 86 9.88 12.37 -18.84
C ALA F 86 11.30 12.68 -18.33
N PHE F 87 12.02 13.46 -19.13
CA PHE F 87 13.28 14.07 -18.71
C PHE F 87 13.01 15.20 -17.71
N GLY F 88 14.06 15.88 -17.28
CA GLY F 88 13.92 17.13 -16.52
C GLY F 88 14.40 17.01 -15.09
N GLY F 89 14.39 15.80 -14.54
CA GLY F 89 14.81 15.58 -13.17
C GLY F 89 13.98 16.38 -12.18
N GLY F 90 14.65 16.95 -11.18
CA GLY F 90 13.96 17.69 -10.12
C GLY F 90 13.83 19.18 -10.37
N THR F 91 13.54 19.56 -11.62
CA THR F 91 13.41 20.98 -12.01
C THR F 91 11.95 21.45 -12.13
N TRP F 92 11.05 20.56 -12.55
CA TRP F 92 9.68 20.93 -12.93
C TRP F 92 8.92 21.75 -11.90
N GLY F 93 9.07 21.38 -10.63
CA GLY F 93 8.33 22.05 -9.55
C GLY F 93 8.95 23.32 -8.99
N GLY F 94 10.06 23.77 -9.56
CA GLY F 94 10.68 25.01 -9.12
C GLY F 94 11.08 24.96 -7.65
N GLY F 95 10.60 25.93 -6.88
CA GLY F 95 10.88 25.97 -5.47
C GLY F 95 9.61 25.78 -4.68
N MET F 96 9.51 24.64 -4.02
CA MET F 96 8.34 24.28 -3.24
C MET F 96 7.04 24.35 -4.08
N GLY F 97 7.10 24.01 -5.36
CA GLY F 97 5.92 24.06 -6.21
C GLY F 97 5.73 25.37 -6.96
N PHE F 98 6.31 26.47 -6.46
CA PHE F 98 6.30 27.75 -7.19
C PHE F 98 7.15 27.58 -8.45
N PRO F 99 6.52 27.68 -9.63
CA PRO F 99 7.17 27.16 -10.85
C PRO F 99 8.19 28.10 -11.52
N TYR F 100 9.18 28.52 -10.74
CA TYR F 100 10.33 29.25 -11.26
C TYR F 100 11.60 28.75 -10.61
N ILE F 101 12.67 28.73 -11.38
CA ILE F 101 14.00 28.47 -10.87
C ILE F 101 14.92 29.66 -11.12
N VAL F 102 16.04 29.67 -10.43
CA VAL F 102 16.96 30.80 -10.43
C VAL F 102 18.26 30.36 -11.08
N VAL F 103 18.92 31.30 -11.75
CA VAL F 103 20.26 31.09 -12.29
C VAL F 103 21.07 32.39 -12.13
N GLU F 104 22.35 32.23 -11.81
CA GLU F 104 23.27 33.36 -11.58
C GLU F 104 24.33 33.39 -12.70
N GLU F 105 24.84 34.57 -13.02
CA GLU F 105 25.90 34.66 -14.04
C GLU F 105 27.16 33.94 -13.59
N PRO F 106 27.96 33.45 -14.56
CA PRO F 106 27.74 33.53 -16.00
C PRO F 106 26.87 32.38 -16.53
N ALA F 107 26.28 31.59 -15.63
CA ALA F 107 25.54 30.38 -16.03
C ALA F 107 24.29 30.67 -16.84
N ASP F 108 23.72 31.85 -16.65
CA ASP F 108 22.57 32.30 -17.45
C ASP F 108 22.82 32.15 -18.95
N GLU F 109 24.07 32.36 -19.36
CA GLU F 109 24.48 32.24 -20.75
C GLU F 109 24.23 30.83 -21.30
N ILE F 110 24.36 29.81 -20.45
CA ILE F 110 24.12 28.42 -20.88
C ILE F 110 22.63 28.22 -21.23
N LEU F 111 21.73 28.82 -20.44
CA LEU F 111 20.31 28.76 -20.74
C LEU F 111 19.94 29.60 -21.98
N ARG F 112 20.56 30.77 -22.14
CA ARG F 112 20.33 31.60 -23.34
C ARG F 112 20.69 30.83 -24.61
N GLU F 113 21.74 30.02 -24.56
CA GLU F 113 22.13 29.24 -25.72
C GLU F 113 21.05 28.29 -26.21
N VAL F 114 20.16 27.85 -25.32
CA VAL F 114 19.07 26.93 -25.70
C VAL F 114 17.70 27.62 -25.79
N GLY F 115 17.67 28.95 -25.70
CA GLY F 115 16.47 29.74 -26.00
C GLY F 115 15.59 30.12 -24.83
N VAL F 116 16.04 29.86 -23.61
CA VAL F 116 15.22 30.11 -22.44
C VAL F 116 15.09 31.61 -22.20
N LYS F 117 13.86 32.07 -21.97
CA LYS F 117 13.59 33.45 -21.58
C LYS F 117 13.99 33.63 -20.13
N LEU F 118 14.75 34.68 -19.84
CA LEU F 118 15.20 34.98 -18.49
C LEU F 118 14.75 36.36 -18.08
N GLU F 119 14.35 36.51 -16.83
CA GLU F 119 13.94 37.80 -16.32
C GLU F 119 14.79 38.17 -15.12
N LYS F 120 15.21 39.44 -15.08
CA LYS F 120 16.08 39.92 -14.01
C LYS F 120 15.34 39.88 -12.70
N VAL F 121 16.06 39.59 -11.63
CA VAL F 121 15.52 39.65 -10.29
C VAL F 121 15.67 41.07 -9.79
N GLU F 122 14.63 41.60 -9.15
CA GLU F 122 14.62 42.96 -8.64
C GLU F 122 15.65 43.14 -7.53
N GLY F 123 16.48 44.17 -7.64
CA GLY F 123 17.49 44.48 -6.62
C GLY F 123 18.67 43.54 -6.57
N GLU F 124 18.91 42.79 -7.64
CA GLU F 124 19.96 41.77 -7.69
C GLU F 124 20.60 41.75 -9.07
N ASP F 125 21.89 42.02 -9.13
CA ASP F 125 22.61 42.01 -10.40
C ASP F 125 23.07 40.60 -10.72
N GLY F 126 23.01 40.24 -11.99
CA GLY F 126 23.45 38.92 -12.41
C GLY F 126 22.65 37.74 -11.87
N LEU F 127 21.38 37.99 -11.51
CA LEU F 127 20.48 36.95 -11.03
C LEU F 127 19.18 36.97 -11.83
N TYR F 128 18.78 35.81 -12.34
CA TYR F 128 17.62 35.70 -13.21
C TYR F 128 16.68 34.56 -12.77
N THR F 129 15.39 34.71 -13.09
CA THR F 129 14.43 33.62 -12.96
C THR F 129 14.01 33.12 -14.32
N ALA F 130 13.57 31.86 -14.36
CA ALA F 130 13.06 31.22 -15.56
C ALA F 130 11.92 30.27 -15.22
N ASP F 131 10.93 30.19 -16.12
CA ASP F 131 9.79 29.27 -16.01
C ASP F 131 10.31 27.84 -15.85
N SER F 132 9.94 27.19 -14.75
CA SER F 132 10.44 25.83 -14.44
C SER F 132 9.96 24.74 -15.39
N VAL F 133 8.97 25.04 -16.22
CA VAL F 133 8.52 24.09 -17.23
C VAL F 133 9.28 24.30 -18.54
N GLU F 134 9.54 25.56 -18.87
CA GLU F 134 10.27 25.93 -20.10
C GLU F 134 11.69 25.36 -20.12
N VAL F 135 12.37 25.44 -18.98
CA VAL F 135 13.80 25.08 -18.90
C VAL F 135 14.06 23.64 -19.32
N PRO F 136 13.36 22.66 -18.69
CA PRO F 136 13.62 21.26 -19.06
C PRO F 136 13.38 20.98 -20.53
N ALA F 137 12.30 21.52 -21.06
CA ALA F 137 11.96 21.34 -22.47
C ALA F 137 13.12 21.81 -23.36
N LYS F 138 13.61 23.00 -23.09
CA LYS F 138 14.65 23.61 -23.91
C LYS F 138 16.02 22.95 -23.70
N LEU F 139 16.31 22.55 -22.46
CA LEU F 139 17.53 21.77 -22.21
C LEU F 139 17.52 20.47 -23.00
N ALA F 140 16.37 19.80 -23.03
CA ALA F 140 16.26 18.54 -23.74
C ALA F 140 16.41 18.74 -25.25
N VAL F 141 15.77 19.77 -25.78
CA VAL F 141 15.88 20.05 -27.22
C VAL F 141 17.33 20.33 -27.59
N GLY F 142 17.99 21.18 -26.80
CA GLY F 142 19.42 21.46 -26.98
C GLY F 142 20.24 20.17 -27.09
N ALA F 143 20.02 19.24 -26.17
CA ALA F 143 20.76 17.98 -26.17
C ALA F 143 20.48 17.14 -27.42
N ILE F 144 19.20 17.02 -27.75
CA ILE F 144 18.78 16.19 -28.89
C ILE F 144 19.25 16.79 -30.22
N ASP F 145 19.06 18.09 -30.38
CA ASP F 145 19.48 18.76 -31.62
C ASP F 145 21.01 18.79 -31.78
N ALA F 146 21.74 18.71 -30.67
CA ALA F 146 23.20 18.56 -30.73
C ALA F 146 23.60 17.14 -31.09
N GLY F 147 22.65 16.21 -31.08
CA GLY F 147 22.92 14.84 -31.50
C GLY F 147 22.89 13.80 -30.38
N ALA F 148 22.70 14.23 -29.15
CA ALA F 148 22.57 13.27 -28.04
C ALA F 148 21.25 12.52 -28.15
N LYS F 149 21.28 11.23 -27.88
CA LYS F 149 20.08 10.41 -27.76
C LYS F 149 19.64 10.40 -26.30
N VAL F 150 18.36 10.70 -26.05
CA VAL F 150 17.79 10.67 -24.70
C VAL F 150 16.79 9.52 -24.58
N LEU F 151 17.12 8.54 -23.75
CA LEU F 151 16.23 7.40 -23.52
C LEU F 151 15.64 7.52 -22.13
N THR F 152 14.31 7.53 -22.04
CA THR F 152 13.60 7.64 -20.78
C THR F 152 12.97 6.31 -20.43
N GLY F 153 12.48 6.18 -19.19
CA GLY F 153 12.01 4.88 -18.71
C GLY F 153 13.12 3.84 -18.58
N ILE F 154 14.37 4.29 -18.42
CA ILE F 154 15.53 3.37 -18.33
C ILE F 154 16.30 3.64 -17.04
N VAL F 155 16.52 2.59 -16.26
CA VAL F 155 17.23 2.71 -15.00
C VAL F 155 18.60 2.06 -15.17
N VAL F 156 19.64 2.80 -14.80
CA VAL F 156 20.97 2.18 -14.63
C VAL F 156 21.06 1.54 -13.25
N GLU F 157 21.10 0.22 -13.21
CA GLU F 157 21.14 -0.48 -11.93
C GLU F 157 22.57 -0.93 -11.53
N ASP F 158 23.53 -0.85 -12.45
CA ASP F 158 24.89 -1.30 -12.14
C ASP F 158 25.86 -0.82 -13.19
N LEU F 159 27.14 -1.20 -13.02
CA LEU F 159 28.19 -0.86 -13.97
C LEU F 159 28.78 -2.10 -14.62
N VAL F 160 29.31 -1.91 -15.82
CA VAL F 160 30.13 -2.92 -16.48
C VAL F 160 31.57 -2.55 -16.14
N LEU F 161 32.35 -3.51 -15.70
CA LEU F 161 33.74 -3.26 -15.28
C LEU F 161 34.75 -3.91 -16.20
N ARG F 162 35.92 -3.29 -16.28
CA ARG F 162 37.12 -3.94 -16.81
C ARG F 162 38.28 -3.64 -15.85
N GLU F 163 39.46 -4.16 -16.16
CA GLU F 163 40.64 -3.97 -15.32
C GLU F 163 40.72 -2.50 -14.93
N ASN F 164 40.56 -2.23 -13.65
CA ASN F 164 40.71 -0.88 -13.12
C ASN F 164 39.87 0.21 -13.74
N ARG F 165 38.72 -0.14 -14.30
CA ARG F 165 37.84 0.90 -14.78
C ARG F 165 36.39 0.48 -15.03
N VAL F 166 35.55 1.49 -15.15
CA VAL F 166 34.15 1.35 -15.56
C VAL F 166 34.12 1.43 -17.08
N ALA F 167 33.51 0.44 -17.72
CA ALA F 167 33.47 0.33 -19.18
C ALA F 167 32.05 0.31 -19.78
N GLY F 168 31.05 0.70 -18.99
CA GLY F 168 29.66 0.70 -19.47
C GLY F 168 28.63 0.71 -18.34
N VAL F 169 27.36 0.59 -18.74
CA VAL F 169 26.24 0.58 -17.78
C VAL F 169 25.32 -0.62 -17.97
N VAL F 170 24.74 -1.03 -16.84
CA VAL F 170 23.80 -2.13 -16.78
C VAL F 170 22.41 -1.50 -16.64
N ILE F 171 21.53 -1.77 -17.60
CA ILE F 171 20.26 -1.06 -17.71
C ILE F 171 19.07 -2.00 -17.63
N ASN F 172 18.01 -1.49 -16.99
CA ASN F 172 16.72 -2.14 -16.99
C ASN F 172 15.65 -1.09 -17.21
N SER F 173 14.40 -1.51 -17.38
CA SER F 173 13.33 -0.54 -17.61
C SER F 173 12.75 -0.10 -16.29
N TYR F 174 12.32 1.15 -16.23
CA TYR F 174 11.58 1.68 -15.10
C TYR F 174 10.33 0.84 -14.83
N ALA F 175 9.64 0.43 -15.89
CA ALA F 175 8.47 -0.42 -15.77
C ALA F 175 8.78 -1.71 -14.99
N ILE F 176 9.85 -2.40 -15.38
CA ILE F 176 10.26 -3.61 -14.70
C ILE F 176 10.65 -3.33 -13.24
N GLU F 177 11.34 -2.23 -12.99
CA GLU F 177 11.74 -1.85 -11.64
C GLU F 177 10.52 -1.58 -10.78
N LYS F 178 9.66 -0.67 -11.24
CA LYS F 178 8.51 -0.25 -10.46
C LYS F 178 7.52 -1.41 -10.27
N ALA F 179 7.40 -2.28 -11.29
CA ALA F 179 6.54 -3.45 -11.16
C ALA F 179 7.11 -4.51 -10.25
N GLY F 180 8.43 -4.45 -9.97
CA GLY F 180 9.07 -5.42 -9.06
C GLY F 180 9.30 -6.81 -9.67
N LEU F 181 9.39 -6.88 -10.99
CA LEU F 181 9.53 -8.17 -11.68
C LEU F 181 10.99 -8.61 -11.65
N HIS F 182 11.21 -9.91 -11.57
CA HIS F 182 12.56 -10.47 -11.45
C HIS F 182 13.09 -10.76 -12.85
N ILE F 183 13.60 -9.72 -13.49
CA ILE F 183 14.04 -9.79 -14.87
C ILE F 183 15.44 -9.19 -15.01
N ASP F 184 16.32 -9.90 -15.73
CA ASP F 184 17.72 -9.47 -15.89
C ASP F 184 17.88 -8.25 -16.77
N PRO F 185 18.94 -7.46 -16.52
CA PRO F 185 19.23 -6.26 -17.29
C PRO F 185 19.94 -6.59 -18.60
N ILE F 186 20.13 -5.56 -19.42
CA ILE F 186 21.04 -5.63 -20.57
C ILE F 186 22.06 -4.51 -20.38
N THR F 187 22.91 -4.28 -21.39
CA THR F 187 24.07 -3.39 -21.22
C THR F 187 24.27 -2.44 -22.37
N ILE F 188 24.84 -1.28 -22.04
CA ILE F 188 25.36 -0.34 -23.00
C ILE F 188 26.86 -0.15 -22.71
N THR F 189 27.70 -0.42 -23.72
CA THR F 189 29.13 -0.24 -23.60
C THR F 189 29.49 1.21 -23.87
N ALA F 190 30.37 1.76 -23.04
CA ALA F 190 30.78 3.15 -23.14
C ALA F 190 32.24 3.34 -22.78
N LYS F 191 32.88 4.32 -23.41
CA LYS F 191 34.24 4.71 -23.03
C LYS F 191 34.19 5.47 -21.71
N TYR F 192 33.22 6.36 -21.58
CA TYR F 192 33.00 7.06 -20.32
C TYR F 192 31.53 6.99 -19.86
N VAL F 193 31.33 6.91 -18.55
CA VAL F 193 30.02 6.97 -17.92
C VAL F 193 29.99 8.21 -17.03
N VAL F 194 28.84 8.88 -16.96
CA VAL F 194 28.66 10.04 -16.12
C VAL F 194 27.50 9.81 -15.15
N ASP F 195 27.76 9.97 -13.86
CA ASP F 195 26.72 9.98 -12.86
C ASP F 195 26.23 11.41 -12.72
N ALA F 196 25.07 11.68 -13.35
CA ALA F 196 24.36 12.95 -13.18
C ALA F 196 22.99 12.72 -12.55
N THR F 197 22.96 11.82 -11.56
CA THR F 197 21.71 11.33 -10.99
C THR F 197 21.17 12.13 -9.83
N GLY F 198 21.79 13.26 -9.52
CA GLY F 198 21.28 14.14 -8.48
C GLY F 198 21.72 13.76 -7.08
N HIS F 199 20.95 14.18 -6.08
CA HIS F 199 21.28 13.99 -4.68
C HIS F 199 21.77 12.60 -4.27
N ASP F 200 21.21 11.56 -4.89
CA ASP F 200 21.54 10.19 -4.48
C ASP F 200 22.87 9.66 -5.01
N ALA F 201 23.44 10.31 -6.04
CA ALA F 201 24.63 9.80 -6.69
C ALA F 201 24.54 8.28 -6.82
N SER F 202 23.51 7.81 -7.52
CA SER F 202 23.15 6.40 -7.41
C SER F 202 24.11 5.47 -8.13
N VAL F 203 24.77 5.97 -9.16
CA VAL F 203 25.72 5.14 -9.90
C VAL F 203 27.02 4.97 -9.10
N VAL F 204 27.57 6.07 -8.61
CA VAL F 204 28.79 6.01 -7.80
C VAL F 204 28.50 5.21 -6.52
N THR F 205 27.31 5.43 -5.94
CA THR F 205 26.92 4.72 -4.73
C THR F 205 26.89 3.22 -4.97
N THR F 206 26.34 2.80 -6.11
CA THR F 206 26.27 1.38 -6.43
C THR F 206 27.68 0.79 -6.65
N LEU F 207 28.52 1.52 -7.39
CA LEU F 207 29.89 1.07 -7.58
C LEU F 207 30.57 0.84 -6.23
N SER F 208 30.44 1.80 -5.33
CA SER F 208 31.15 1.73 -4.07
C SER F 208 30.60 0.63 -3.17
N ARG F 209 29.28 0.41 -3.23
CA ARG F 209 28.62 -0.57 -2.38
C ARG F 209 28.93 -2.00 -2.81
N LYS F 210 28.90 -2.26 -4.11
CA LYS F 210 29.08 -3.63 -4.58
C LYS F 210 30.56 -4.03 -4.77
N ASN F 211 31.43 -3.03 -4.81
CA ASN F 211 32.87 -3.27 -4.99
C ASN F 211 33.61 -2.48 -3.90
N PRO F 212 33.45 -2.94 -2.63
CA PRO F 212 34.00 -2.21 -1.49
C PRO F 212 35.54 -2.13 -1.50
N GLU F 213 36.21 -3.11 -2.10
CA GLU F 213 37.67 -3.10 -2.21
C GLU F 213 38.22 -1.92 -3.01
N LEU F 214 37.38 -1.26 -3.80
CA LEU F 214 37.81 -0.03 -4.47
C LEU F 214 38.04 1.11 -3.48
N GLY F 215 37.48 1.01 -2.29
CA GLY F 215 37.64 2.07 -1.30
C GLY F 215 36.92 3.38 -1.59
N LEU F 216 35.93 3.35 -2.47
CA LEU F 216 35.14 4.56 -2.75
C LEU F 216 34.12 4.75 -1.64
N GLU F 217 33.77 6.00 -1.38
CA GLU F 217 32.74 6.31 -0.39
C GLU F 217 31.89 7.47 -0.84
N VAL F 218 30.60 7.39 -0.58
CA VAL F 218 29.69 8.48 -0.89
C VAL F 218 29.13 8.98 0.43
N PRO F 219 29.73 10.03 0.99
CA PRO F 219 29.28 10.50 2.29
C PRO F 219 27.93 11.19 2.24
N GLY F 220 27.58 11.75 1.10
CA GLY F 220 26.34 12.51 0.97
C GLY F 220 26.59 13.97 1.25
N GLU F 221 25.68 14.80 0.76
CA GLU F 221 25.79 16.24 0.85
C GLU F 221 25.75 16.75 2.27
N LYS F 222 26.20 17.99 2.45
CA LYS F 222 26.02 18.73 3.69
C LYS F 222 24.78 19.59 3.61
N SER F 223 24.43 20.25 4.71
CA SER F 223 23.24 21.10 4.75
C SER F 223 23.40 22.30 3.84
N MET F 224 22.42 23.20 3.82
CA MET F 224 22.40 24.24 2.82
C MET F 224 23.31 25.43 3.13
N TRP F 225 24.20 25.70 2.20
CA TRP F 225 25.02 26.92 2.21
C TRP F 225 25.29 27.23 0.74
N ALA F 226 24.44 28.09 0.17
CA ALA F 226 24.32 28.20 -1.28
C ALA F 226 25.62 28.60 -1.95
N GLU F 227 26.28 29.62 -1.41
CA GLU F 227 27.52 30.11 -2.02
C GLU F 227 28.64 29.07 -1.95
N LYS F 228 28.79 28.44 -0.80
CA LYS F 228 29.79 27.38 -0.68
C LYS F 228 29.44 26.18 -1.52
N GLY F 229 28.15 25.83 -1.57
CA GLY F 229 27.72 24.68 -2.37
C GLY F 229 27.96 24.88 -3.85
N GLU F 230 27.56 26.04 -4.37
CA GLU F 230 27.74 26.33 -5.79
C GLU F 230 29.20 26.27 -6.21
N ASN F 231 30.09 26.83 -5.40
CA ASN F 231 31.50 26.92 -5.78
C ASN F 231 32.29 25.63 -5.56
N ALA F 232 31.80 24.76 -4.68
CA ALA F 232 32.38 23.44 -4.50
C ALA F 232 32.15 22.54 -5.73
N LEU F 233 31.06 22.78 -6.47
CA LEU F 233 30.67 21.91 -7.59
C LEU F 233 31.71 21.76 -8.68
N LEU F 234 32.40 22.84 -8.99
CA LEU F 234 33.38 22.82 -10.07
C LEU F 234 34.59 21.98 -9.69
N ARG F 235 35.02 22.08 -8.44
CA ARG F 235 36.10 21.25 -7.90
C ARG F 235 35.64 19.80 -7.84
N ASN F 236 34.38 19.60 -7.46
CA ASN F 236 33.83 18.25 -7.25
C ASN F 236 33.40 17.53 -8.52
N THR F 237 33.38 18.25 -9.64
CA THR F 237 33.07 17.65 -10.92
C THR F 237 34.33 17.02 -11.51
N ARG F 238 34.42 15.70 -11.46
CA ARG F 238 35.64 15.01 -11.89
C ARG F 238 35.47 13.52 -12.05
N GLU F 239 36.55 12.86 -12.45
CA GLU F 239 36.57 11.42 -12.64
C GLU F 239 36.78 10.77 -11.28
N VAL F 240 35.74 10.10 -10.77
CA VAL F 240 35.78 9.47 -9.45
C VAL F 240 36.55 8.18 -9.46
N TYR F 241 36.55 7.49 -10.58
CA TYR F 241 37.20 6.21 -10.74
C TYR F 241 37.36 6.15 -12.23
N PRO F 242 38.38 5.42 -12.73
CA PRO F 242 38.61 5.53 -14.18
C PRO F 242 37.39 5.08 -14.99
N GLY F 243 36.95 5.96 -15.89
CA GLY F 243 35.81 5.70 -16.75
C GLY F 243 34.51 6.29 -16.21
N LEU F 244 34.52 6.79 -14.98
CA LEU F 244 33.31 7.28 -14.32
C LEU F 244 33.45 8.69 -13.80
N PHE F 245 32.74 9.62 -14.42
CA PHE F 245 32.67 11.00 -13.96
C PHE F 245 31.41 11.25 -13.15
N VAL F 246 31.40 12.36 -12.43
CA VAL F 246 30.25 12.78 -11.68
C VAL F 246 30.09 14.28 -11.89
N CYS F 247 28.83 14.72 -12.03
CA CYS F 247 28.49 16.13 -12.16
C CYS F 247 27.13 16.39 -11.53
N GLY F 248 26.75 17.67 -11.46
CA GLY F 248 25.52 18.07 -10.82
C GLY F 248 25.59 17.83 -9.33
N MET F 249 24.42 17.73 -8.68
CA MET F 249 24.36 17.50 -7.24
C MET F 249 25.04 16.20 -6.82
N ALA F 250 25.07 15.21 -7.70
CA ALA F 250 25.79 13.99 -7.41
C ALA F 250 27.26 14.28 -7.01
N ALA F 251 27.86 15.31 -7.61
CA ALA F 251 29.24 15.68 -7.31
C ALA F 251 29.40 16.11 -5.86
N ASN F 252 28.47 16.92 -5.36
CA ASN F 252 28.51 17.31 -3.96
C ASN F 252 28.10 16.20 -2.98
N ALA F 253 27.43 15.16 -3.47
CA ALA F 253 27.08 14.02 -2.62
C ALA F 253 28.32 13.16 -2.45
N VAL F 254 29.04 12.98 -3.55
CA VAL F 254 30.27 12.18 -3.54
C VAL F 254 31.39 12.85 -2.72
N TYR F 255 31.50 14.18 -2.79
CA TYR F 255 32.57 14.91 -2.10
C TYR F 255 32.09 15.80 -0.97
N ALA F 256 30.92 15.49 -0.45
CA ALA F 256 30.39 16.20 0.71
C ALA F 256 30.40 17.72 0.58
N GLY F 257 29.97 18.23 -0.57
CA GLY F 257 29.68 19.67 -0.67
C GLY F 257 28.31 20.04 -0.11
N HIS F 258 28.07 21.33 0.08
CA HIS F 258 26.79 21.82 0.55
C HIS F 258 25.75 21.81 -0.58
N ARG F 259 24.49 21.70 -0.20
CA ARG F 259 23.39 21.90 -1.14
C ARG F 259 23.14 23.40 -1.24
N MET F 260 22.44 23.83 -2.29
CA MET F 260 22.28 25.25 -2.60
C MET F 260 20.84 25.75 -2.82
N GLY F 261 19.85 24.86 -2.77
CA GLY F 261 18.46 25.24 -3.03
C GLY F 261 18.19 25.38 -4.52
N ALA F 262 17.09 26.04 -4.85
CA ALA F 262 16.58 26.07 -6.22
C ALA F 262 17.30 27.08 -7.12
N ILE F 263 18.63 27.08 -7.06
CA ILE F 263 19.48 27.88 -7.93
C ILE F 263 20.35 26.90 -8.71
N PHE F 264 20.39 27.07 -10.03
CA PHE F 264 20.88 26.00 -10.93
C PHE F 264 22.15 26.31 -11.73
N GLY F 265 22.73 27.49 -11.54
CA GLY F 265 23.92 27.85 -12.31
C GLY F 265 25.02 26.84 -12.13
N GLY F 266 25.23 26.42 -10.89
CA GLY F 266 26.22 25.39 -10.60
C GLY F 266 25.96 24.12 -11.37
N MET F 267 24.69 23.71 -11.46
CA MET F 267 24.34 22.49 -12.19
C MET F 267 24.75 22.62 -13.65
N TYR F 268 24.46 23.76 -14.26
CA TYR F 268 24.75 23.94 -15.69
C TYR F 268 26.25 23.99 -15.94
N ILE F 269 26.96 24.80 -15.14
CA ILE F 269 28.41 24.89 -15.28
C ILE F 269 29.09 23.55 -15.01
N SER F 270 28.63 22.85 -13.98
CA SER F 270 29.16 21.52 -13.67
C SER F 270 29.02 20.58 -14.85
N GLY F 271 27.83 20.57 -15.46
CA GLY F 271 27.58 19.72 -16.62
C GLY F 271 28.45 20.12 -17.81
N LYS F 272 28.60 21.43 -18.03
CA LYS F 272 29.45 21.92 -19.11
C LYS F 272 30.91 21.52 -18.87
N LYS F 273 31.38 21.71 -17.64
CA LYS F 273 32.75 21.34 -17.30
C LYS F 273 32.98 19.84 -17.48
N CYS F 274 32.05 19.05 -17.01
CA CYS F 274 32.13 17.60 -17.16
C CYS F 274 32.30 17.24 -18.64
N ALA F 275 31.52 17.90 -19.50
CA ALA F 275 31.61 17.68 -20.95
C ALA F 275 33.02 18.00 -21.47
N GLU F 276 33.53 19.16 -21.10
CA GLU F 276 34.86 19.59 -21.58
C GLU F 276 35.97 18.64 -21.16
N MET F 277 35.93 18.19 -19.90
CA MET F 277 36.89 17.19 -19.42
C MET F 277 36.84 15.92 -20.24
N ILE F 278 35.63 15.43 -20.50
CA ILE F 278 35.48 14.17 -21.24
C ILE F 278 35.82 14.33 -22.72
N VAL F 279 35.47 15.46 -23.31
CA VAL F 279 35.85 15.75 -24.69
C VAL F 279 37.38 15.72 -24.84
N GLU F 280 38.09 16.40 -23.92
CA GLU F 280 39.56 16.38 -23.91
C GLU F 280 40.09 14.94 -23.89
N LYS F 281 39.55 14.09 -23.02
CA LYS F 281 40.03 12.71 -22.91
C LYS F 281 39.74 11.88 -24.16
N LEU F 282 38.62 12.16 -24.80
CA LEU F 282 38.26 11.49 -26.04
C LEU F 282 39.21 11.88 -27.19
N LYS F 283 39.56 13.17 -27.24
CA LYS F 283 40.51 13.67 -28.26
C LYS F 283 41.90 13.10 -28.10
N ASN F 284 42.43 13.13 -26.88
CA ASN F 284 43.72 12.52 -26.56
C ASN F 284 43.84 11.07 -27.00
N ASN F 285 42.70 10.43 -27.27
CA ASN F 285 42.66 9.10 -27.87
C ASN F 285 42.02 9.16 -29.24
N ARG G 27 33.86 32.38 -9.82
CA ARG G 27 33.35 32.69 -8.44
C ARG G 27 31.85 33.01 -8.46
N LEU G 28 31.03 31.97 -8.33
CA LEU G 28 29.57 32.12 -8.38
C LEU G 28 29.00 32.77 -7.12
N ARG G 29 27.97 33.58 -7.32
CA ARG G 29 27.35 34.33 -6.24
C ARG G 29 25.94 33.81 -6.05
N ALA G 30 25.60 33.47 -4.81
CA ALA G 30 24.33 32.81 -4.51
C ALA G 30 23.95 33.06 -3.06
N ASP G 31 22.67 33.34 -2.84
CA ASP G 31 22.15 33.58 -1.51
C ASP G 31 20.79 32.88 -1.38
N GLU G 32 20.51 32.35 -0.19
CA GLU G 32 19.30 31.57 0.05
C GLU G 32 18.06 32.48 0.02
N TYR G 33 18.14 33.58 0.76
CA TYR G 33 17.04 34.53 0.84
C TYR G 33 16.71 35.12 -0.53
N ALA G 34 17.74 35.43 -1.30
CA ALA G 34 17.54 36.07 -2.60
C ALA G 34 16.95 35.10 -3.61
N THR G 35 17.37 33.84 -3.54
CA THR G 35 16.81 32.77 -4.37
C THR G 35 15.33 32.58 -4.04
N THR G 36 15.03 32.43 -2.76
CA THR G 36 13.69 32.24 -2.29
C THR G 36 12.79 33.42 -2.66
N ARG G 37 13.27 34.62 -2.38
CA ARG G 37 12.51 35.84 -2.68
C ARG G 37 12.20 35.96 -4.16
N ALA G 38 13.19 35.68 -4.99
CA ALA G 38 13.04 35.75 -6.43
C ALA G 38 11.96 34.79 -6.96
N ILE G 39 11.94 33.57 -6.43
CA ILE G 39 10.98 32.55 -6.86
C ILE G 39 9.58 32.98 -6.45
N LEU G 40 9.43 33.44 -5.21
CA LEU G 40 8.16 33.92 -4.72
C LEU G 40 7.60 35.07 -5.55
N LYS G 41 8.46 36.02 -5.91
CA LYS G 41 8.01 37.20 -6.66
C LYS G 41 7.56 36.84 -8.06
N SER G 42 8.33 36.02 -8.77
CA SER G 42 7.93 35.57 -10.10
C SER G 42 6.65 34.74 -10.07
N ALA G 43 6.52 33.86 -9.07
CA ALA G 43 5.36 33.00 -8.98
C ALA G 43 4.10 33.78 -8.66
N PHE G 44 4.20 34.70 -7.72
CA PHE G 44 3.01 35.44 -7.35
CA PHE G 44 3.12 35.60 -7.29
C PHE G 44 2.57 36.44 -8.44
N ASP G 45 3.50 37.01 -9.19
CA ASP G 45 3.16 37.82 -10.37
C ASP G 45 2.47 36.94 -11.42
N MET G 46 3.04 35.77 -11.68
CA MET G 46 2.48 34.82 -12.62
C MET G 46 1.04 34.46 -12.23
N TRP G 47 0.83 34.07 -10.97
CA TRP G 47 -0.49 33.65 -10.50
C TRP G 47 -1.56 34.73 -10.62
N LEU G 48 -1.22 35.97 -10.23
CA LEU G 48 -2.18 37.07 -10.27
C LEU G 48 -2.62 37.39 -11.69
N ASP G 49 -1.73 37.13 -12.64
CA ASP G 49 -2.03 37.31 -14.04
C ASP G 49 -2.84 36.14 -14.63
N ILE G 50 -2.51 34.92 -14.24
CA ILE G 50 -3.02 33.75 -14.94
C ILE G 50 -4.43 33.34 -14.50
N ILE G 51 -4.96 33.94 -13.44
CA ILE G 51 -6.27 33.53 -12.93
C ILE G 51 -7.47 34.06 -13.74
N ASP G 52 -7.19 34.79 -14.83
CA ASP G 52 -8.21 35.12 -15.82
C ASP G 52 -7.58 35.05 -17.19
N VAL G 53 -8.17 34.24 -18.07
CA VAL G 53 -7.59 33.94 -19.38
C VAL G 53 -8.69 33.93 -20.45
N ASP G 54 -8.28 33.86 -21.72
CA ASP G 54 -9.20 33.61 -22.80
C ASP G 54 -9.55 32.12 -22.83
N VAL G 55 -8.52 31.26 -22.84
CA VAL G 55 -8.72 29.83 -22.94
C VAL G 55 -7.90 29.06 -21.89
N ALA G 56 -8.57 28.14 -21.18
CA ALA G 56 -7.91 27.22 -20.28
C ALA G 56 -8.00 25.82 -20.88
N ILE G 57 -6.85 25.31 -21.32
CA ILE G 57 -6.76 23.95 -21.85
C ILE G 57 -6.35 22.99 -20.74
N VAL G 58 -7.12 21.91 -20.56
CA VAL G 58 -6.84 20.93 -19.53
C VAL G 58 -6.18 19.73 -20.17
N GLY G 59 -4.91 19.49 -19.83
CA GLY G 59 -4.16 18.37 -20.38
C GLY G 59 -3.03 18.88 -21.25
N GLY G 60 -1.80 18.51 -20.89
CA GLY G 60 -0.61 18.90 -21.65
C GLY G 60 -0.08 17.77 -22.49
N GLY G 61 -0.98 16.98 -23.04
CA GLY G 61 -0.60 15.97 -24.04
C GLY G 61 -0.47 16.56 -25.45
N PRO G 62 -0.37 15.69 -26.44
CA PRO G 62 -0.17 16.16 -27.81
C PRO G 62 -1.32 17.02 -28.34
N SER G 63 -2.55 16.65 -28.03
CA SER G 63 -3.70 17.42 -28.54
C SER G 63 -3.76 18.77 -27.84
N GLY G 64 -3.63 18.78 -26.52
CA GLY G 64 -3.63 20.01 -25.73
C GLY G 64 -2.52 20.99 -26.04
N LEU G 65 -1.31 20.48 -26.26
CA LEU G 65 -0.18 21.36 -26.55
C LEU G 65 -0.28 21.94 -27.98
N THR G 66 -0.81 21.16 -28.90
CA THR G 66 -1.05 21.64 -30.26
C THR G 66 -2.11 22.74 -30.25
N ALA G 67 -3.25 22.46 -29.60
CA ALA G 67 -4.29 23.48 -29.43
C ALA G 67 -3.76 24.76 -28.83
N ALA G 68 -2.90 24.64 -27.81
CA ALA G 68 -2.37 25.82 -27.12
C ALA G 68 -1.52 26.69 -28.06
N ARG G 69 -0.70 26.05 -28.87
CA ARG G 69 0.14 26.76 -29.82
C ARG G 69 -0.70 27.58 -30.80
N TYR G 70 -1.64 26.91 -31.46
CA TYR G 70 -2.43 27.56 -32.51
C TYR G 70 -3.35 28.65 -32.00
N ILE G 71 -3.79 28.57 -30.75
CA ILE G 71 -4.58 29.66 -30.17
C ILE G 71 -3.69 30.83 -29.76
N ALA G 72 -2.56 30.53 -29.09
CA ALA G 72 -1.68 31.57 -28.56
C ALA G 72 -1.02 32.34 -29.68
N LYS G 73 -0.65 31.61 -30.71
CA LYS G 73 -0.16 32.14 -31.99
C LYS G 73 -0.98 33.31 -32.56
N GLU G 74 -2.29 33.31 -32.30
CA GLU G 74 -3.17 34.40 -32.74
C GLU G 74 -3.30 35.51 -31.71
N GLY G 75 -2.46 35.48 -30.67
CA GLY G 75 -2.38 36.59 -29.72
C GLY G 75 -3.30 36.50 -28.51
N TYR G 76 -4.02 35.40 -28.36
CA TYR G 76 -4.92 35.24 -27.22
C TYR G 76 -4.19 34.67 -26.00
N LYS G 77 -4.76 34.91 -24.82
CA LYS G 77 -4.17 34.51 -23.54
C LYS G 77 -4.59 33.08 -23.16
N VAL G 78 -3.64 32.16 -23.24
CA VAL G 78 -3.87 30.72 -23.07
C VAL G 78 -3.06 30.14 -21.92
N VAL G 79 -3.72 29.33 -21.09
CA VAL G 79 -3.03 28.50 -20.10
C VAL G 79 -3.37 27.02 -20.32
N VAL G 80 -2.35 26.17 -20.25
CA VAL G 80 -2.50 24.74 -20.23
C VAL G 80 -2.30 24.26 -18.79
N LEU G 81 -3.22 23.43 -18.29
CA LEU G 81 -3.14 22.87 -16.94
C LEU G 81 -2.93 21.37 -17.04
N GLU G 82 -1.81 20.90 -16.50
CA GLU G 82 -1.43 19.49 -16.60
C GLU G 82 -1.19 18.91 -15.21
N ARG G 83 -1.79 17.76 -14.94
CA ARG G 83 -1.69 17.10 -13.63
C ARG G 83 -0.23 16.78 -13.27
N HIS G 84 0.46 16.08 -14.16
CA HIS G 84 1.82 15.62 -13.86
C HIS G 84 2.80 16.76 -13.92
N LEU G 85 3.93 16.58 -13.24
CA LEU G 85 4.95 17.64 -13.17
C LEU G 85 5.56 17.90 -14.51
N ALA G 86 5.71 16.85 -15.32
CA ALA G 86 6.10 16.99 -16.71
C ALA G 86 4.87 17.02 -17.64
N PHE G 87 4.99 17.79 -18.71
CA PHE G 87 4.04 17.77 -19.82
C PHE G 87 4.23 16.48 -20.61
N GLY G 88 3.47 16.32 -21.70
CA GLY G 88 3.70 15.26 -22.67
C GLY G 88 2.60 14.21 -22.69
N GLY G 89 1.89 14.07 -21.59
CA GLY G 89 0.81 13.08 -21.51
C GLY G 89 1.30 11.67 -21.77
N GLY G 90 0.51 10.90 -22.51
CA GLY G 90 0.82 9.50 -22.79
C GLY G 90 1.65 9.26 -24.04
N THR G 91 2.61 10.13 -24.32
CA THR G 91 3.46 10.03 -25.52
C THR G 91 4.86 9.43 -25.27
N TRP G 92 5.42 9.69 -24.08
CA TRP G 92 6.83 9.40 -23.77
C TRP G 92 7.26 7.97 -24.06
N GLY G 93 6.39 7.01 -23.74
CA GLY G 93 6.69 5.59 -23.88
C GLY G 93 6.44 4.98 -25.26
N GLY G 94 6.04 5.80 -26.23
CA GLY G 94 5.84 5.32 -27.60
C GLY G 94 4.80 4.21 -27.67
N GLY G 95 5.18 3.07 -28.23
CA GLY G 95 4.31 1.91 -28.32
C GLY G 95 4.86 0.78 -27.47
N MET G 96 4.18 0.49 -26.37
CA MET G 96 4.58 -0.55 -25.45
C MET G 96 6.04 -0.37 -24.95
N GLY G 97 6.47 0.86 -24.76
CA GLY G 97 7.82 1.16 -24.29
C GLY G 97 8.82 1.41 -25.40
N PHE G 98 8.57 0.89 -26.61
CA PHE G 98 9.42 1.16 -27.76
C PHE G 98 9.31 2.64 -28.10
N PRO G 99 10.40 3.39 -27.96
CA PRO G 99 10.25 4.84 -27.88
C PRO G 99 10.11 5.61 -29.22
N TYR G 100 9.14 5.17 -30.02
CA TYR G 100 8.77 5.88 -31.24
C TYR G 100 7.26 5.95 -31.35
N ILE G 101 6.79 7.05 -31.95
CA ILE G 101 5.40 7.19 -32.30
C ILE G 101 5.28 7.44 -33.80
N VAL G 102 4.07 7.30 -34.31
CA VAL G 102 3.79 7.35 -35.73
C VAL G 102 2.90 8.55 -36.02
N VAL G 103 3.09 9.13 -37.20
CA VAL G 103 2.22 10.20 -37.69
C VAL G 103 2.00 10.02 -39.20
N GLU G 104 0.78 10.29 -39.65
CA GLU G 104 0.39 10.14 -41.06
C GLU G 104 0.09 11.50 -41.67
N GLU G 105 0.33 11.67 -42.98
CA GLU G 105 0.04 12.96 -43.62
C GLU G 105 -1.47 13.27 -43.57
N PRO G 106 -1.82 14.56 -43.58
CA PRO G 106 -0.92 15.72 -43.62
C PRO G 106 -0.45 16.17 -42.22
N ALA G 107 -0.72 15.37 -41.19
CA ALA G 107 -0.45 15.76 -39.80
C ALA G 107 1.05 15.89 -39.51
N ASP G 108 1.88 15.17 -40.25
CA ASP G 108 3.34 15.31 -40.15
C ASP G 108 3.79 16.76 -40.24
N GLU G 109 3.09 17.55 -41.04
CA GLU G 109 3.39 18.98 -41.23
C GLU G 109 3.29 19.75 -39.90
N ILE G 110 2.38 19.34 -39.02
CA ILE G 110 2.24 20.00 -37.71
C ILE G 110 3.48 19.75 -36.83
N LEU G 111 4.05 18.55 -36.91
CA LEU G 111 5.29 18.26 -36.19
C LEU G 111 6.51 18.98 -36.81
N ARG G 112 6.56 19.06 -38.14
CA ARG G 112 7.63 19.78 -38.83
C ARG G 112 7.65 21.25 -38.41
N GLU G 113 6.48 21.84 -38.20
CA GLU G 113 6.43 23.23 -37.77
C GLU G 113 7.12 23.48 -36.45
N VAL G 114 7.24 22.46 -35.59
CA VAL G 114 7.91 22.64 -34.29
C VAL G 114 9.31 22.00 -34.23
N GLY G 115 9.80 21.53 -35.36
CA GLY G 115 11.19 21.09 -35.51
C GLY G 115 11.46 19.61 -35.33
N VAL G 116 10.43 18.79 -35.27
CA VAL G 116 10.62 17.37 -35.02
C VAL G 116 11.20 16.69 -36.25
N LYS G 117 12.23 15.87 -36.05
CA LYS G 117 12.80 15.05 -37.12
C LYS G 117 11.87 13.88 -37.39
N LEU G 118 11.58 13.65 -38.66
CA LEU G 118 10.69 12.56 -39.06
C LEU G 118 11.39 11.64 -40.02
N GLU G 119 11.16 10.34 -39.89
CA GLU G 119 11.74 9.39 -40.79
C GLU G 119 10.65 8.57 -41.44
N LYS G 120 10.80 8.33 -42.75
CA LYS G 120 9.80 7.62 -43.52
C LYS G 120 9.74 6.19 -43.07
N VAL G 121 8.54 5.63 -43.09
CA VAL G 121 8.35 4.22 -42.80
C VAL G 121 8.55 3.44 -44.11
N GLU G 122 9.27 2.33 -44.01
CA GLU G 122 9.58 1.50 -45.17
C GLU G 122 8.32 0.87 -45.74
N GLY G 123 8.12 1.03 -47.05
CA GLY G 123 6.96 0.45 -47.74
C GLY G 123 5.64 1.13 -47.47
N GLU G 124 5.68 2.37 -46.99
CA GLU G 124 4.46 3.10 -46.62
C GLU G 124 4.60 4.56 -46.98
N ASP G 125 3.72 5.04 -47.85
CA ASP G 125 3.76 6.44 -48.26
C ASP G 125 3.00 7.29 -47.26
N GLY G 126 3.51 8.49 -46.99
CA GLY G 126 2.85 9.39 -46.06
C GLY G 126 2.74 8.93 -44.62
N LEU G 127 3.67 8.06 -44.21
CA LEU G 127 3.74 7.56 -42.84
C LEU G 127 5.14 7.76 -42.30
N TYR G 128 5.24 8.36 -41.12
CA TYR G 128 6.53 8.69 -40.51
C TYR G 128 6.61 8.25 -39.06
N THR G 129 7.83 7.96 -38.58
CA THR G 129 8.10 7.76 -37.15
C THR G 129 8.86 8.95 -36.60
N ALA G 130 8.74 9.16 -35.30
CA ALA G 130 9.48 10.20 -34.56
C ALA G 130 9.84 9.70 -33.17
N ASP G 131 11.01 10.12 -32.69
CA ASP G 131 11.49 9.84 -31.34
C ASP G 131 10.44 10.29 -30.31
N SER G 132 9.95 9.35 -29.49
CA SER G 132 8.87 9.66 -28.52
C SER G 132 9.25 10.62 -27.39
N VAL G 133 10.55 10.88 -27.22
CA VAL G 133 11.02 11.84 -26.24
C VAL G 133 11.14 13.23 -26.88
N GLU G 134 11.61 13.26 -28.12
CA GLU G 134 11.75 14.52 -28.86
C GLU G 134 10.41 15.25 -29.02
N VAL G 135 9.36 14.49 -29.35
CA VAL G 135 8.08 15.09 -29.73
C VAL G 135 7.47 15.95 -28.62
N PRO G 136 7.33 15.40 -27.39
CA PRO G 136 6.76 16.21 -26.30
C PRO G 136 7.53 17.47 -26.04
N ALA G 137 8.87 17.36 -26.06
CA ALA G 137 9.74 18.51 -25.81
C ALA G 137 9.45 19.63 -26.81
N LYS G 138 9.42 19.26 -28.09
CA LYS G 138 9.21 20.24 -29.15
C LYS G 138 7.78 20.78 -29.20
N LEU G 139 6.80 19.91 -28.93
CA LEU G 139 5.42 20.38 -28.80
C LEU G 139 5.29 21.44 -27.71
N ALA G 140 5.95 21.20 -26.58
CA ALA G 140 5.87 22.13 -25.46
C ALA G 140 6.55 23.46 -25.78
N VAL G 141 7.71 23.40 -26.43
CA VAL G 141 8.43 24.61 -26.82
C VAL G 141 7.58 25.43 -27.81
N GLY G 142 6.99 24.76 -28.78
CA GLY G 142 6.05 25.40 -29.72
C GLY G 142 4.95 26.18 -29.00
N ALA G 143 4.33 25.53 -28.02
CA ALA G 143 3.26 26.17 -27.27
C ALA G 143 3.75 27.38 -26.49
N ILE G 144 4.88 27.22 -25.79
CA ILE G 144 5.41 28.28 -24.93
C ILE G 144 5.92 29.46 -25.74
N ASP G 145 6.67 29.18 -26.80
CA ASP G 145 7.17 30.23 -27.68
C ASP G 145 6.06 30.95 -28.46
N ALA G 146 4.93 30.29 -28.66
CA ALA G 146 3.75 30.95 -29.23
C ALA G 146 3.06 31.85 -28.21
N GLY G 147 3.44 31.73 -26.93
CA GLY G 147 2.88 32.58 -25.87
C GLY G 147 1.95 31.89 -24.89
N ALA G 148 1.70 30.59 -25.09
CA ALA G 148 0.89 29.83 -24.13
C ALA G 148 1.67 29.58 -22.84
N LYS G 149 1.00 29.73 -21.71
CA LYS G 149 1.55 29.39 -20.41
C LYS G 149 1.21 27.95 -20.08
N VAL G 150 2.21 27.14 -19.73
CA VAL G 150 1.99 25.74 -19.36
C VAL G 150 2.28 25.56 -17.88
N LEU G 151 1.24 25.23 -17.10
CA LEU G 151 1.39 24.99 -15.67
C LEU G 151 1.23 23.50 -15.41
N THR G 152 2.25 22.91 -14.79
CA THR G 152 2.24 21.47 -14.47
C THR G 152 2.02 21.30 -12.97
N GLY G 153 1.75 20.07 -12.54
CA GLY G 153 1.40 19.82 -11.16
C GLY G 153 0.08 20.44 -10.75
N ILE G 154 -0.81 20.64 -11.74
CA ILE G 154 -2.13 21.25 -11.49
C ILE G 154 -3.25 20.34 -12.01
N VAL G 155 -4.23 20.07 -11.16
CA VAL G 155 -5.33 19.21 -11.51
C VAL G 155 -6.57 20.05 -11.60
N VAL G 156 -7.27 19.96 -12.72
CA VAL G 156 -8.63 20.51 -12.81
C VAL G 156 -9.59 19.50 -12.20
N GLU G 157 -10.19 19.85 -11.06
CA GLU G 157 -11.10 18.93 -10.39
C GLU G 157 -12.58 19.26 -10.65
N ASP G 158 -12.87 20.42 -11.23
CA ASP G 158 -14.26 20.79 -11.48
C ASP G 158 -14.34 21.98 -12.44
N LEU G 159 -15.57 22.43 -12.72
CA LEU G 159 -15.80 23.59 -13.56
C LEU G 159 -16.47 24.71 -12.79
N VAL G 160 -16.24 25.93 -13.27
CA VAL G 160 -16.96 27.11 -12.82
C VAL G 160 -18.09 27.28 -13.84
N LEU G 161 -19.32 27.45 -13.34
CA LEU G 161 -20.49 27.57 -14.19
C LEU G 161 -21.12 28.95 -14.14
N ARG G 162 -21.75 29.33 -15.26
CA ARG G 162 -22.68 30.44 -15.29
C ARG G 162 -23.94 29.98 -16.02
N GLU G 163 -24.92 30.87 -16.17
CA GLU G 163 -26.17 30.54 -16.86
C GLU G 163 -25.86 29.81 -18.16
N ASN G 164 -26.25 28.54 -18.24
CA ASN G 164 -26.10 27.75 -19.44
C ASN G 164 -24.70 27.57 -20.02
N ARG G 165 -23.66 27.78 -19.23
CA ARG G 165 -22.32 27.61 -19.76
C ARG G 165 -21.23 27.40 -18.72
N VAL G 166 -20.09 26.90 -19.23
CA VAL G 166 -18.87 26.73 -18.45
C VAL G 166 -18.10 28.04 -18.60
N ALA G 167 -17.70 28.63 -17.47
CA ALA G 167 -17.01 29.93 -17.44
C ALA G 167 -15.62 29.91 -16.78
N GLY G 168 -15.05 28.71 -16.59
CA GLY G 168 -13.74 28.58 -15.96
C GLY G 168 -13.47 27.19 -15.40
N VAL G 169 -12.34 27.06 -14.71
CA VAL G 169 -11.92 25.78 -14.12
C VAL G 169 -11.60 25.90 -12.64
N VAL G 170 -11.82 24.79 -11.93
CA VAL G 170 -11.54 24.68 -10.52
C VAL G 170 -10.26 23.85 -10.39
N ILE G 171 -9.21 24.43 -9.81
CA ILE G 171 -7.90 23.82 -9.83
C ILE G 171 -7.38 23.51 -8.43
N ASN G 172 -6.64 22.41 -8.35
CA ASN G 172 -5.88 22.08 -7.15
C ASN G 172 -4.49 21.59 -7.57
N SER G 173 -3.61 21.35 -6.60
CA SER G 173 -2.27 20.86 -6.96
C SER G 173 -2.27 19.34 -6.98
N TYR G 174 -1.47 18.78 -7.88
CA TYR G 174 -1.23 17.36 -7.93
C TYR G 174 -0.69 16.87 -6.58
N ALA G 175 0.19 17.64 -5.96
CA ALA G 175 0.71 17.29 -4.63
C ALA G 175 -0.42 17.10 -3.63
N ILE G 176 -1.34 18.06 -3.56
CA ILE G 176 -2.48 17.94 -2.65
C ILE G 176 -3.37 16.74 -2.99
N GLU G 177 -3.61 16.50 -4.28
CA GLU G 177 -4.41 15.36 -4.70
C GLU G 177 -3.74 14.04 -4.30
N LYS G 178 -2.49 13.85 -4.71
CA LYS G 178 -1.77 12.60 -4.47
C LYS G 178 -1.54 12.37 -2.96
N ALA G 179 -1.31 13.44 -2.22
CA ALA G 179 -1.17 13.33 -0.77
C ALA G 179 -2.48 13.04 -0.04
N GLY G 180 -3.61 13.28 -0.70
CA GLY G 180 -4.92 13.01 -0.11
C GLY G 180 -5.36 14.02 0.94
N LEU G 181 -4.81 15.23 0.88
CA LEU G 181 -5.12 16.25 1.89
C LEU G 181 -6.45 16.93 1.60
N HIS G 182 -7.19 17.30 2.65
CA HIS G 182 -8.51 17.87 2.49
C HIS G 182 -8.39 19.39 2.41
N ILE G 183 -8.09 19.87 1.21
CA ILE G 183 -7.80 21.27 0.97
C ILE G 183 -8.60 21.78 -0.23
N ASP G 184 -9.20 22.94 -0.08
CA ASP G 184 -10.07 23.51 -1.11
C ASP G 184 -9.30 24.03 -2.33
N PRO G 185 -9.95 24.01 -3.50
CA PRO G 185 -9.33 24.48 -4.74
C PRO G 185 -9.40 25.98 -4.90
N ILE G 186 -8.73 26.51 -5.92
CA ILE G 186 -8.94 27.89 -6.37
C ILE G 186 -9.42 27.82 -7.81
N THR G 187 -9.51 28.99 -8.48
CA THR G 187 -10.13 29.06 -9.81
C THR G 187 -9.35 29.85 -10.81
N ILE G 188 -9.53 29.47 -12.07
CA ILE G 188 -9.10 30.26 -13.21
C ILE G 188 -10.33 30.55 -14.08
N THR G 189 -10.61 31.84 -14.28
CA THR G 189 -11.74 32.25 -15.13
C THR G 189 -11.31 32.20 -16.59
N ALA G 190 -12.19 31.68 -17.44
CA ALA G 190 -11.89 31.55 -18.87
C ALA G 190 -13.16 31.78 -19.72
N LYS G 191 -12.97 32.29 -20.93
CA LYS G 191 -14.07 32.38 -21.89
C LYS G 191 -14.36 30.98 -22.44
N TYR G 192 -13.29 30.25 -22.74
CA TYR G 192 -13.43 28.86 -23.18
C TYR G 192 -12.51 27.92 -22.42
N VAL G 193 -13.01 26.70 -22.16
CA VAL G 193 -12.27 25.61 -21.54
C VAL G 193 -12.19 24.48 -22.55
N VAL G 194 -11.06 23.80 -22.60
CA VAL G 194 -10.86 22.66 -23.47
C VAL G 194 -10.50 21.43 -22.64
N ASP G 195 -11.28 20.35 -22.81
CA ASP G 195 -10.92 19.06 -22.28
C ASP G 195 -10.03 18.36 -23.29
N ALA G 196 -8.72 18.38 -23.02
CA ALA G 196 -7.75 17.62 -23.80
C ALA G 196 -7.08 16.58 -22.89
N THR G 197 -7.88 15.92 -22.05
CA THR G 197 -7.35 15.08 -20.98
C THR G 197 -7.14 13.64 -21.34
N GLY G 198 -7.34 13.27 -22.59
CA GLY G 198 -7.08 11.92 -23.06
C GLY G 198 -8.26 10.98 -22.88
N HIS G 199 -7.96 9.69 -22.82
CA HIS G 199 -8.96 8.62 -22.71
C HIS G 199 -10.08 8.84 -21.70
N ASP G 200 -9.77 9.45 -20.57
CA ASP G 200 -10.76 9.59 -19.50
C ASP G 200 -11.79 10.71 -19.71
N ALA G 201 -11.47 11.69 -20.58
CA ALA G 201 -12.30 12.88 -20.74
C ALA G 201 -12.75 13.37 -19.39
N SER G 202 -11.80 13.73 -18.53
CA SER G 202 -12.12 13.86 -17.11
C SER G 202 -12.88 15.13 -16.79
N VAL G 203 -12.72 16.15 -17.60
CA VAL G 203 -13.47 17.41 -17.39
C VAL G 203 -14.94 17.27 -17.82
N VAL G 204 -15.17 16.75 -19.02
CA VAL G 204 -16.54 16.52 -19.48
C VAL G 204 -17.23 15.50 -18.57
N THR G 205 -16.49 14.45 -18.18
CA THR G 205 -17.01 13.43 -17.27
C THR G 205 -17.46 14.05 -15.96
N THR G 206 -16.64 14.92 -15.38
CA THR G 206 -17.00 15.58 -14.13
C THR G 206 -18.22 16.51 -14.29
N LEU G 207 -18.26 17.30 -15.37
CA LEU G 207 -19.43 18.14 -15.65
C LEU G 207 -20.68 17.27 -15.68
N SER G 208 -20.65 16.20 -16.45
CA SER G 208 -21.83 15.36 -16.63
C SER G 208 -22.24 14.64 -15.35
N ARG G 209 -21.26 14.23 -14.53
CA ARG G 209 -21.55 13.49 -13.30
C ARG G 209 -22.15 14.37 -12.22
N LYS G 210 -21.59 15.57 -12.04
CA LYS G 210 -22.05 16.45 -10.97
C LYS G 210 -23.29 17.29 -11.34
N ASN G 211 -23.58 17.41 -12.63
CA ASN G 211 -24.73 18.20 -13.11
C ASN G 211 -25.53 17.31 -14.07
N PRO G 212 -26.15 16.26 -13.53
CA PRO G 212 -26.87 15.30 -14.36
C PRO G 212 -28.01 15.91 -15.18
N GLU G 213 -28.66 16.96 -14.67
CA GLU G 213 -29.76 17.62 -15.38
C GLU G 213 -29.35 18.24 -16.73
N LEU G 214 -28.04 18.42 -16.96
CA LEU G 214 -27.56 18.84 -18.26
C LEU G 214 -27.75 17.78 -19.33
N GLY G 215 -27.95 16.54 -18.92
CA GLY G 215 -28.13 15.45 -19.88
C GLY G 215 -26.91 15.11 -20.70
N LEU G 216 -25.72 15.43 -20.21
CA LEU G 216 -24.49 15.01 -20.90
C LEU G 216 -24.17 13.57 -20.54
N GLU G 217 -23.49 12.88 -21.43
CA GLU G 217 -23.03 11.52 -21.16
C GLU G 217 -21.67 11.28 -21.80
N VAL G 218 -20.82 10.54 -21.11
CA VAL G 218 -19.54 10.16 -21.66
C VAL G 218 -19.55 8.64 -21.74
N PRO G 219 -19.87 8.10 -22.92
CA PRO G 219 -19.96 6.64 -23.05
C PRO G 219 -18.60 5.97 -23.01
N GLY G 220 -17.55 6.69 -23.40
CA GLY G 220 -16.22 6.11 -23.48
C GLY G 220 -15.97 5.57 -24.88
N GLU G 221 -14.70 5.40 -25.20
CA GLU G 221 -14.27 4.96 -26.50
C GLU G 221 -14.71 3.55 -26.84
N LYS G 222 -14.66 3.23 -28.13
CA LYS G 222 -14.82 1.86 -28.61
C LYS G 222 -13.46 1.20 -28.74
N SER G 223 -13.45 -0.08 -29.11
CA SER G 223 -12.22 -0.81 -29.29
C SER G 223 -11.43 -0.27 -30.50
N MET G 224 -10.29 -0.89 -30.80
CA MET G 224 -9.39 -0.29 -31.76
C MET G 224 -9.82 -0.55 -33.21
N TRP G 225 -9.95 0.53 -33.95
CA TRP G 225 -10.09 0.50 -35.40
C TRP G 225 -9.46 1.80 -35.90
N ALA G 226 -8.19 1.73 -36.28
CA ALA G 226 -7.37 2.94 -36.40
C ALA G 226 -7.92 3.94 -37.42
N GLU G 227 -8.28 3.43 -38.58
CA GLU G 227 -8.77 4.31 -39.64
C GLU G 227 -10.08 4.99 -39.26
N LYS G 228 -11.01 4.22 -38.72
CA LYS G 228 -12.28 4.80 -38.27
C LYS G 228 -12.09 5.72 -37.09
N GLY G 229 -11.19 5.36 -36.19
CA GLY G 229 -10.94 6.21 -35.02
C GLY G 229 -10.34 7.55 -35.41
N GLU G 230 -9.30 7.51 -36.24
CA GLU G 230 -8.64 8.74 -36.67
C GLU G 230 -9.60 9.72 -37.34
N ASN G 231 -10.47 9.20 -38.22
CA ASN G 231 -11.36 10.07 -39.00
C ASN G 231 -12.58 10.54 -38.20
N ALA G 232 -12.96 9.81 -37.16
CA ALA G 232 -14.03 10.25 -36.26
C ALA G 232 -13.63 11.48 -35.44
N LEU G 233 -12.32 11.64 -35.19
CA LEU G 233 -11.82 12.71 -34.31
C LEU G 233 -12.19 14.12 -34.74
N LEU G 234 -12.17 14.35 -36.05
CA LEU G 234 -12.43 15.68 -36.57
C LEU G 234 -13.89 16.06 -36.37
N ARG G 235 -14.77 15.10 -36.60
CA ARG G 235 -16.19 15.29 -36.36
C ARG G 235 -16.45 15.46 -34.86
N ASN G 236 -15.71 14.70 -34.05
CA ASN G 236 -15.91 14.68 -32.60
C ASN G 236 -15.26 15.82 -31.84
N THR G 237 -14.41 16.58 -32.52
CA THR G 237 -13.78 17.75 -31.92
C THR G 237 -14.75 18.92 -32.01
N ARG G 238 -15.38 19.28 -30.89
CA ARG G 238 -16.39 20.32 -30.90
C ARG G 238 -16.78 20.82 -29.51
N GLU G 239 -17.69 21.78 -29.48
CA GLU G 239 -18.20 22.34 -28.24
C GLU G 239 -19.26 21.42 -27.68
N VAL G 240 -18.96 20.76 -26.57
CA VAL G 240 -19.87 19.77 -25.97
C VAL G 240 -20.98 20.43 -25.19
N TYR G 241 -20.69 21.61 -24.67
CA TYR G 241 -21.63 22.36 -23.87
C TYR G 241 -21.09 23.77 -23.97
N PRO G 242 -21.95 24.80 -23.86
CA PRO G 242 -21.40 26.11 -24.15
C PRO G 242 -20.24 26.47 -23.23
N GLY G 243 -19.11 26.84 -23.83
CA GLY G 243 -17.91 27.22 -23.11
C GLY G 243 -16.90 26.08 -22.99
N LEU G 244 -17.30 24.86 -23.34
CA LEU G 244 -16.46 23.68 -23.16
C LEU G 244 -16.27 22.89 -24.44
N PHE G 245 -15.04 22.89 -24.95
CA PHE G 245 -14.67 22.09 -26.11
C PHE G 245 -13.97 20.81 -25.67
N VAL G 246 -13.86 19.87 -26.61
CA VAL G 246 -13.14 18.64 -26.38
C VAL G 246 -12.30 18.35 -27.59
N CYS G 247 -11.09 17.84 -27.37
CA CYS G 247 -10.20 17.45 -28.46
C CYS G 247 -9.31 16.29 -28.02
N GLY G 248 -8.56 15.72 -28.96
CA GLY G 248 -7.75 14.55 -28.69
C GLY G 248 -8.61 13.35 -28.41
N MET G 249 -8.04 12.36 -27.73
CA MET G 249 -8.77 11.14 -27.41
C MET G 249 -10.02 11.40 -26.59
N ALA G 250 -10.01 12.46 -25.79
CA ALA G 250 -11.20 12.81 -25.04
C ALA G 250 -12.43 12.95 -25.96
N ALA G 251 -12.22 13.44 -27.18
CA ALA G 251 -13.30 13.62 -28.16
C ALA G 251 -13.95 12.31 -28.53
N ASN G 252 -13.14 11.27 -28.75
CA ASN G 252 -13.68 9.94 -29.02
C ASN G 252 -14.26 9.23 -27.81
N ALA G 253 -13.90 9.68 -26.61
CA ALA G 253 -14.50 9.12 -25.40
C ALA G 253 -15.88 9.68 -25.24
N VAL G 254 -16.00 10.99 -25.48
CA VAL G 254 -17.27 11.68 -25.35
C VAL G 254 -18.27 11.23 -26.43
N TYR G 255 -17.79 10.96 -27.65
CA TYR G 255 -18.70 10.59 -28.75
C TYR G 255 -18.53 9.16 -29.24
N ALA G 256 -17.97 8.30 -28.38
CA ALA G 256 -17.83 6.88 -28.67
C ALA G 256 -17.18 6.57 -30.02
N GLY G 257 -16.09 7.27 -30.34
CA GLY G 257 -15.24 6.87 -31.45
C GLY G 257 -14.28 5.73 -31.10
N HIS G 258 -13.67 5.14 -32.11
CA HIS G 258 -12.69 4.07 -31.89
C HIS G 258 -11.33 4.66 -31.46
N ARG G 259 -10.58 3.86 -30.73
CA ARG G 259 -9.19 4.20 -30.42
C ARG G 259 -8.35 3.78 -31.64
N MET G 260 -7.12 4.30 -31.72
CA MET G 260 -6.31 4.10 -32.92
C MET G 260 -4.88 3.60 -32.70
N GLY G 261 -4.49 3.42 -31.44
CA GLY G 261 -3.10 3.00 -31.14
C GLY G 261 -2.13 4.16 -31.21
N ALA G 262 -0.84 3.83 -31.32
CA ALA G 262 0.23 4.82 -31.16
C ALA G 262 0.50 5.60 -32.44
N ILE G 263 -0.59 6.07 -33.07
CA ILE G 263 -0.52 6.96 -34.23
C ILE G 263 -1.21 8.24 -33.83
N PHE G 264 -0.56 9.38 -34.08
CA PHE G 264 -0.95 10.64 -33.44
C PHE G 264 -1.42 11.76 -34.35
N GLY G 265 -1.48 11.50 -35.66
CA GLY G 265 -1.91 12.54 -36.60
C GLY G 265 -3.26 13.11 -36.24
N GLY G 266 -4.19 12.23 -35.91
CA GLY G 266 -5.51 12.64 -35.44
C GLY G 266 -5.45 13.54 -34.23
N MET G 267 -4.58 13.23 -33.28
CA MET G 267 -4.43 14.08 -32.08
C MET G 267 -4.00 15.48 -32.46
N TYR G 268 -3.04 15.59 -33.36
CA TYR G 268 -2.51 16.91 -33.74
C TYR G 268 -3.56 17.72 -34.53
N ILE G 269 -4.16 17.08 -35.53
CA ILE G 269 -5.21 17.73 -36.32
C ILE G 269 -6.40 18.14 -35.44
N SER G 270 -6.81 17.24 -34.54
CA SER G 270 -7.89 17.55 -33.61
C SER G 270 -7.59 18.78 -32.78
N GLY G 271 -6.36 18.87 -32.28
CA GLY G 271 -5.94 20.02 -31.48
C GLY G 271 -5.89 21.29 -32.30
N LYS G 272 -5.40 21.18 -33.53
CA LYS G 272 -5.38 22.32 -34.44
C LYS G 272 -6.78 22.81 -34.77
N LYS G 273 -7.66 21.87 -35.08
CA LYS G 273 -9.05 22.21 -35.40
C LYS G 273 -9.73 22.87 -34.22
N CYS G 274 -9.54 22.29 -33.03
CA CYS G 274 -10.10 22.86 -31.82
C CYS G 274 -9.67 24.32 -31.66
N ALA G 275 -8.39 24.59 -31.94
CA ALA G 275 -7.85 25.95 -31.88
C ALA G 275 -8.56 26.89 -32.87
N GLU G 276 -8.71 26.45 -34.10
CA GLU G 276 -9.37 27.26 -35.14
C GLU G 276 -10.81 27.58 -34.78
N MET G 277 -11.55 26.59 -34.32
CA MET G 277 -12.94 26.81 -33.88
C MET G 277 -13.01 27.86 -32.78
N ILE G 278 -12.14 27.76 -31.79
CA ILE G 278 -12.16 28.69 -30.66
C ILE G 278 -11.67 30.08 -31.07
N VAL G 279 -10.66 30.15 -31.93
CA VAL G 279 -10.18 31.44 -32.43
C VAL G 279 -11.33 32.17 -33.15
N GLU G 280 -12.05 31.45 -34.01
CA GLU G 280 -13.21 32.02 -34.69
C GLU G 280 -14.21 32.63 -33.69
N LYS G 281 -14.55 31.88 -32.65
CA LYS G 281 -15.52 32.36 -31.66
C LYS G 281 -15.00 33.57 -30.90
N LEU G 282 -13.70 33.62 -30.63
CA LEU G 282 -13.11 34.75 -29.93
C LEU G 282 -13.15 36.01 -30.79
N LYS G 283 -12.89 35.85 -32.10
CA LYS G 283 -12.95 36.97 -33.05
C LYS G 283 -14.35 37.54 -33.20
N ASN G 284 -15.33 36.66 -33.40
CA ASN G 284 -16.74 37.06 -33.47
C ASN G 284 -17.20 37.89 -32.28
N ASN G 285 -16.43 37.86 -31.19
CA ASN G 285 -16.64 38.74 -30.05
C ASN G 285 -15.44 39.67 -29.89
N ARG H 27 -28.84 38.14 1.31
CA ARG H 27 -28.31 38.06 -0.10
C ARG H 27 -26.79 38.17 -0.14
N LEU H 28 -26.11 37.02 0.00
CA LEU H 28 -24.64 36.97 0.05
C LEU H 28 -24.02 37.22 -1.32
N ARG H 29 -22.89 37.92 -1.31
CA ARG H 29 -22.19 38.30 -2.52
C ARG H 29 -20.86 37.56 -2.57
N ALA H 30 -20.60 36.87 -3.68
CA ALA H 30 -19.43 36.00 -3.79
C ALA H 30 -19.03 35.84 -5.25
N ASP H 31 -17.74 35.89 -5.51
CA ASP H 31 -17.22 35.73 -6.86
C ASP H 31 -15.95 34.85 -6.83
N GLU H 32 -15.78 34.01 -7.85
CA GLU H 32 -14.69 33.04 -7.86
C GLU H 32 -13.33 33.73 -8.04
N TYR H 33 -13.27 34.63 -9.01
CA TYR H 33 -12.06 35.39 -9.29
C TYR H 33 -11.64 36.24 -8.10
N ALA H 34 -12.60 36.87 -7.43
CA ALA H 34 -12.28 37.76 -6.31
C ALA H 34 -11.79 36.97 -5.10
N THR H 35 -12.40 35.81 -4.87
CA THR H 35 -11.97 34.89 -3.80
C THR H 35 -10.54 34.43 -4.06
N THR H 36 -10.29 33.94 -5.26
CA THR H 36 -8.99 33.45 -5.65
C THR H 36 -7.94 34.56 -5.55
N ARG H 37 -8.25 35.72 -6.11
CA ARG H 37 -7.33 36.86 -6.11
C ARG H 37 -6.98 37.26 -4.69
N ALA H 38 -7.99 37.33 -3.83
CA ALA H 38 -7.80 37.73 -2.44
C ALA H 38 -6.85 36.77 -1.68
N ILE H 39 -7.02 35.48 -1.92
CA ILE H 39 -6.21 34.47 -1.24
C ILE H 39 -4.77 34.59 -1.74
N LEU H 40 -4.59 34.75 -3.05
CA LEU H 40 -3.26 34.91 -3.61
C LEU H 40 -2.54 36.14 -3.08
N LYS H 41 -3.24 37.27 -2.95
CA LYS H 41 -2.61 38.51 -2.49
C LYS H 41 -2.19 38.44 -1.02
N SER H 42 -3.07 37.91 -0.16
CA SER H 42 -2.71 37.75 1.24
C SER H 42 -1.54 36.77 1.41
N ALA H 43 -1.56 35.67 0.65
CA ALA H 43 -0.54 34.63 0.79
C ALA H 43 0.82 35.12 0.33
N PHE H 44 0.84 35.82 -0.80
CA PHE H 44 2.11 36.28 -1.31
CA PHE H 44 2.03 36.44 -1.41
C PHE H 44 2.69 37.43 -0.48
N ASP H 45 1.85 38.29 0.10
CA ASP H 45 2.33 39.31 1.05
C ASP H 45 2.92 38.63 2.28
N MET H 46 2.19 37.64 2.80
CA MET H 46 2.64 36.86 3.95
C MET H 46 4.01 36.24 3.68
N TRP H 47 4.14 35.54 2.56
CA TRP H 47 5.39 34.84 2.22
C TRP H 47 6.59 35.76 2.08
N LEU H 48 6.41 36.89 1.41
CA LEU H 48 7.52 37.84 1.20
C LEU H 48 8.02 38.42 2.51
N ASP H 49 7.12 38.52 3.48
CA ASP H 49 7.45 39.00 4.81
C ASP H 49 8.11 37.91 5.67
N ILE H 50 7.62 36.68 5.56
CA ILE H 50 7.98 35.64 6.53
C ILE H 50 9.32 34.95 6.23
N ILE H 51 9.92 35.21 5.08
CA ILE H 51 11.15 34.51 4.71
C ILE H 51 12.41 35.04 5.40
N ASP H 52 12.25 36.04 6.28
CA ASP H 52 13.31 36.46 7.17
C ASP H 52 12.70 36.80 8.52
N VAL H 53 13.20 36.15 9.57
CA VAL H 53 12.59 36.23 10.90
C VAL H 53 13.69 36.33 11.96
N ASP H 54 13.30 36.62 13.18
CA ASP H 54 14.20 36.52 14.32
C ASP H 54 14.34 35.05 14.70
N VAL H 55 13.21 34.38 14.91
CA VAL H 55 13.19 32.98 15.34
C VAL H 55 12.26 32.11 14.49
N ALA H 56 12.80 30.98 14.01
CA ALA H 56 12.00 29.94 13.35
C ALA H 56 11.92 28.74 14.27
N ILE H 57 10.72 28.49 14.78
CA ILE H 57 10.46 27.34 15.63
C ILE H 57 9.90 26.21 14.77
N VAL H 58 10.51 25.02 14.88
CA VAL H 58 10.07 23.87 14.11
C VAL H 58 9.27 22.95 15.00
N GLY H 59 7.98 22.83 14.72
CA GLY H 59 7.08 21.99 15.49
C GLY H 59 6.06 22.84 16.22
N GLY H 60 4.79 22.57 15.94
CA GLY H 60 3.67 23.28 16.55
C GLY H 60 2.99 22.46 17.61
N GLY H 61 3.79 21.70 18.36
CA GLY H 61 3.29 21.01 19.55
C GLY H 61 3.30 21.92 20.76
N PRO H 62 3.06 21.35 21.95
CA PRO H 62 2.98 22.16 23.18
C PRO H 62 4.25 22.95 23.50
N SER H 63 5.41 22.35 23.30
CA SER H 63 6.66 23.05 23.62
C SER H 63 6.89 24.20 22.62
N GLY H 64 6.73 23.90 21.33
CA GLY H 64 6.90 24.90 20.29
C GLY H 64 5.93 26.08 20.36
N LEU H 65 4.66 25.81 20.68
CA LEU H 65 3.65 26.86 20.76
C LEU H 65 3.85 27.75 22.01
N THR H 66 4.30 27.14 23.09
CA THR H 66 4.64 27.89 24.29
C THR H 66 5.85 28.79 24.02
N ALA H 67 6.93 28.22 23.47
CA ALA H 67 8.09 28.99 23.08
C ALA H 67 7.72 30.18 22.18
N ALA H 68 6.85 29.94 21.21
CA ALA H 68 6.46 30.97 20.26
C ALA H 68 5.77 32.15 20.95
N ARG H 69 4.87 31.84 21.88
CA ARG H 69 4.14 32.87 22.60
C ARG H 69 5.11 33.77 23.38
N TYR H 70 5.96 33.15 24.19
CA TYR H 70 6.85 33.91 25.08
C TYR H 70 7.90 34.71 24.34
N ILE H 71 8.31 34.28 23.15
CA ILE H 71 9.21 35.11 22.35
C ILE H 71 8.49 36.25 21.63
N ALA H 72 7.34 35.94 21.04
CA ALA H 72 6.57 36.94 20.26
C ALA H 72 6.05 38.05 21.17
N LYS H 73 5.62 37.64 22.35
CA LYS H 73 5.21 38.52 23.45
C LYS H 73 6.19 39.67 23.75
N GLU H 74 7.49 39.41 23.52
CA GLU H 74 8.52 40.44 23.69
C GLU H 74 8.77 41.25 22.42
N GLY H 75 7.92 41.12 21.42
CA GLY H 75 7.99 41.96 20.22
C GLY H 75 8.88 41.48 19.09
N TYR H 76 9.42 40.27 19.22
CA TYR H 76 10.27 39.72 18.16
C TYR H 76 9.44 39.00 17.09
N LYS H 77 10.02 38.86 15.90
CA LYS H 77 9.35 38.24 14.76
C LYS H 77 9.57 36.72 14.72
N VAL H 78 8.49 35.99 15.01
CA VAL H 78 8.53 34.54 15.19
C VAL H 78 7.63 33.82 14.17
N VAL H 79 8.16 32.75 13.57
CA VAL H 79 7.35 31.81 12.79
C VAL H 79 7.49 30.40 13.35
N VAL H 80 6.36 29.71 13.46
CA VAL H 80 6.30 28.29 13.81
C VAL H 80 5.99 27.51 12.52
N LEU H 81 6.80 26.48 12.25
CA LEU H 81 6.63 25.63 11.07
C LEU H 81 6.22 24.25 11.53
N GLU H 82 5.04 23.80 11.09
CA GLU H 82 4.48 22.53 11.52
C GLU H 82 4.14 21.69 10.31
N ARG H 83 4.59 20.43 10.32
CA ARG H 83 4.35 19.49 9.22
C ARG H 83 2.86 19.31 8.92
N HIS H 84 2.09 18.95 9.93
CA HIS H 84 0.70 18.61 9.73
C HIS H 84 -0.12 19.86 9.48
N LEU H 85 -1.29 19.68 8.86
CA LEU H 85 -2.16 20.81 8.52
C LEU H 85 -2.71 21.47 9.76
N ALA H 86 -2.98 20.67 10.78
CA ALA H 86 -3.33 21.20 12.10
C ALA H 86 -2.11 21.28 13.00
N PHE H 87 -2.10 22.30 13.85
CA PHE H 87 -1.13 22.39 14.96
C PHE H 87 -1.49 21.39 16.05
N GLY H 88 -0.74 21.38 17.15
CA GLY H 88 -1.09 20.60 18.34
C GLY H 88 -0.15 19.44 18.63
N GLY H 89 0.55 18.96 17.61
CA GLY H 89 1.47 17.85 17.77
C GLY H 89 0.79 16.61 18.35
N GLY H 90 1.47 15.94 19.29
CA GLY H 90 0.96 14.69 19.85
C GLY H 90 0.12 14.86 21.09
N THR H 91 -0.69 15.90 21.15
CA THR H 91 -1.51 16.21 22.33
C THR H 91 -2.99 15.76 22.19
N TRP H 92 -3.53 15.82 20.98
CA TRP H 92 -4.98 15.66 20.73
C TRP H 92 -5.59 14.40 21.34
N GLY H 93 -4.87 13.29 21.26
CA GLY H 93 -5.37 12.01 21.74
C GLY H 93 -5.19 11.73 23.22
N GLY H 94 -4.65 12.68 23.97
CA GLY H 94 -4.47 12.50 25.43
C GLY H 94 -3.60 11.31 25.77
N GLY H 95 -4.12 10.41 26.58
CA GLY H 95 -3.42 9.19 26.96
C GLY H 95 -4.14 7.99 26.40
N MET H 96 -3.51 7.35 25.40
CA MET H 96 -4.07 6.17 24.74
C MET H 96 -5.49 6.42 24.20
N GLY H 97 -5.76 7.64 23.73
CA GLY H 97 -7.07 7.98 23.18
C GLY H 97 -8.01 8.62 24.18
N PHE H 98 -7.80 8.39 25.48
CA PHE H 98 -8.60 9.03 26.53
C PHE H 98 -8.27 10.51 26.53
N PRO H 99 -9.25 11.37 26.21
CA PRO H 99 -8.91 12.72 25.78
C PRO H 99 -8.66 13.74 26.90
N TYR H 100 -7.73 13.38 27.79
CA TYR H 100 -7.25 14.29 28.82
C TYR H 100 -5.74 14.19 28.94
N ILE H 101 -5.11 15.32 29.23
CA ILE H 101 -3.70 15.36 29.57
C ILE H 101 -3.51 15.93 30.97
N VAL H 102 -2.31 15.74 31.50
CA VAL H 102 -2.02 16.09 32.88
C VAL H 102 -0.96 17.17 32.90
N VAL H 103 -1.06 18.05 33.91
CA VAL H 103 -0.04 19.07 34.14
C VAL H 103 0.17 19.24 35.66
N GLU H 104 1.43 19.43 36.06
CA GLU H 104 1.82 19.56 37.46
C GLU H 104 2.31 20.98 37.74
N GLU H 105 2.14 21.48 38.96
CA GLU H 105 2.62 22.83 39.28
C GLU H 105 4.14 22.91 39.16
N PRO H 106 4.67 24.10 38.89
CA PRO H 106 3.93 25.35 38.64
C PRO H 106 3.50 25.52 37.18
N ALA H 107 3.65 24.47 36.37
CA ALA H 107 3.40 24.55 34.93
C ALA H 107 1.94 24.83 34.59
N ASP H 108 1.03 24.43 35.48
CA ASP H 108 -0.39 24.72 35.32
C ASP H 108 -0.66 26.22 35.05
N GLU H 109 0.17 27.07 35.66
CA GLU H 109 0.07 28.51 35.49
C GLU H 109 0.24 28.93 34.01
N ILE H 110 1.08 28.21 33.27
CA ILE H 110 1.28 28.51 31.84
C ILE H 110 -0.01 28.24 31.04
N LEU H 111 -0.73 27.19 31.38
CA LEU H 111 -2.02 26.90 30.73
C LEU H 111 -3.11 27.89 31.15
N ARG H 112 -3.10 28.29 32.42
CA ARG H 112 -4.05 29.31 32.91
C ARG H 112 -3.90 30.62 32.17
N GLU H 113 -2.66 30.98 31.82
CA GLU H 113 -2.42 32.21 31.08
C GLU H 113 -3.11 32.24 29.74
N VAL H 114 -3.36 31.07 29.13
CA VAL H 114 -4.03 31.01 27.82
C VAL H 114 -5.49 30.56 27.90
N GLY H 115 -6.02 30.46 29.12
CA GLY H 115 -7.46 30.28 29.32
C GLY H 115 -7.94 28.86 29.49
N VAL H 116 -7.03 27.91 29.66
CA VAL H 116 -7.42 26.51 29.75
C VAL H 116 -8.08 26.22 31.09
N LYS H 117 -9.22 25.54 31.07
CA LYS H 117 -9.88 25.08 32.29
C LYS H 117 -9.10 23.89 32.83
N LEU H 118 -8.82 23.92 34.13
CA LEU H 118 -8.07 22.83 34.78
C LEU H 118 -8.88 22.27 35.92
N GLU H 119 -8.83 20.97 36.10
CA GLU H 119 -9.53 20.33 37.20
C GLU H 119 -8.54 19.55 38.04
N LYS H 120 -8.70 19.67 39.36
CA LYS H 120 -7.79 19.02 40.30
C LYS H 120 -7.94 17.52 40.19
N VAL H 121 -6.83 16.82 40.36
CA VAL H 121 -6.84 15.37 40.41
C VAL H 121 -7.11 14.96 41.86
N GLU H 122 -7.99 13.98 42.04
CA GLU H 122 -8.39 13.49 43.35
C GLU H 122 -7.20 12.85 44.08
N GLY H 123 -6.98 13.27 45.33
CA GLY H 123 -5.91 12.72 46.15
C GLY H 123 -4.50 13.12 45.73
N GLU H 124 -4.37 14.21 44.97
CA GLU H 124 -3.08 14.66 44.46
C GLU H 124 -3.01 16.17 44.46
N ASP H 125 -2.06 16.72 45.20
CA ASP H 125 -1.90 18.17 45.27
C ASP H 125 -1.04 18.66 44.12
N GLY H 126 -1.39 19.81 43.57
CA GLY H 126 -0.63 20.38 42.46
C GLY H 126 -0.62 19.55 41.18
N LEU H 127 -1.67 18.75 40.96
CA LEU H 127 -1.82 17.96 39.75
C LEU H 127 -3.21 18.20 39.15
N TYR H 128 -3.24 18.52 37.85
CA TYR H 128 -4.48 18.88 37.17
C TYR H 128 -4.66 18.12 35.84
N THR H 129 -5.91 17.90 35.45
CA THR H 129 -6.23 17.41 34.11
C THR H 129 -6.84 18.52 33.28
N ALA H 130 -6.69 18.40 31.95
CA ALA H 130 -7.29 19.32 30.99
C ALA H 130 -7.74 18.56 29.72
N ASP H 131 -8.84 19.01 29.15
CA ASP H 131 -9.40 18.51 27.89
C ASP H 131 -8.31 18.57 26.80
N SER H 132 -7.95 17.42 26.25
CA SER H 132 -6.85 17.33 25.27
C SER H 132 -7.13 18.03 23.93
N VAL H 133 -8.39 18.41 23.69
CA VAL H 133 -8.74 19.17 22.49
C VAL H 133 -8.69 20.68 22.77
N GLU H 134 -9.11 21.07 23.97
CA GLU H 134 -9.04 22.47 24.41
C GLU H 134 -7.62 23.03 24.44
N VAL H 135 -6.69 22.23 24.94
CA VAL H 135 -5.31 22.71 25.17
C VAL H 135 -4.62 23.19 23.89
N PRO H 136 -4.58 22.36 22.83
CA PRO H 136 -3.91 22.80 21.61
C PRO H 136 -4.51 24.07 21.02
N ALA H 137 -5.84 24.14 21.04
CA ALA H 137 -6.56 25.30 20.52
C ALA H 137 -6.10 26.58 21.22
N LYS H 138 -6.08 26.53 22.54
CA LYS H 138 -5.74 27.70 23.36
C LYS H 138 -4.25 28.01 23.31
N LEU H 139 -3.41 26.99 23.25
CA LEU H 139 -1.97 27.22 23.06
C LEU H 139 -1.71 27.96 21.76
N ALA H 140 -2.41 27.56 20.70
CA ALA H 140 -2.24 28.17 19.39
C ALA H 140 -2.72 29.61 19.39
N VAL H 141 -3.89 29.85 20.00
CA VAL H 141 -4.42 31.22 20.08
C VAL H 141 -3.43 32.12 20.84
N GLY H 142 -2.93 31.63 21.98
CA GLY H 142 -1.92 32.34 22.75
C GLY H 142 -0.74 32.76 21.89
N ALA H 143 -0.21 31.83 21.10
CA ALA H 143 0.93 32.13 20.24
C ALA H 143 0.59 33.18 19.19
N ILE H 144 -0.55 33.02 18.51
CA ILE H 144 -0.95 33.90 17.41
C ILE H 144 -1.26 35.31 17.93
N ASP H 145 -2.02 35.38 19.01
CA ASP H 145 -2.37 36.68 19.62
C ASP H 145 -1.16 37.40 20.22
N ALA H 146 -0.12 36.67 20.58
CA ALA H 146 1.15 37.28 20.99
C ALA H 146 1.94 37.78 19.79
N GLY H 147 1.51 37.42 18.58
CA GLY H 147 2.17 37.91 17.36
C GLY H 147 2.95 36.87 16.57
N ALA H 148 3.03 35.64 17.07
CA ALA H 148 3.71 34.57 16.33
C ALA H 148 2.88 34.13 15.13
N LYS H 149 3.54 33.95 14.00
CA LYS H 149 2.92 33.37 12.82
C LYS H 149 3.06 31.85 12.86
N VAL H 150 1.95 31.13 12.73
CA VAL H 150 1.97 29.68 12.67
C VAL H 150 1.66 29.19 11.25
N LEU H 151 2.64 28.57 10.59
CA LEU H 151 2.43 27.99 9.27
C LEU H 151 2.37 26.45 9.38
N THR H 152 1.27 25.89 8.88
CA THR H 152 1.07 24.44 8.90
C THR H 152 1.23 23.88 7.50
N GLY H 153 1.33 22.56 7.39
CA GLY H 153 1.62 21.93 6.11
C GLY H 153 3.01 22.25 5.58
N ILE H 154 3.94 22.55 6.49
CA ILE H 154 5.32 22.92 6.12
C ILE H 154 6.32 22.03 6.87
N VAL H 155 7.23 21.42 6.12
CA VAL H 155 8.21 20.52 6.69
C VAL H 155 9.57 21.18 6.60
N VAL H 156 10.27 21.24 7.71
CA VAL H 156 11.69 21.62 7.69
C VAL H 156 12.52 20.40 7.36
N GLU H 157 13.12 20.39 6.19
CA GLU H 157 13.89 19.22 5.78
C GLU H 157 15.39 19.39 6.00
N ASP H 158 15.86 20.61 6.28
CA ASP H 158 17.30 20.83 6.44
C ASP H 158 17.57 22.18 7.09
N LEU H 159 18.84 22.51 7.25
CA LEU H 159 19.24 23.80 7.82
C LEU H 159 20.04 24.60 6.81
N VAL H 160 19.97 25.92 6.97
CA VAL H 160 20.85 26.85 6.28
C VAL H 160 22.02 27.09 7.24
N LEU H 161 23.24 26.97 6.72
CA LEU H 161 24.44 27.13 7.54
C LEU H 161 25.26 28.35 7.16
N ARG H 162 25.94 28.89 8.18
CA ARG H 162 27.03 29.86 7.97
C ARG H 162 28.20 29.41 8.83
N GLU H 163 29.31 30.16 8.77
CA GLU H 163 30.50 29.86 9.56
C GLU H 163 30.14 29.53 11.00
N ASN H 164 30.35 28.27 11.37
CA ASN H 164 30.09 27.82 12.74
C ASN H 164 28.71 28.07 13.31
N ARG H 165 27.69 28.14 12.47
CA ARG H 165 26.33 28.26 13.01
C ARG H 165 25.20 27.95 12.03
N VAL H 166 24.02 27.74 12.60
CA VAL H 166 22.77 27.57 11.87
C VAL H 166 22.17 28.95 11.69
N ALA H 167 21.84 29.30 10.45
CA ALA H 167 21.35 30.64 10.10
C ALA H 167 19.96 30.65 9.45
N GLY H 168 19.24 29.52 9.53
CA GLY H 168 17.92 29.42 8.93
C GLY H 168 17.45 28.00 8.70
N VAL H 169 16.29 27.87 8.05
CA VAL H 169 15.68 26.57 7.79
C VAL H 169 15.35 26.39 6.32
N VAL H 170 15.42 25.13 5.88
CA VAL H 170 15.11 24.71 4.53
C VAL H 170 13.73 24.06 4.59
N ILE H 171 12.77 24.65 3.87
CA ILE H 171 11.37 24.22 4.01
C ILE H 171 10.81 23.67 2.70
N ASN H 172 9.93 22.68 2.87
CA ASN H 172 9.10 22.18 1.79
C ASN H 172 7.67 22.00 2.30
N SER H 173 6.73 21.69 1.42
CA SER H 173 5.35 21.47 1.86
C SER H 173 5.15 20.00 2.25
N TYR H 174 4.28 19.78 3.22
CA TYR H 174 3.84 18.45 3.59
C TYR H 174 3.22 17.73 2.40
N ALA H 175 2.43 18.44 1.61
CA ALA H 175 1.85 17.87 0.40
C ALA H 175 2.93 17.28 -0.51
N ILE H 176 3.96 18.07 -0.80
CA ILE H 176 5.06 17.59 -1.64
C ILE H 176 5.77 16.37 -1.00
N GLU H 177 6.01 16.43 0.30
CA GLU H 177 6.67 15.32 1.00
C GLU H 177 5.82 14.06 0.93
N LYS H 178 4.56 14.15 1.34
CA LYS H 178 3.67 13.00 1.38
C LYS H 178 3.37 12.44 -0.01
N ALA H 179 3.28 13.33 -1.00
CA ALA H 179 3.10 12.89 -2.40
C ALA H 179 4.36 12.25 -3.00
N GLY H 180 5.53 12.50 -2.40
CA GLY H 180 6.78 11.92 -2.89
C GLY H 180 7.35 12.59 -4.14
N LEU H 181 6.98 13.83 -4.39
CA LEU H 181 7.37 14.53 -5.61
C LEU H 181 8.79 15.06 -5.46
N HIS H 182 9.54 15.07 -6.55
CA HIS H 182 10.96 15.49 -6.52
C HIS H 182 11.03 17.00 -6.81
N ILE H 183 10.82 17.77 -5.76
CA ILE H 183 10.74 19.22 -5.86
C ILE H 183 11.62 19.88 -4.81
N ASP H 184 12.38 20.87 -5.23
CA ASP H 184 13.32 21.55 -4.35
C ASP H 184 12.63 22.39 -3.29
N PRO H 185 13.31 22.60 -2.15
CA PRO H 185 12.77 23.42 -1.07
C PRO H 185 13.04 24.90 -1.29
N ILE H 186 12.51 25.74 -0.41
CA ILE H 186 12.90 27.16 -0.31
C ILE H 186 13.40 27.37 1.13
N THR H 187 13.64 28.64 1.51
CA THR H 187 14.30 28.93 2.79
C THR H 187 13.64 30.04 3.57
N ILE H 188 13.78 29.96 4.89
CA ILE H 188 13.47 31.05 5.80
C ILE H 188 14.75 31.36 6.59
N THR H 189 15.22 32.61 6.50
CA THR H 189 16.40 33.05 7.24
C THR H 189 15.99 33.40 8.66
N ALA H 190 16.81 32.99 9.62
CA ALA H 190 16.53 33.24 11.03
C ALA H 190 17.81 33.48 11.82
N LYS H 191 17.71 34.28 12.88
CA LYS H 191 18.83 34.45 13.80
C LYS H 191 18.96 33.22 14.66
N TYR H 192 17.81 32.70 15.12
CA TYR H 192 17.75 31.46 15.88
C TYR H 192 16.69 30.49 15.34
N VAL H 193 17.04 29.20 15.37
CA VAL H 193 16.13 28.12 15.03
C VAL H 193 15.92 27.26 16.27
N VAL H 194 14.69 26.77 16.46
CA VAL H 194 14.37 25.92 17.59
C VAL H 194 13.84 24.58 17.08
N ASP H 195 14.46 23.49 17.50
CA ASP H 195 13.93 22.16 17.27
C ASP H 195 12.96 21.84 18.41
N ALA H 196 11.67 21.97 18.12
CA ALA H 196 10.60 21.55 19.03
C ALA H 196 9.77 20.43 18.40
N THR H 197 10.45 19.53 17.71
CA THR H 197 9.81 18.52 16.88
C THR H 197 9.45 17.22 17.59
N GLY H 198 9.60 17.18 18.92
CA GLY H 198 9.17 16.02 19.70
C GLY H 198 10.19 14.90 19.73
N HIS H 199 9.69 13.68 19.96
CA HIS H 199 10.55 12.50 20.12
C HIS H 199 11.66 12.33 19.11
N ASP H 200 11.41 12.69 17.85
CA ASP H 200 12.40 12.42 16.80
C ASP H 200 13.54 13.44 16.72
N ALA H 201 13.40 14.60 17.37
CA ALA H 201 14.39 15.66 17.27
C ALA H 201 14.90 15.76 15.85
N SER H 202 13.99 16.02 14.91
CA SER H 202 14.32 15.77 13.50
C SER H 202 15.26 16.83 12.93
N VAL H 203 15.25 18.02 13.49
CA VAL H 203 16.13 19.06 12.99
C VAL H 203 17.57 18.81 13.46
N VAL H 204 17.74 18.60 14.75
CA VAL H 204 19.07 18.29 15.28
C VAL H 204 19.58 17.02 14.64
N THR H 205 18.71 16.02 14.49
CA THR H 205 19.11 14.76 13.86
C THR H 205 19.65 14.98 12.44
N THR H 206 18.95 15.80 11.67
CA THR H 206 19.36 16.09 10.29
C THR H 206 20.71 16.83 10.25
N LEU H 207 20.85 17.84 11.09
CA LEU H 207 22.12 18.56 11.20
C LEU H 207 23.26 17.59 11.47
N SER H 208 23.07 16.72 12.45
CA SER H 208 24.14 15.81 12.86
C SER H 208 24.44 14.78 11.80
N ARG H 209 23.41 14.30 11.10
CA ARG H 209 23.58 13.27 10.06
C ARG H 209 24.32 13.81 8.84
N LYS H 210 23.92 14.99 8.37
CA LYS H 210 24.45 15.49 7.11
C LYS H 210 25.80 16.21 7.27
N ASN H 211 26.10 16.62 8.49
CA ASN H 211 27.34 17.33 8.80
C ASN H 211 28.05 16.61 9.96
N PRO H 212 28.54 15.39 9.68
CA PRO H 212 29.11 14.54 10.75
C PRO H 212 30.33 15.17 11.43
N GLU H 213 31.09 15.96 10.68
CA GLU H 213 32.27 16.63 11.23
C GLU H 213 31.97 17.62 12.36
N LEU H 214 30.71 18.00 12.54
CA LEU H 214 30.33 18.79 13.71
C LEU H 214 30.36 17.97 14.98
N GLY H 215 30.39 16.64 14.88
CA GLY H 215 30.44 15.79 16.08
C GLY H 215 29.20 15.83 16.96
N LEU H 216 28.05 16.18 16.38
CA LEU H 216 26.79 16.09 17.12
C LEU H 216 26.25 14.67 17.08
N GLU H 217 25.48 14.30 18.11
CA GLU H 217 24.87 12.99 18.16
C GLU H 217 23.51 13.11 18.82
N VAL H 218 22.55 12.35 18.31
CA VAL H 218 21.23 12.28 18.91
C VAL H 218 21.03 10.84 19.34
N PRO H 219 21.31 10.54 20.63
CA PRO H 219 21.19 9.16 21.08
C PRO H 219 19.74 8.69 21.18
N GLY H 220 18.82 9.62 21.40
CA GLY H 220 17.43 9.24 21.59
C GLY H 220 17.13 9.08 23.07
N GLU H 221 15.84 9.16 23.39
CA GLU H 221 15.36 9.10 24.75
C GLU H 221 15.61 7.76 25.42
N LYS H 222 15.54 7.77 26.75
CA LYS H 222 15.54 6.54 27.53
C LYS H 222 14.10 6.13 27.78
N SER H 223 13.92 5.00 28.44
CA SER H 223 12.59 4.52 28.77
C SER H 223 11.90 5.42 29.79
N MET H 224 10.70 5.06 30.22
CA MET H 224 9.91 6.00 31.02
C MET H 224 10.31 6.02 32.49
N TRP H 225 10.60 7.23 32.98
CA TRP H 225 10.77 7.52 34.40
C TRP H 225 10.34 8.98 34.53
N ALA H 226 9.08 9.17 34.92
CA ALA H 226 8.44 10.47 34.75
C ALA H 226 9.15 11.59 35.51
N GLU H 227 9.45 11.33 36.77
CA GLU H 227 10.07 12.36 37.60
C GLU H 227 11.43 12.75 37.07
N LYS H 228 12.26 11.76 36.76
CA LYS H 228 13.58 12.03 36.20
C LYS H 228 13.51 12.66 34.82
N GLY H 229 12.55 12.23 34.01
CA GLY H 229 12.38 12.79 32.68
C GLY H 229 11.99 14.25 32.72
N GLU H 230 10.98 14.57 33.55
CA GLU H 230 10.50 15.95 33.67
C GLU H 230 11.61 16.90 34.11
N ASN H 231 12.40 16.49 35.09
CA ASN H 231 13.42 17.38 35.65
C ASN H 231 14.68 17.50 34.79
N ALA H 232 14.92 16.49 33.94
CA ALA H 232 16.02 16.56 32.98
C ALA H 232 15.79 17.59 31.88
N LEU H 233 14.52 17.89 31.59
CA LEU H 233 14.16 18.76 30.47
C LEU H 233 14.73 20.17 30.58
N LEU H 234 14.75 20.71 31.79
CA LEU H 234 15.19 22.09 31.98
C LEU H 234 16.68 22.19 31.73
N ARG H 235 17.43 21.20 32.19
CA ARG H 235 18.87 21.13 31.93
C ARG H 235 19.12 20.89 30.44
N ASN H 236 18.28 20.07 29.83
CA ASN H 236 18.46 19.68 28.43
C ASN H 236 17.95 20.69 27.40
N THR H 237 17.23 21.70 27.87
CA THR H 237 16.76 22.78 26.99
C THR H 237 17.87 23.81 26.81
N ARG H 238 18.52 23.80 25.67
CA ARG H 238 19.67 24.67 25.44
C ARG H 238 20.10 24.76 23.99
N GLU H 239 21.13 25.56 23.75
CA GLU H 239 21.68 25.74 22.43
C GLU H 239 22.61 24.58 22.11
N VAL H 240 22.18 23.71 21.20
CA VAL H 240 22.94 22.49 20.84
C VAL H 240 24.13 22.82 19.97
N TYR H 241 24.00 23.86 19.16
CA TYR H 241 25.01 24.26 18.21
C TYR H 241 24.66 25.71 18.00
N PRO H 242 25.64 26.56 17.65
CA PRO H 242 25.28 27.97 17.61
C PRO H 242 24.16 28.25 16.62
N GLY H 243 23.11 28.91 17.10
CA GLY H 243 21.95 29.25 16.27
C GLY H 243 20.79 28.26 16.37
N LEU H 244 21.04 27.11 17.01
CA LEU H 244 20.04 26.06 17.12
C LEU H 244 19.76 25.62 18.56
N PHE H 245 18.57 25.93 19.04
CA PHE H 245 18.12 25.48 20.34
C PHE H 245 17.25 24.24 20.21
N VAL H 246 17.04 23.56 21.33
CA VAL H 246 16.14 22.42 21.39
C VAL H 246 15.29 22.52 22.65
N CYS H 247 14.01 22.17 22.53
CA CYS H 247 13.08 22.17 23.66
C CYS H 247 12.05 21.07 23.49
N GLY H 248 11.24 20.85 24.52
CA GLY H 248 10.28 19.77 24.52
C GLY H 248 10.98 18.42 24.51
N MET H 249 10.25 17.38 24.11
CA MET H 249 10.80 16.02 24.10
C MET H 249 12.05 15.90 23.26
N ALA H 250 12.18 16.74 22.24
CA ALA H 250 13.39 16.76 21.44
C ALA H 250 14.63 16.93 22.34
N ALA H 251 14.50 17.71 23.41
CA ALA H 251 15.62 17.99 24.33
C ALA H 251 16.09 16.69 25.00
N ASN H 252 15.16 15.87 25.45
CA ASN H 252 15.50 14.58 26.02
C ASN H 252 15.95 13.52 25.01
N ALA H 253 15.65 13.72 23.73
CA ALA H 253 16.14 12.83 22.69
C ALA H 253 17.60 13.16 22.42
N VAL H 254 17.89 14.45 22.38
CA VAL H 254 19.25 14.91 22.11
C VAL H 254 20.20 14.58 23.26
N TYR H 255 19.73 14.68 24.50
CA TYR H 255 20.58 14.47 25.67
C TYR H 255 20.24 13.20 26.48
N ALA H 256 19.54 12.28 25.84
CA ALA H 256 19.20 10.99 26.45
C ALA H 256 18.54 11.09 27.83
N GLY H 257 17.56 11.99 27.96
CA GLY H 257 16.69 11.98 29.13
C GLY H 257 15.60 10.93 29.01
N HIS H 258 14.90 10.68 30.12
CA HIS H 258 13.79 9.75 30.16
C HIS H 258 12.54 10.41 29.58
N ARG H 259 11.64 9.58 29.05
CA ARG H 259 10.31 10.04 28.68
C ARG H 259 9.44 10.02 29.93
N MET H 260 8.31 10.71 29.89
CA MET H 260 7.49 10.92 31.08
C MET H 260 6.00 10.57 30.95
N GLY H 261 5.56 10.13 29.78
CA GLY H 261 4.15 9.85 29.57
C GLY H 261 3.36 11.12 29.36
N ALA H 262 2.03 11.00 29.50
CA ALA H 262 1.10 12.07 29.10
C ALA H 262 0.96 13.16 30.15
N ILE H 263 2.09 13.63 30.67
CA ILE H 263 2.16 14.75 31.59
C ILE H 263 3.03 15.80 30.91
N PHE H 264 2.55 17.05 30.88
CA PHE H 264 3.07 18.06 29.95
C PHE H 264 3.73 19.29 30.57
N GLY H 265 3.78 19.35 31.91
CA GLY H 265 4.36 20.50 32.59
C GLY H 265 5.76 20.78 32.12
N GLY H 266 6.56 19.71 32.01
CA GLY H 266 7.91 19.83 31.48
C GLY H 266 7.96 20.42 30.09
N MET H 267 7.02 20.03 29.23
CA MET H 267 6.97 20.57 27.87
C MET H 267 6.76 22.08 27.90
N TYR H 268 5.84 22.53 28.75
CA TYR H 268 5.50 23.96 28.81
C TYR H 268 6.66 24.77 29.39
N ILE H 269 7.18 24.32 30.51
CA ILE H 269 8.32 24.98 31.15
C ILE H 269 9.54 25.00 30.22
N SER H 270 9.81 23.87 29.57
CA SER H 270 10.90 23.80 28.60
C SER H 270 10.75 24.85 27.50
N GLY H 271 9.54 24.96 26.95
CA GLY H 271 9.28 25.94 25.91
C GLY H 271 9.47 27.36 26.42
N LYS H 272 8.93 27.62 27.61
CA LYS H 272 9.07 28.93 28.24
C LYS H 272 10.54 29.29 28.48
N LYS H 273 11.31 28.32 29.00
CA LYS H 273 12.73 28.54 29.25
C LYS H 273 13.48 28.80 27.96
N CYS H 274 13.20 27.99 26.94
CA CYS H 274 13.80 28.19 25.63
C CYS H 274 13.57 29.63 25.15
N ALA H 275 12.35 30.11 25.32
CA ALA H 275 11.99 31.47 24.93
C ALA H 275 12.86 32.50 25.66
N GLU H 276 12.95 32.35 26.98
CA GLU H 276 13.72 33.29 27.81
C GLU H 276 15.18 33.33 27.41
N MET H 277 15.78 32.16 27.19
CA MET H 277 17.17 32.09 26.73
C MET H 277 17.37 32.84 25.43
N ILE H 278 16.47 32.63 24.48
CA ILE H 278 16.60 33.25 23.17
C ILE H 278 16.30 34.76 23.23
N VAL H 279 15.33 35.15 24.03
CA VAL H 279 15.03 36.57 24.20
C VAL H 279 16.29 37.28 24.74
N GLU H 280 16.93 36.70 25.76
CA GLU H 280 18.16 37.25 26.31
C GLU H 280 19.22 37.46 25.22
N LYS H 281 19.42 36.46 24.37
CA LYS H 281 20.44 36.54 23.32
C LYS H 281 20.09 37.60 22.27
N LEU H 282 18.80 37.76 21.99
CA LEU H 282 18.36 38.76 21.04
C LEU H 282 18.60 40.18 21.58
N LYS H 283 18.34 40.37 22.87
CA LYS H 283 18.56 41.67 23.54
C LYS H 283 20.03 42.05 23.58
N ASN H 284 20.88 41.12 23.99
CA ASN H 284 22.34 41.33 23.99
C ASN H 284 22.88 41.78 22.64
N ASN H 285 22.10 41.60 21.58
CA ASN H 285 22.41 42.15 20.27
C ASN H 285 21.36 43.17 19.86
#